data_2Y5Z
#
_entry.id   2Y5Z
#
_cell.length_a   58.305
_cell.length_b   100.882
_cell.length_c   439.370
_cell.angle_alpha   90.00
_cell.angle_beta   90.00
_cell.angle_gamma   90.00
#
_symmetry.space_group_name_H-M   'C 2 2 21'
#
loop_
_entity.id
_entity.type
_entity.pdbx_description
1 polymer 'P-450-LIKE PROTEIN'
2 non-polymer 'PROTOPORPHYRIN IX CONTAINING FE'
3 non-polymer 'MYCINAMICIN III'
4 non-polymer BENZAMIDINE
5 non-polymer GLYCEROL
6 water water
#
_entity_poly.entity_id   1
_entity_poly.type   'polypeptide(L)'
_entity_poly.pdbx_seq_one_letter_code
;MGSSHHHHHHSSGLVPRGSHMTSAEPRAYPFNDVHGLTLAGRYGELQETEPVSRVRPPYGEEAWLVTRYEDVRAVLGDGR
FVRGPSMTRDEPRTRPEMVKGGLLSMDPPEHSRLRRLVVKAFTARRAESLRPRAREIAHELVDQMAATGQPADLVAMFAR
QLPVRVICELLGVPSADHDRFTRWSGAFLSTAEVTAEEMQEAAEQAYAYMGDLIDRRRKEPTDDLVSALVQARDQQDSLS
EQELLDLAIGLLVAGYESTTTQIADFVYLLMTRPELRRQLLDRPELIPSAVEELTRWVPLGVGTAFPRYAVEDVTLRGVT
IRAGEPVLASTGAANRDQAQFPDADRIDVDRTPNQHLGFGHGVHHCLGAPLARVELQVALEVLLQRLPGIRLGIPETQLR
WSEGMLLRGPLELPVVW
;
_entity_poly.pdbx_strand_id   A,B,C
#
loop_
_chem_comp.id
_chem_comp.type
_chem_comp.name
_chem_comp.formula
BEN non-polymer BENZAMIDINE 'C7 H8 N2'
GOL non-polymer GLYCEROL 'C3 H8 O3'
HEM non-polymer 'PROTOPORPHYRIN IX CONTAINING FE' 'C34 H32 Fe N4 O4'
ZM3 non-polymer 'MYCINAMICIN III' 'C36 H59 N O11'
#
# COMPACT_ATOMS: atom_id res chain seq x y z
N GLU A 25 -16.15 19.77 -13.44
CA GLU A 25 -15.38 20.09 -14.70
C GLU A 25 -13.86 19.95 -14.50
N PRO A 26 -13.42 19.97 -13.23
CA PRO A 26 -12.09 19.39 -12.99
C PRO A 26 -12.24 17.87 -13.07
N ARG A 27 -11.15 17.11 -13.17
CA ARG A 27 -11.31 15.68 -13.12
C ARG A 27 -10.88 15.18 -11.77
N ALA A 28 -11.53 14.13 -11.25
CA ALA A 28 -11.08 13.54 -10.01
C ALA A 28 -9.69 13.04 -10.25
N TYR A 29 -8.82 13.29 -9.28
CA TYR A 29 -7.41 12.99 -9.41
C TYR A 29 -6.97 12.41 -8.07
N PRO A 30 -6.02 11.46 -8.06
CA PRO A 30 -5.16 10.92 -9.13
C PRO A 30 -5.88 10.04 -10.11
N PHE A 31 -5.27 9.92 -11.29
CA PHE A 31 -5.73 9.01 -12.31
C PHE A 31 -5.15 7.63 -12.10
N ASN A 32 -3.87 7.50 -11.72
CA ASN A 32 -3.24 6.17 -11.65
C ASN A 32 -3.95 5.25 -10.65
N ASP A 33 -4.09 3.97 -11.01
CA ASP A 33 -4.56 2.99 -10.09
C ASP A 33 -3.34 2.56 -9.26
N VAL A 34 -3.44 2.60 -7.93
CA VAL A 34 -2.33 2.18 -7.06
C VAL A 34 -1.95 0.69 -7.14
N HIS A 35 -2.83 -0.14 -7.67
CA HIS A 35 -2.55 -1.58 -7.66
C HIS A 35 -1.79 -2.03 -8.89
N GLY A 36 -0.58 -1.51 -9.05
CA GLY A 36 0.19 -1.71 -10.30
C GLY A 36 0.99 -0.46 -10.66
N LEU A 37 1.61 -0.49 -11.83
CA LEU A 37 2.49 0.56 -12.29
C LEU A 37 2.01 1.09 -13.60
N THR A 38 0.83 0.65 -14.05
CA THR A 38 0.25 1.16 -15.29
C THR A 38 0.14 2.69 -15.17
N LEU A 39 0.50 3.39 -16.26
CA LEU A 39 0.23 4.80 -16.39
C LEU A 39 -1.22 5.00 -16.83
N ALA A 40 -2.02 5.75 -16.08
CA ALA A 40 -3.44 5.92 -16.50
C ALA A 40 -3.52 6.39 -17.95
N GLY A 41 -4.46 5.85 -18.73
CA GLY A 41 -4.63 6.33 -20.11
C GLY A 41 -5.07 7.80 -20.20
N ARG A 42 -5.64 8.32 -19.11
CA ARG A 42 -6.09 9.68 -19.08
C ARG A 42 -4.95 10.71 -19.33
N TYR A 43 -3.76 10.45 -18.83
CA TYR A 43 -2.59 11.29 -19.09
C TYR A 43 -2.35 11.51 -20.58
N GLY A 44 -2.28 10.43 -21.34
CA GLY A 44 -2.05 10.59 -22.79
C GLY A 44 -3.18 11.32 -23.47
N GLU A 45 -4.41 11.03 -23.06
CA GLU A 45 -5.54 11.81 -23.56
C GLU A 45 -5.41 13.33 -23.30
N LEU A 46 -5.04 13.70 -22.09
CA LEU A 46 -4.77 15.14 -21.81
C LEU A 46 -3.57 15.69 -22.53
N GLN A 47 -2.44 14.94 -22.62
CA GLN A 47 -1.31 15.42 -23.45
C GLN A 47 -1.79 15.81 -24.82
N GLU A 48 -2.81 15.12 -25.34
CA GLU A 48 -3.33 15.44 -26.68
C GLU A 48 -4.29 16.62 -26.73
N THR A 49 -5.30 16.60 -25.87
CA THR A 49 -6.46 17.47 -26.06
C THR A 49 -6.52 18.56 -24.97
N GLU A 50 -5.79 18.39 -23.86
CA GLU A 50 -5.91 19.35 -22.72
C GLU A 50 -4.67 19.32 -21.83
N PRO A 51 -3.54 19.79 -22.39
CA PRO A 51 -2.26 19.61 -21.72
C PRO A 51 -2.12 20.49 -20.45
N VAL A 52 -3.03 21.44 -20.26
CA VAL A 52 -3.14 22.17 -18.99
C VAL A 52 -4.57 22.05 -18.50
N SER A 53 -4.81 21.22 -17.49
CA SER A 53 -6.20 20.90 -17.18
C SER A 53 -6.39 21.02 -15.70
N ARG A 54 -7.65 21.02 -15.24
CA ARG A 54 -8.05 21.16 -13.83
C ARG A 54 -8.27 19.81 -13.20
N VAL A 55 -7.80 19.65 -11.98
CA VAL A 55 -7.99 18.40 -11.27
C VAL A 55 -8.49 18.71 -9.86
N ARG A 56 -9.27 17.78 -9.31
CA ARG A 56 -9.72 17.86 -7.91
C ARG A 56 -9.10 16.67 -7.15
N PRO A 57 -8.16 16.97 -6.26
CA PRO A 57 -7.54 15.91 -5.50
C PRO A 57 -8.41 15.47 -4.29
N PRO A 58 -8.03 14.37 -3.62
CA PRO A 58 -8.81 13.92 -2.49
C PRO A 58 -8.82 14.93 -1.32
N TYR A 59 -7.69 15.58 -1.09
CA TYR A 59 -7.51 16.63 -0.08
C TYR A 59 -6.79 17.80 -0.70
N GLY A 60 -7.09 18.98 -0.20
CA GLY A 60 -6.39 20.16 -0.63
C GLY A 60 -7.09 20.83 -1.80
N GLU A 61 -6.50 21.92 -2.29
CA GLU A 61 -7.14 22.70 -3.37
C GLU A 61 -7.18 22.01 -4.76
N GLU A 62 -8.15 22.42 -5.57
CA GLU A 62 -8.12 22.09 -7.02
C GLU A 62 -6.88 22.75 -7.60
N ALA A 63 -6.32 22.17 -8.68
CA ALA A 63 -5.06 22.63 -9.23
C ALA A 63 -5.03 22.39 -10.71
N TRP A 64 -4.09 23.05 -11.39
CA TRP A 64 -3.79 22.76 -12.77
C TRP A 64 -2.91 21.54 -12.82
N LEU A 65 -3.16 20.70 -13.80
CA LEU A 65 -2.32 19.58 -14.04
C LEU A 65 -1.71 19.80 -15.43
N VAL A 66 -0.37 19.68 -15.45
CA VAL A 66 0.40 19.89 -16.65
C VAL A 66 1.06 18.57 -17.00
N THR A 67 0.95 18.14 -18.28
CA THR A 67 1.32 16.78 -18.62
C THR A 67 2.31 16.57 -19.77
N ARG A 68 2.46 17.54 -20.65
CA ARG A 68 3.49 17.37 -21.68
C ARG A 68 4.89 17.55 -21.14
N TYR A 69 5.84 16.73 -21.65
CA TYR A 69 7.25 16.86 -21.27
C TYR A 69 7.76 18.27 -21.31
N GLU A 70 7.50 18.95 -22.41
CA GLU A 70 7.99 20.29 -22.60
C GLU A 70 7.48 21.31 -21.53
N ASP A 71 6.17 21.27 -21.27
CA ASP A 71 5.56 22.08 -20.24
C ASP A 71 5.98 21.68 -18.83
N VAL A 72 6.01 20.39 -18.52
CA VAL A 72 6.43 19.98 -17.22
C VAL A 72 7.88 20.48 -16.95
N ARG A 73 8.78 20.25 -17.88
CA ARG A 73 10.15 20.72 -17.74
C ARG A 73 10.13 22.30 -17.61
N ALA A 74 9.35 22.99 -18.43
CA ALA A 74 9.28 24.41 -18.36
C ALA A 74 8.84 24.92 -17.00
N VAL A 75 7.80 24.33 -16.40
CA VAL A 75 7.32 24.76 -15.10
C VAL A 75 8.37 24.50 -14.02
N LEU A 76 9.00 23.33 -14.04
CA LEU A 76 10.00 23.02 -12.99
C LEU A 76 11.21 23.94 -13.09
N GLY A 77 11.45 24.50 -14.29
CA GLY A 77 12.66 25.31 -14.50
C GLY A 77 12.42 26.83 -14.41
N ASP A 78 11.15 27.26 -14.22
CA ASP A 78 10.77 28.60 -14.45
C ASP A 78 10.72 29.41 -13.13
N GLY A 79 11.38 30.58 -13.13
CA GLY A 79 11.42 31.44 -11.92
C GLY A 79 10.05 31.82 -11.30
N ARG A 80 9.02 31.84 -12.13
CA ARG A 80 7.72 32.29 -11.65
C ARG A 80 6.92 31.20 -10.90
N PHE A 81 7.52 30.03 -10.67
CA PHE A 81 6.77 28.94 -10.10
C PHE A 81 7.52 28.46 -8.89
N VAL A 82 6.90 28.66 -7.73
CA VAL A 82 7.66 28.66 -6.48
C VAL A 82 7.05 27.60 -5.54
N ARG A 83 7.78 27.26 -4.48
CA ARG A 83 7.31 26.24 -3.51
C ARG A 83 7.03 26.83 -2.11
N GLY A 84 7.55 28.02 -1.82
CA GLY A 84 7.42 28.66 -0.49
C GLY A 84 5.95 28.69 -0.02
N PRO A 85 5.01 29.07 -0.90
CA PRO A 85 3.60 29.10 -0.45
C PRO A 85 3.14 27.72 0.10
N SER A 86 3.86 26.64 -0.23
CA SER A 86 3.49 25.33 0.29
C SER A 86 3.22 25.38 1.80
N MET A 87 3.98 26.24 2.48
CA MET A 87 3.93 26.31 3.96
C MET A 87 2.67 26.91 4.52
N THR A 88 1.96 27.72 3.72
CA THR A 88 0.75 28.39 4.12
C THR A 88 -0.50 28.09 3.22
N ARG A 89 -0.44 26.97 2.49
CA ARG A 89 -1.48 26.60 1.54
C ARG A 89 -1.97 25.17 1.80
N ASP A 90 -3.21 24.89 1.41
CA ASP A 90 -3.80 23.54 1.53
C ASP A 90 -3.49 22.79 0.20
N GLU A 91 -2.34 22.14 0.18
CA GLU A 91 -1.80 21.53 -1.02
C GLU A 91 -2.67 20.40 -1.57
N PRO A 92 -2.84 20.36 -2.90
CA PRO A 92 -3.47 19.18 -3.51
C PRO A 92 -2.64 17.95 -3.19
N ARG A 93 -3.29 16.86 -2.80
CA ARG A 93 -2.59 15.70 -2.24
C ARG A 93 -3.53 14.52 -2.01
N THR A 94 -2.98 13.37 -1.63
CA THR A 94 -3.81 12.15 -1.49
C THR A 94 -4.04 11.70 -0.06
N ARG A 95 -3.32 12.29 0.89
CA ARG A 95 -3.49 11.91 2.29
C ARG A 95 -3.92 13.12 3.14
N PRO A 96 -4.63 12.86 4.26
CA PRO A 96 -5.07 13.98 5.09
C PRO A 96 -3.94 14.81 5.69
N GLU A 97 -2.86 14.21 6.16
CA GLU A 97 -1.80 15.04 6.78
C GLU A 97 -0.92 15.69 5.71
N MET A 98 -0.35 16.85 6.05
CA MET A 98 0.64 17.46 5.17
C MET A 98 1.99 17.36 5.83
N VAL A 99 2.93 16.82 5.08
CA VAL A 99 4.32 16.79 5.51
C VAL A 99 5.01 18.05 4.94
N LYS A 100 5.27 19.07 5.77
CA LYS A 100 5.77 20.34 5.24
C LYS A 100 7.21 20.59 5.65
N GLY A 101 7.91 21.52 5.00
CA GLY A 101 9.31 21.82 5.39
C GLY A 101 10.37 21.12 4.53
N GLY A 102 11.64 21.36 4.84
CA GLY A 102 12.74 20.80 4.03
C GLY A 102 13.10 21.70 2.87
N LEU A 103 14.16 21.32 2.17
CA LEU A 103 14.55 21.97 0.93
C LEU A 103 13.40 22.22 -0.05
N LEU A 104 12.51 21.23 -0.17
CA LEU A 104 11.46 21.25 -1.21
C LEU A 104 10.34 22.25 -0.90
N SER A 105 10.40 22.86 0.27
CA SER A 105 9.42 23.87 0.55
C SER A 105 10.01 25.28 0.54
N MET A 106 11.26 25.39 0.11
CA MET A 106 11.97 26.68 0.09
C MET A 106 12.20 27.17 -1.33
N ASP A 107 12.32 28.48 -1.47
CA ASP A 107 12.68 29.14 -2.73
C ASP A 107 13.99 29.88 -2.60
N PRO A 108 14.68 30.10 -3.75
CA PRO A 108 15.87 31.02 -3.77
C PRO A 108 15.45 32.34 -3.14
N PRO A 109 16.32 33.00 -2.36
CA PRO A 109 17.72 32.72 -2.07
C PRO A 109 17.95 31.75 -0.93
N GLU A 110 16.92 31.52 -0.08
CA GLU A 110 17.12 30.73 1.16
C GLU A 110 17.46 29.31 0.79
N HIS A 111 16.70 28.79 -0.15
CA HIS A 111 16.92 27.47 -0.75
C HIS A 111 18.34 27.36 -1.32
N SER A 112 18.73 28.34 -2.11
CA SER A 112 20.07 28.39 -2.79
C SER A 112 21.21 28.26 -1.77
N ARG A 113 21.13 29.04 -0.70
CA ARG A 113 22.12 28.97 0.37
C ARG A 113 22.21 27.57 0.99
N LEU A 114 21.11 26.96 1.39
CA LEU A 114 21.22 25.61 1.99
C LEU A 114 21.71 24.55 1.05
N ARG A 115 21.18 24.58 -0.15
CA ARG A 115 21.55 23.60 -1.15
C ARG A 115 23.05 23.71 -1.55
N ARG A 116 23.57 24.93 -1.66
CA ARG A 116 25.00 25.21 -1.89
C ARG A 116 25.88 24.51 -0.83
N LEU A 117 25.61 24.72 0.45
CA LEU A 117 26.36 24.04 1.51
C LEU A 117 26.23 22.53 1.48
N VAL A 118 25.01 22.01 1.25
CA VAL A 118 24.81 20.56 1.19
C VAL A 118 25.54 19.90 0.02
N VAL A 119 25.47 20.45 -1.19
CA VAL A 119 26.20 19.81 -2.33
C VAL A 119 27.71 19.94 -2.25
N LYS A 120 28.22 20.97 -1.59
CA LYS A 120 29.64 21.02 -1.30
C LYS A 120 30.16 19.73 -0.64
N ALA A 121 29.38 19.22 0.31
CA ALA A 121 29.68 17.99 1.05
C ALA A 121 29.18 16.71 0.32
N PHE A 122 27.89 16.70 -0.08
CA PHE A 122 27.25 15.50 -0.68
C PHE A 122 27.49 15.48 -2.19
N THR A 123 28.72 15.12 -2.57
CA THR A 123 29.19 15.32 -3.96
C THR A 123 28.91 14.02 -4.72
N ALA A 124 28.94 14.07 -6.05
CA ALA A 124 28.75 12.85 -6.85
C ALA A 124 29.93 11.88 -6.66
N ARG A 125 31.14 12.41 -6.49
CA ARG A 125 32.27 11.58 -6.08
C ARG A 125 31.99 10.82 -4.74
N ARG A 126 31.40 11.48 -3.76
CA ARG A 126 31.04 10.80 -2.49
C ARG A 126 30.04 9.65 -2.73
N ALA A 127 29.03 9.92 -3.54
CA ALA A 127 28.10 8.89 -3.95
C ALA A 127 28.82 7.70 -4.56
N GLU A 128 29.68 7.95 -5.55
CA GLU A 128 30.40 6.84 -6.20
C GLU A 128 31.27 6.08 -5.20
N SER A 129 31.87 6.77 -4.24
CA SER A 129 32.76 6.08 -3.31
C SER A 129 32.00 5.04 -2.46
N LEU A 130 30.68 5.17 -2.40
CA LEU A 130 29.86 4.27 -1.61
C LEU A 130 29.45 3.02 -2.38
N ARG A 131 29.66 2.98 -3.70
CA ARG A 131 29.32 1.74 -4.46
C ARG A 131 29.83 0.41 -3.76
N PRO A 132 31.14 0.37 -3.39
CA PRO A 132 31.69 -0.86 -2.76
C PRO A 132 31.01 -1.27 -1.44
N ARG A 133 30.77 -0.33 -0.51
CA ARG A 133 29.97 -0.61 0.69
C ARG A 133 28.53 -1.03 0.34
N ALA A 134 27.88 -0.29 -0.55
CA ALA A 134 26.54 -0.64 -1.05
C ALA A 134 26.46 -2.06 -1.59
N ARG A 135 27.45 -2.49 -2.38
CA ARG A 135 27.44 -3.87 -2.88
C ARG A 135 27.57 -4.86 -1.73
N GLU A 136 28.43 -4.52 -0.77
CA GLU A 136 28.70 -5.39 0.38
C GLU A 136 27.39 -5.58 1.18
N ILE A 137 26.74 -4.47 1.50
CA ILE A 137 25.44 -4.52 2.15
C ILE A 137 24.42 -5.33 1.30
N ALA A 138 24.44 -5.18 0.00
CA ALA A 138 23.43 -5.90 -0.81
C ALA A 138 23.64 -7.43 -0.69
N HIS A 139 24.89 -7.89 -0.88
CA HIS A 139 25.32 -9.26 -0.62
C HIS A 139 24.94 -9.79 0.79
N GLU A 140 25.22 -9.03 1.84
CA GLU A 140 24.73 -9.39 3.20
C GLU A 140 23.23 -9.59 3.21
N LEU A 141 22.46 -8.72 2.53
CA LEU A 141 21.04 -8.89 2.54
C LEU A 141 20.63 -10.17 1.86
N VAL A 142 21.31 -10.51 0.76
CA VAL A 142 20.93 -11.66 -0.05
C VAL A 142 21.27 -12.94 0.76
N ASP A 143 22.32 -12.84 1.58
CA ASP A 143 22.77 -13.90 2.50
C ASP A 143 21.61 -14.25 3.42
N GLN A 144 21.03 -13.21 4.04
CA GLN A 144 19.93 -13.35 4.97
C GLN A 144 18.71 -13.93 4.26
N MET A 145 18.45 -13.50 3.02
CA MET A 145 17.38 -14.10 2.25
C MET A 145 17.61 -15.61 2.02
N ALA A 146 18.76 -15.99 1.44
CA ALA A 146 19.08 -17.44 1.24
C ALA A 146 19.02 -18.31 2.53
N ALA A 147 19.50 -17.76 3.65
CA ALA A 147 19.43 -18.33 5.01
C ALA A 147 18.01 -18.68 5.49
N THR A 148 16.98 -17.97 5.03
CA THR A 148 15.61 -18.36 5.40
C THR A 148 14.87 -19.13 4.32
N GLY A 149 15.41 -19.25 3.13
CA GLY A 149 14.83 -20.16 2.16
C GLY A 149 13.68 -19.58 1.35
N GLN A 150 13.56 -20.04 0.12
CA GLN A 150 12.49 -19.70 -0.78
C GLN A 150 11.09 -20.08 -0.21
N PRO A 151 10.03 -19.25 -0.48
CA PRO A 151 10.16 -17.89 -1.00
C PRO A 151 10.65 -16.96 0.07
N ALA A 152 11.38 -15.93 -0.32
CA ALA A 152 11.72 -14.87 0.62
C ALA A 152 10.99 -13.58 0.22
N ASP A 153 10.79 -12.68 1.17
CA ASP A 153 10.16 -11.43 0.83
C ASP A 153 11.20 -10.39 0.45
N LEU A 154 11.27 -10.09 -0.84
CA LEU A 154 12.33 -9.23 -1.34
C LEU A 154 12.15 -7.79 -0.80
N VAL A 155 10.88 -7.40 -0.62
CA VAL A 155 10.58 -6.08 -0.05
C VAL A 155 11.07 -5.91 1.38
N ALA A 156 10.63 -6.80 2.27
CA ALA A 156 11.00 -6.73 3.67
C ALA A 156 12.51 -7.01 3.84
N MET A 157 13.05 -7.93 3.06
CA MET A 157 14.42 -8.42 3.34
C MET A 157 15.54 -7.67 2.59
N PHE A 158 15.20 -7.03 1.47
CA PHE A 158 16.17 -6.32 0.65
C PHE A 158 15.79 -4.83 0.39
N ALA A 159 14.64 -4.58 -0.24
CA ALA A 159 14.31 -3.22 -0.70
C ALA A 159 14.16 -2.30 0.47
N ARG A 160 13.57 -2.80 1.57
CA ARG A 160 13.38 -1.89 2.71
C ARG A 160 14.64 -1.79 3.58
N GLN A 161 15.69 -2.52 3.21
CA GLN A 161 16.86 -2.61 4.05
C GLN A 161 18.04 -1.84 3.43
N LEU A 162 18.24 -2.06 2.12
CA LEU A 162 19.42 -1.52 1.50
C LEU A 162 19.48 0.04 1.58
N PRO A 163 18.37 0.76 1.24
CA PRO A 163 18.58 2.24 1.15
C PRO A 163 18.78 2.96 2.46
N VAL A 164 18.22 2.43 3.55
CA VAL A 164 18.41 3.04 4.87
C VAL A 164 19.82 2.77 5.43
N ARG A 165 20.30 1.52 5.28
CA ARG A 165 21.69 1.17 5.60
C ARG A 165 22.76 2.01 4.79
N VAL A 166 22.52 2.22 3.50
CA VAL A 166 23.44 2.99 2.69
C VAL A 166 23.49 4.45 3.20
N ILE A 167 22.31 5.01 3.54
CA ILE A 167 22.23 6.30 4.19
C ILE A 167 22.98 6.27 5.51
N CYS A 168 22.87 5.17 6.27
CA CYS A 168 23.72 5.07 7.46
C CYS A 168 25.23 5.23 7.09
N GLU A 169 25.75 4.46 6.14
CA GLU A 169 27.16 4.62 5.70
C GLU A 169 27.46 6.05 5.25
N LEU A 170 26.57 6.61 4.43
CA LEU A 170 26.76 7.99 3.90
C LEU A 170 26.98 8.98 5.04
N LEU A 171 26.03 9.00 6.00
CA LEU A 171 26.07 10.00 7.09
C LEU A 171 27.24 9.77 8.03
N GLY A 172 27.53 8.50 8.29
CA GLY A 172 28.58 8.15 9.23
C GLY A 172 28.07 7.48 10.49
N VAL A 173 26.94 6.80 10.41
CA VAL A 173 26.44 6.06 11.55
C VAL A 173 27.33 4.82 11.74
N PRO A 174 27.94 4.65 12.94
CA PRO A 174 28.79 3.47 13.14
C PRO A 174 27.99 2.24 12.93
N SER A 175 28.63 1.29 12.28
CA SER A 175 28.13 -0.03 12.02
C SER A 175 27.25 -0.66 13.11
N ALA A 176 27.65 -0.48 14.38
CA ALA A 176 26.95 -1.11 15.53
C ALA A 176 25.55 -0.52 15.71
N ASP A 177 25.33 0.69 15.16
CA ASP A 177 24.03 1.34 15.24
C ASP A 177 23.15 1.22 14.00
N HIS A 178 23.59 0.53 12.96
CA HIS A 178 22.75 0.42 11.81
C HIS A 178 21.40 -0.19 12.12
N ASP A 179 21.39 -1.28 12.93
CA ASP A 179 20.14 -2.01 13.18
C ASP A 179 19.09 -1.13 13.87
N ARG A 180 19.43 -0.42 14.95
CA ARG A 180 18.46 0.44 15.59
C ARG A 180 18.06 1.63 14.74
N PHE A 181 19.04 2.27 14.10
CA PHE A 181 18.70 3.35 13.17
C PHE A 181 17.76 2.89 12.07
N THR A 182 17.97 1.69 11.55
CA THR A 182 17.05 1.11 10.58
C THR A 182 15.66 0.87 11.18
N ARG A 183 15.63 0.32 12.37
CA ARG A 183 14.38 0.14 13.10
C ARG A 183 13.63 1.48 13.29
N TRP A 184 14.28 2.51 13.84
CA TRP A 184 13.59 3.81 13.95
C TRP A 184 13.06 4.27 12.58
N SER A 185 13.91 4.14 11.55
CA SER A 185 13.61 4.69 10.20
C SER A 185 12.39 4.07 9.52
N GLY A 186 12.10 2.81 9.79
CA GLY A 186 10.93 2.19 9.21
C GLY A 186 9.62 2.78 9.73
N ALA A 187 9.65 3.45 10.87
CA ALA A 187 8.45 4.08 11.35
C ALA A 187 8.04 5.22 10.42
N PHE A 188 8.93 5.65 9.52
CA PHE A 188 8.67 6.83 8.70
C PHE A 188 8.17 6.43 7.34
N LEU A 189 8.16 5.14 7.04
CA LEU A 189 7.66 4.74 5.73
C LEU A 189 6.15 4.95 5.71
N SER A 190 5.60 5.42 4.59
CA SER A 190 4.16 5.68 4.50
C SER A 190 3.33 4.37 4.58
N THR A 191 4.01 3.22 4.45
CA THR A 191 3.36 1.90 4.51
C THR A 191 3.42 1.35 5.93
N ALA A 192 3.99 2.09 6.87
CA ALA A 192 4.17 1.51 8.20
C ALA A 192 2.85 1.45 8.99
N GLU A 193 2.65 0.38 9.74
CA GLU A 193 1.40 0.25 10.50
C GLU A 193 1.78 0.56 11.92
N VAL A 194 1.89 1.83 12.24
CA VAL A 194 2.27 2.23 13.56
C VAL A 194 1.39 3.40 13.91
N THR A 195 1.09 3.51 15.18
CA THR A 195 0.32 4.63 15.66
C THR A 195 1.18 5.90 15.51
N ALA A 196 0.56 7.06 15.65
CA ALA A 196 1.29 8.31 15.63
C ALA A 196 2.27 8.45 16.81
N GLU A 197 1.91 7.99 18.01
CA GLU A 197 2.85 8.10 19.14
C GLU A 197 4.09 7.24 18.88
N GLU A 198 3.88 6.02 18.40
CA GLU A 198 4.97 5.13 17.99
C GLU A 198 5.94 5.81 16.97
N MET A 199 5.38 6.38 15.90
N MET A 199 5.40 6.39 15.89
CA MET A 199 6.17 7.13 14.91
CA MET A 199 6.24 7.10 14.94
C MET A 199 6.88 8.32 15.56
C MET A 199 6.91 8.31 15.59
N GLN A 200 6.15 9.02 16.45
CA GLN A 200 6.73 10.10 17.24
C GLN A 200 7.94 9.76 18.14
N GLU A 201 7.88 8.61 18.79
CA GLU A 201 9.00 8.09 19.57
C GLU A 201 10.18 7.68 18.67
N ALA A 202 9.91 7.02 17.54
CA ALA A 202 10.95 6.74 16.56
C ALA A 202 11.61 8.02 16.07
N ALA A 203 10.81 9.06 15.85
CA ALA A 203 11.34 10.33 15.35
C ALA A 203 12.21 11.02 16.40
N GLU A 204 11.77 11.08 17.66
CA GLU A 204 12.58 11.71 18.70
C GLU A 204 13.90 10.95 18.92
N GLN A 205 13.88 9.61 18.81
CA GLN A 205 15.13 8.81 18.96
C GLN A 205 16.09 9.14 17.81
N ALA A 206 15.61 9.06 16.57
CA ALA A 206 16.39 9.48 15.37
C ALA A 206 16.99 10.88 15.53
N TYR A 207 16.17 11.85 15.91
N TYR A 207 16.15 11.82 15.94
CA TYR A 207 16.67 13.23 16.12
CA TYR A 207 16.55 13.21 16.16
C TYR A 207 17.73 13.30 17.22
C TYR A 207 17.65 13.35 17.23
N ALA A 208 17.47 12.75 18.39
CA ALA A 208 18.48 12.75 19.46
C ALA A 208 19.77 12.04 19.03
N TYR A 209 19.66 10.84 18.47
CA TYR A 209 20.83 10.17 17.95
C TYR A 209 21.60 11.06 16.93
N MET A 210 20.88 11.67 15.99
CA MET A 210 21.54 12.40 14.91
C MET A 210 22.22 13.65 15.46
N GLY A 211 21.56 14.35 16.39
CA GLY A 211 22.15 15.52 17.08
C GLY A 211 23.43 15.19 17.85
N ASP A 212 23.48 14.03 18.48
N ASP A 212 23.46 14.00 18.46
CA ASP A 212 24.68 13.57 19.20
CA ASP A 212 24.62 13.45 19.17
C ASP A 212 25.84 13.23 18.23
C ASP A 212 25.80 13.22 18.23
N LEU A 213 25.56 12.46 17.16
CA LEU A 213 26.54 12.22 16.08
C LEU A 213 27.08 13.51 15.48
N ILE A 214 26.20 14.48 15.21
CA ILE A 214 26.66 15.74 14.69
C ILE A 214 27.66 16.42 15.65
N ASP A 215 27.35 16.41 16.95
CA ASP A 215 28.25 17.00 17.95
C ASP A 215 29.59 16.26 18.09
N ARG A 216 29.60 14.92 18.05
CA ARG A 216 30.84 14.13 17.97
C ARG A 216 31.71 14.52 16.77
N ARG A 217 31.08 14.62 15.61
CA ARG A 217 31.81 14.93 14.40
C ARG A 217 32.36 16.35 14.41
N ARG A 218 31.63 17.29 15.03
CA ARG A 218 32.17 18.64 15.13
C ARG A 218 33.53 18.67 15.85
N LYS A 219 33.61 17.98 16.98
CA LYS A 219 34.79 18.06 17.81
C LYS A 219 35.82 17.05 17.25
N GLU A 220 35.36 15.94 16.71
CA GLU A 220 36.25 14.94 16.12
C GLU A 220 35.83 14.39 14.71
N PRO A 221 36.12 15.18 13.67
CA PRO A 221 35.68 14.94 12.27
C PRO A 221 36.26 13.67 11.66
N THR A 222 35.49 12.99 10.81
CA THR A 222 35.98 11.85 10.03
C THR A 222 35.76 12.15 8.54
N ASP A 223 35.69 11.12 7.72
N ASP A 223 35.68 11.09 7.75
CA ASP A 223 35.46 11.32 6.31
CA ASP A 223 35.44 11.18 6.32
C ASP A 223 33.98 11.33 5.89
C ASP A 223 33.99 10.89 5.91
N ASP A 224 33.05 11.08 6.83
CA ASP A 224 31.64 10.88 6.50
C ASP A 224 30.90 12.17 6.11
N LEU A 225 29.68 12.03 5.59
CA LEU A 225 28.89 13.20 5.21
C LEU A 225 28.60 14.13 6.38
N VAL A 226 28.34 13.60 7.58
CA VAL A 226 28.03 14.53 8.68
C VAL A 226 29.21 15.44 8.97
N SER A 227 30.41 14.83 9.04
CA SER A 227 31.64 15.61 9.22
C SER A 227 31.77 16.71 8.15
N ALA A 228 31.62 16.32 6.87
CA ALA A 228 31.79 17.27 5.76
C ALA A 228 30.72 18.37 5.77
N LEU A 229 29.53 18.04 6.22
CA LEU A 229 28.50 19.06 6.38
C LEU A 229 28.83 20.01 7.50
N VAL A 230 29.33 19.46 8.61
CA VAL A 230 29.74 20.31 9.72
C VAL A 230 30.81 21.26 9.18
N GLN A 231 31.72 20.79 8.34
CA GLN A 231 32.74 21.77 7.92
C GLN A 231 32.49 22.61 6.65
N ALA A 232 31.38 22.35 5.94
CA ALA A 232 31.02 23.12 4.73
C ALA A 232 31.03 24.63 5.01
N ARG A 233 31.71 25.38 4.16
CA ARG A 233 31.76 26.85 4.26
C ARG A 233 31.37 27.36 2.89
N ASP A 234 30.66 28.48 2.87
CA ASP A 234 30.36 29.14 1.60
C ASP A 234 30.46 30.63 1.81
N GLN A 235 31.49 31.23 1.19
CA GLN A 235 32.10 32.50 1.63
C GLN A 235 31.70 32.82 3.07
N GLN A 236 32.27 32.09 4.03
CA GLN A 236 32.15 32.45 5.47
C GLN A 236 30.83 32.01 6.15
N ASP A 237 29.79 31.76 5.35
CA ASP A 237 28.59 31.05 5.81
C ASP A 237 28.85 29.57 6.14
N SER A 238 28.11 29.03 7.11
CA SER A 238 28.14 27.59 7.49
C SER A 238 26.73 27.12 7.86
N LEU A 239 26.51 25.82 8.04
CA LEU A 239 25.21 25.31 8.49
C LEU A 239 25.08 25.42 10.01
N SER A 240 23.96 25.96 10.47
CA SER A 240 23.67 26.05 11.89
C SER A 240 23.41 24.67 12.48
N GLU A 241 23.40 24.61 13.80
CA GLU A 241 23.17 23.35 14.50
C GLU A 241 21.83 22.71 14.08
N GLN A 242 20.79 23.56 14.02
CA GLN A 242 19.46 23.12 13.64
C GLN A 242 19.43 22.75 12.13
N GLU A 243 20.03 23.58 11.29
CA GLU A 243 20.20 23.23 9.88
C GLU A 243 20.82 21.88 9.66
N LEU A 244 21.95 21.61 10.27
CA LEU A 244 22.59 20.29 10.19
C LEU A 244 21.66 19.17 10.55
N LEU A 245 20.91 19.39 11.63
CA LEU A 245 20.09 18.33 12.14
C LEU A 245 18.92 18.08 11.16
N ASP A 246 18.24 19.14 10.71
CA ASP A 246 17.10 19.00 9.78
C ASP A 246 17.52 18.45 8.42
N LEU A 247 18.65 18.92 7.92
CA LEU A 247 19.18 18.41 6.66
C LEU A 247 19.57 16.94 6.76
N ALA A 248 20.21 16.53 7.84
CA ALA A 248 20.54 15.10 7.96
C ALA A 248 19.31 14.21 8.02
N ILE A 249 18.31 14.57 8.83
CA ILE A 249 17.06 13.81 8.88
C ILE A 249 16.32 13.92 7.53
N GLY A 250 16.40 15.11 6.92
CA GLY A 250 15.73 15.36 5.62
C GLY A 250 16.26 14.46 4.53
N LEU A 251 17.61 14.29 4.48
CA LEU A 251 18.22 13.30 3.54
C LEU A 251 17.75 11.87 3.76
N LEU A 252 17.61 11.48 5.04
CA LEU A 252 17.09 10.16 5.38
C LEU A 252 15.69 9.97 4.79
N VAL A 253 14.80 10.92 5.03
CA VAL A 253 13.43 10.65 4.63
C VAL A 253 13.35 10.73 3.10
N ALA A 254 14.01 11.74 2.49
CA ALA A 254 14.04 11.90 1.00
C ALA A 254 14.70 10.71 0.29
N GLY A 255 15.62 10.04 1.00
CA GLY A 255 16.37 8.97 0.39
C GLY A 255 15.98 7.56 0.68
N TYR A 256 14.98 7.36 1.56
CA TYR A 256 14.70 6.03 2.00
C TYR A 256 13.56 5.37 1.21
N GLU A 257 12.34 5.80 1.49
CA GLU A 257 11.18 5.21 0.85
C GLU A 257 11.27 5.27 -0.65
N SER A 258 11.63 6.42 -1.21
CA SER A 258 11.76 6.52 -2.69
C SER A 258 12.63 5.38 -3.26
N THR A 259 13.84 5.21 -2.73
CA THR A 259 14.79 4.26 -3.31
C THR A 259 14.23 2.85 -3.03
N THR A 260 13.66 2.67 -1.84
CA THR A 260 13.12 1.35 -1.47
C THR A 260 12.03 0.94 -2.45
N THR A 261 11.18 1.88 -2.80
CA THR A 261 10.03 1.53 -3.63
C THR A 261 10.50 1.26 -5.05
N GLN A 262 11.46 2.08 -5.49
CA GLN A 262 11.93 1.98 -6.85
C GLN A 262 12.75 0.65 -7.03
N ILE A 263 13.53 0.26 -6.04
CA ILE A 263 14.15 -1.07 -6.08
C ILE A 263 13.09 -2.15 -6.25
N ALA A 264 12.05 -2.13 -5.43
CA ALA A 264 11.01 -3.13 -5.52
C ALA A 264 10.39 -3.20 -6.92
N ASP A 265 10.06 -2.03 -7.45
CA ASP A 265 9.39 -1.89 -8.70
C ASP A 265 10.29 -2.33 -9.90
N PHE A 266 11.57 -2.03 -9.85
CA PHE A 266 12.51 -2.48 -10.92
C PHE A 266 12.64 -4.01 -10.88
N VAL A 267 12.76 -4.61 -9.69
CA VAL A 267 12.88 -6.07 -9.60
C VAL A 267 11.57 -6.76 -10.02
N TYR A 268 10.44 -6.17 -9.67
CA TYR A 268 9.15 -6.66 -10.10
C TYR A 268 9.10 -6.64 -11.63
N LEU A 269 9.59 -5.57 -12.26
CA LEU A 269 9.60 -5.53 -13.71
C LEU A 269 10.59 -6.58 -14.28
N LEU A 270 11.73 -6.73 -13.65
CA LEU A 270 12.74 -7.70 -14.08
C LEU A 270 12.15 -9.13 -14.02
N MET A 271 11.48 -9.43 -12.91
CA MET A 271 10.91 -10.76 -12.72
C MET A 271 9.72 -11.05 -13.61
N THR A 272 9.00 -10.02 -14.09
CA THR A 272 7.84 -10.28 -14.89
C THR A 272 7.99 -9.98 -16.37
N ARG A 273 9.15 -9.44 -16.77
CA ARG A 273 9.49 -9.22 -18.18
C ARG A 273 10.81 -9.91 -18.51
N PRO A 274 10.72 -11.20 -18.95
CA PRO A 274 11.90 -12.05 -19.15
C PRO A 274 12.93 -11.45 -20.07
N GLU A 275 12.48 -10.80 -21.13
CA GLU A 275 13.38 -10.09 -22.04
C GLU A 275 14.25 -9.04 -21.33
N LEU A 276 13.72 -8.41 -20.29
CA LEU A 276 14.48 -7.42 -19.58
C LEU A 276 15.52 -8.10 -18.71
N ARG A 277 15.15 -9.21 -18.09
CA ARG A 277 16.10 -9.91 -17.25
C ARG A 277 17.23 -10.56 -18.11
N ARG A 278 16.84 -11.07 -19.27
CA ARG A 278 17.75 -11.73 -20.16
C ARG A 278 18.77 -10.72 -20.68
N GLN A 279 18.31 -9.51 -20.96
CA GLN A 279 19.19 -8.52 -21.52
C GLN A 279 20.23 -8.12 -20.52
N LEU A 280 19.87 -8.05 -19.25
CA LEU A 280 20.83 -7.59 -18.23
C LEU A 280 21.77 -8.69 -17.72
N LEU A 281 21.31 -9.95 -17.77
CA LEU A 281 22.14 -11.11 -17.49
C LEU A 281 23.19 -11.25 -18.63
N ASP A 282 22.76 -11.07 -19.90
CA ASP A 282 23.69 -11.17 -21.00
C ASP A 282 24.69 -10.03 -20.99
N ARG A 283 24.21 -8.82 -20.76
CA ARG A 283 25.05 -7.64 -20.86
C ARG A 283 24.97 -6.77 -19.61
N PRO A 284 25.55 -7.21 -18.48
CA PRO A 284 25.47 -6.44 -17.20
C PRO A 284 25.98 -4.98 -17.29
N GLU A 285 26.67 -4.64 -18.37
CA GLU A 285 27.20 -3.28 -18.46
C GLU A 285 26.08 -2.36 -18.87
N LEU A 286 24.95 -2.95 -19.26
CA LEU A 286 23.74 -2.15 -19.65
C LEU A 286 22.96 -1.68 -18.44
N ILE A 287 23.38 -2.11 -17.24
CA ILE A 287 22.59 -1.82 -16.01
C ILE A 287 22.46 -0.32 -15.68
N PRO A 288 23.53 0.47 -15.80
CA PRO A 288 23.33 1.91 -15.65
C PRO A 288 22.29 2.52 -16.59
N SER A 289 22.38 2.15 -17.87
CA SER A 289 21.45 2.60 -18.85
C SER A 289 20.00 2.12 -18.53
N ALA A 290 19.85 0.89 -18.07
CA ALA A 290 18.53 0.30 -17.74
C ALA A 290 17.91 1.03 -16.53
N VAL A 291 18.77 1.38 -15.57
CA VAL A 291 18.34 2.19 -14.45
C VAL A 291 17.73 3.52 -14.90
N GLU A 292 18.35 4.17 -15.87
CA GLU A 292 17.78 5.40 -16.40
C GLU A 292 16.49 5.10 -17.15
N GLU A 293 16.43 4.03 -17.93
CA GLU A 293 15.22 3.79 -18.68
C GLU A 293 14.06 3.44 -17.76
N LEU A 294 14.36 2.68 -16.68
CA LEU A 294 13.29 2.28 -15.74
C LEU A 294 12.81 3.46 -14.92
N THR A 295 13.73 4.38 -14.59
CA THR A 295 13.40 5.58 -13.85
C THR A 295 12.50 6.43 -14.75
N ARG A 296 12.78 6.46 -16.05
CA ARG A 296 11.89 7.18 -16.93
C ARG A 296 10.50 6.51 -17.02
N TRP A 297 10.50 5.20 -17.16
CA TRP A 297 9.30 4.51 -17.52
C TRP A 297 8.34 4.34 -16.34
N VAL A 298 8.85 4.00 -15.16
CA VAL A 298 7.99 3.77 -14.03
C VAL A 298 7.35 5.08 -13.51
N PRO A 299 5.99 5.20 -13.58
CA PRO A 299 5.33 6.37 -13.02
C PRO A 299 5.21 6.06 -11.57
N LEU A 300 6.30 6.31 -10.85
CA LEU A 300 6.42 5.92 -9.45
C LEU A 300 5.37 6.61 -8.49
N GLY A 301 5.05 7.88 -8.73
CA GLY A 301 4.12 8.56 -7.85
C GLY A 301 2.70 8.06 -8.12
N VAL A 302 1.86 8.05 -7.07
CA VAL A 302 0.43 7.88 -7.28
C VAL A 302 -0.14 9.04 -8.08
N GLY A 303 0.26 10.27 -7.72
CA GLY A 303 -0.16 11.44 -8.43
C GLY A 303 1.09 12.20 -8.77
N THR A 304 1.07 13.51 -8.63
CA THR A 304 2.31 14.26 -8.64
C THR A 304 2.20 15.02 -7.30
N ALA A 305 3.30 15.02 -6.57
CA ALA A 305 3.39 15.81 -5.33
C ALA A 305 4.09 17.22 -5.58
N PHE A 306 4.09 18.04 -4.55
CA PHE A 306 4.85 19.29 -4.60
C PHE A 306 4.38 20.16 -5.73
N PRO A 307 3.10 20.56 -5.64
CA PRO A 307 2.57 21.61 -6.52
C PRO A 307 3.49 22.84 -6.52
N ARG A 308 3.63 23.49 -7.67
CA ARG A 308 4.27 24.80 -7.69
C ARG A 308 3.17 25.87 -7.67
N TYR A 309 3.51 27.08 -7.24
CA TYR A 309 2.55 28.17 -7.16
C TYR A 309 2.96 29.28 -8.08
N ALA A 310 2.02 29.77 -8.89
CA ALA A 310 2.37 30.89 -9.77
C ALA A 310 2.60 32.21 -8.98
N VAL A 311 3.73 32.90 -9.21
CA VAL A 311 3.91 34.18 -8.50
C VAL A 311 3.24 35.32 -9.28
N GLU A 312 2.90 35.07 -10.53
CA GLU A 312 2.24 36.07 -11.35
C GLU A 312 1.48 35.26 -12.38
N ASP A 313 0.54 35.88 -13.07
CA ASP A 313 -0.17 35.21 -14.20
C ASP A 313 0.81 34.76 -15.25
N VAL A 314 0.69 33.52 -15.70
CA VAL A 314 1.57 32.94 -16.72
C VAL A 314 0.62 32.20 -17.69
N THR A 315 0.84 32.39 -18.99
CA THR A 315 0.03 31.72 -20.01
C THR A 315 0.81 30.56 -20.57
N LEU A 316 0.17 29.39 -20.56
CA LEU A 316 0.79 28.12 -20.91
C LEU A 316 -0.27 27.40 -21.77
N ARG A 317 0.05 27.16 -23.03
CA ARG A 317 -0.83 26.44 -23.96
C ARG A 317 -2.10 27.19 -24.06
N GLY A 318 -1.95 28.51 -24.17
CA GLY A 318 -3.09 29.39 -24.19
C GLY A 318 -4.04 29.39 -22.98
N VAL A 319 -3.68 28.78 -21.84
CA VAL A 319 -4.51 28.94 -20.63
C VAL A 319 -3.76 29.83 -19.66
N THR A 320 -4.45 30.76 -19.03
CA THR A 320 -3.77 31.63 -18.10
C THR A 320 -3.84 31.06 -16.69
N ILE A 321 -2.68 30.71 -16.15
CA ILE A 321 -2.57 30.37 -14.76
C ILE A 321 -2.46 31.65 -13.95
N ARG A 322 -3.42 31.91 -13.06
CA ARG A 322 -3.36 33.13 -12.28
C ARG A 322 -2.41 33.07 -11.12
N ALA A 323 -1.83 34.24 -10.82
CA ALA A 323 -1.06 34.42 -9.64
C ALA A 323 -1.74 33.76 -8.45
N GLY A 324 -0.96 32.94 -7.74
CA GLY A 324 -1.43 32.22 -6.57
C GLY A 324 -1.93 30.78 -6.81
N GLU A 325 -2.23 30.37 -8.06
CA GLU A 325 -2.79 29.02 -8.29
C GLU A 325 -1.72 27.91 -8.29
N PRO A 326 -2.07 26.73 -7.72
CA PRO A 326 -1.19 25.56 -7.69
C PRO A 326 -1.21 24.84 -9.05
N VAL A 327 -0.06 24.27 -9.38
CA VAL A 327 0.24 23.61 -10.63
C VAL A 327 0.94 22.32 -10.27
N LEU A 328 0.41 21.21 -10.74
CA LEU A 328 1.00 19.88 -10.57
C LEU A 328 1.68 19.56 -11.89
N ALA A 329 3.01 19.45 -11.86
CA ALA A 329 3.81 19.19 -13.05
C ALA A 329 4.15 17.70 -12.99
N SER A 330 3.42 16.87 -13.75
CA SER A 330 3.55 15.44 -13.68
C SER A 330 4.78 14.93 -14.44
N THR A 331 5.83 14.57 -13.71
CA THR A 331 6.98 13.91 -14.32
C THR A 331 6.67 12.48 -14.84
N GLY A 332 5.78 11.78 -14.14
CA GLY A 332 5.23 10.47 -14.56
C GLY A 332 4.70 10.49 -16.00
N ALA A 333 3.90 11.51 -16.29
CA ALA A 333 3.33 11.66 -17.60
C ALA A 333 4.34 12.23 -18.57
N ALA A 334 5.10 13.23 -18.13
CA ALA A 334 6.16 13.82 -18.95
C ALA A 334 7.11 12.76 -19.50
N ASN A 335 7.44 11.79 -18.65
CA ASN A 335 8.39 10.75 -18.97
C ASN A 335 7.84 9.73 -19.96
N ARG A 336 6.54 9.79 -20.24
CA ARG A 336 5.99 8.81 -21.14
C ARG A 336 5.32 9.58 -22.28
N ASP A 337 5.77 10.82 -22.49
CA ASP A 337 5.22 11.68 -23.57
C ASP A 337 5.78 11.23 -24.92
N GLN A 338 4.91 10.74 -25.82
CA GLN A 338 5.34 10.30 -27.17
C GLN A 338 6.07 11.38 -27.95
N ALA A 339 5.88 12.65 -27.61
CA ALA A 339 6.48 13.76 -28.42
C ALA A 339 7.99 13.83 -28.09
N GLN A 340 8.34 13.41 -26.87
CA GLN A 340 9.72 13.48 -26.41
C GLN A 340 10.49 12.18 -26.52
N PHE A 341 9.80 11.04 -26.38
CA PHE A 341 10.44 9.73 -26.29
C PHE A 341 9.81 8.83 -27.33
N PRO A 342 10.56 8.49 -28.40
CA PRO A 342 10.02 7.60 -29.45
C PRO A 342 9.56 6.31 -28.81
N ASP A 343 8.33 5.92 -29.18
CA ASP A 343 7.73 4.72 -28.62
C ASP A 343 7.84 4.75 -27.07
N ALA A 344 7.21 5.74 -26.48
CA ALA A 344 7.42 6.03 -25.05
C ALA A 344 7.00 4.93 -24.06
N ASP A 345 6.08 4.05 -24.49
CA ASP A 345 5.59 2.95 -23.60
C ASP A 345 6.48 1.71 -23.69
N ARG A 346 7.41 1.71 -24.62
CA ARG A 346 8.36 0.61 -24.74
C ARG A 346 9.47 0.82 -23.73
N ILE A 347 9.84 -0.21 -22.95
CA ILE A 347 11.05 -0.17 -22.13
C ILE A 347 12.25 -0.62 -22.97
N ASP A 348 13.16 0.30 -23.23
CA ASP A 348 14.29 0.00 -24.13
C ASP A 348 15.51 0.30 -23.30
N VAL A 349 16.20 -0.73 -22.82
CA VAL A 349 17.32 -0.50 -21.88
C VAL A 349 18.50 0.29 -22.42
N ASP A 350 18.62 0.40 -23.74
N ASP A 350 18.68 0.32 -23.73
CA ASP A 350 19.71 1.15 -24.40
CA ASP A 350 19.72 1.18 -24.32
C ASP A 350 19.24 2.52 -24.85
C ASP A 350 19.07 2.35 -25.06
N ARG A 351 18.04 2.94 -24.42
CA ARG A 351 17.43 4.17 -24.93
C ARG A 351 18.42 5.33 -24.87
N THR A 352 18.63 6.00 -26.00
CA THR A 352 19.47 7.20 -26.09
C THR A 352 18.84 8.07 -27.17
N PRO A 353 18.68 9.37 -26.91
CA PRO A 353 18.93 10.04 -25.61
C PRO A 353 17.82 9.65 -24.58
N ASN A 354 18.02 10.02 -23.33
CA ASN A 354 17.03 9.69 -22.31
C ASN A 354 17.01 10.83 -21.31
N GLN A 355 16.49 11.99 -21.71
CA GLN A 355 16.58 13.17 -20.84
C GLN A 355 15.33 13.22 -19.94
N HIS A 356 15.13 12.15 -19.17
CA HIS A 356 13.94 11.98 -18.37
C HIS A 356 13.93 12.88 -17.15
N LEU A 357 12.71 13.17 -16.65
CA LEU A 357 12.53 13.98 -15.42
C LEU A 357 12.25 13.15 -14.11
N GLY A 358 12.68 11.90 -14.09
CA GLY A 358 12.53 11.03 -12.95
C GLY A 358 13.19 11.47 -11.66
N PHE A 359 14.19 12.31 -11.78
CA PHE A 359 14.81 12.92 -10.66
C PHE A 359 14.48 14.41 -10.62
N GLY A 360 13.45 14.83 -11.34
CA GLY A 360 13.04 16.22 -11.28
C GLY A 360 13.88 17.06 -12.24
N HIS A 361 13.87 18.40 -12.03
CA HIS A 361 14.38 19.41 -12.95
C HIS A 361 14.39 20.77 -12.28
N GLY A 362 15.32 21.63 -12.64
CA GLY A 362 15.46 22.96 -12.04
C GLY A 362 16.16 22.89 -10.67
N VAL A 363 15.98 23.94 -9.87
CA VAL A 363 16.77 24.09 -8.62
C VAL A 363 16.53 22.96 -7.61
N HIS A 364 15.34 22.31 -7.69
CA HIS A 364 15.02 21.24 -6.73
C HIS A 364 15.34 19.87 -7.22
N HIS A 365 15.95 19.76 -8.41
CA HIS A 365 16.41 18.48 -8.96
C HIS A 365 16.97 17.58 -7.86
N CYS A 366 16.47 16.35 -7.75
CA CYS A 366 16.89 15.40 -6.69
C CYS A 366 18.39 15.53 -6.32
N LEU A 367 18.66 15.97 -5.10
CA LEU A 367 20.05 16.05 -4.74
C LEU A 367 20.73 14.75 -4.40
N GLY A 368 19.97 13.69 -4.22
CA GLY A 368 20.58 12.41 -3.99
C GLY A 368 20.64 11.52 -5.22
N ALA A 369 20.27 12.03 -6.38
CA ALA A 369 20.23 11.25 -7.59
C ALA A 369 21.55 10.45 -7.81
N PRO A 370 22.72 11.09 -7.66
CA PRO A 370 23.92 10.24 -7.94
C PRO A 370 23.97 9.00 -7.05
N LEU A 371 23.62 9.18 -5.77
CA LEU A 371 23.56 8.06 -4.83
C LEU A 371 22.38 7.13 -5.18
N ALA A 372 21.26 7.70 -5.60
CA ALA A 372 20.11 6.83 -5.92
C ALA A 372 20.50 5.88 -7.07
N ARG A 373 21.19 6.45 -8.07
CA ARG A 373 21.67 5.68 -9.24
C ARG A 373 22.64 4.59 -8.81
N VAL A 374 23.65 4.94 -8.00
CA VAL A 374 24.51 3.93 -7.45
C VAL A 374 23.68 2.79 -6.83
N GLU A 375 22.76 3.12 -5.94
CA GLU A 375 21.96 2.07 -5.25
C GLU A 375 21.14 1.21 -6.19
N LEU A 376 20.47 1.84 -7.14
CA LEU A 376 19.65 1.07 -8.04
C LEU A 376 20.54 0.18 -8.97
N GLN A 377 21.70 0.69 -9.36
CA GLN A 377 22.60 -0.08 -10.21
C GLN A 377 23.12 -1.31 -9.42
N VAL A 378 23.51 -1.07 -8.16
CA VAL A 378 24.01 -2.14 -7.26
C VAL A 378 22.96 -3.21 -6.93
N ALA A 379 21.75 -2.77 -6.60
CA ALA A 379 20.64 -3.70 -6.35
C ALA A 379 20.45 -4.62 -7.51
N LEU A 380 20.38 -4.09 -8.74
CA LEU A 380 20.20 -4.91 -9.94
C LEU A 380 21.42 -5.82 -10.16
N GLU A 381 22.63 -5.26 -10.02
CA GLU A 381 23.87 -6.01 -10.26
C GLU A 381 23.97 -7.18 -9.30
N VAL A 382 23.84 -6.90 -8.00
CA VAL A 382 23.94 -7.93 -6.99
C VAL A 382 22.82 -8.98 -7.04
N LEU A 383 21.56 -8.56 -7.23
CA LEU A 383 20.50 -9.60 -7.33
C LEU A 383 20.66 -10.46 -8.56
N LEU A 384 20.97 -9.83 -9.68
CA LEU A 384 21.20 -10.56 -10.95
C LEU A 384 22.38 -11.52 -10.91
N GLN A 385 23.40 -11.14 -10.19
CA GLN A 385 24.56 -11.99 -10.11
C GLN A 385 24.36 -13.11 -9.07
N ARG A 386 23.77 -12.79 -7.91
CA ARG A 386 23.54 -13.80 -6.88
C ARG A 386 22.37 -14.73 -7.20
N LEU A 387 21.33 -14.21 -7.87
CA LEU A 387 20.04 -14.91 -8.07
C LEU A 387 19.57 -14.76 -9.50
N PRO A 388 20.34 -15.30 -10.48
CA PRO A 388 19.95 -14.97 -11.87
C PRO A 388 18.56 -15.45 -12.24
N GLY A 389 18.03 -16.37 -11.45
CA GLY A 389 16.71 -16.94 -11.77
C GLY A 389 15.58 -16.39 -10.92
N ILE A 390 15.88 -15.37 -10.10
CA ILE A 390 14.89 -14.76 -9.21
C ILE A 390 13.55 -14.56 -9.95
N ARG A 391 12.43 -14.97 -9.33
CA ARG A 391 11.12 -14.77 -9.93
C ARG A 391 10.04 -14.78 -8.85
N LEU A 392 8.83 -14.39 -9.21
CA LEU A 392 7.76 -14.38 -8.21
C LEU A 392 7.46 -15.78 -7.72
N GLY A 393 7.28 -15.89 -6.40
CA GLY A 393 6.91 -17.14 -5.77
C GLY A 393 5.41 -17.30 -5.67
N ILE A 394 4.65 -16.33 -6.18
CA ILE A 394 3.18 -16.43 -6.29
C ILE A 394 2.79 -15.89 -7.66
N PRO A 395 1.52 -16.12 -8.10
CA PRO A 395 1.21 -15.54 -9.42
C PRO A 395 1.00 -14.00 -9.34
N GLU A 396 1.41 -13.28 -10.41
CA GLU A 396 1.32 -11.81 -10.55
C GLU A 396 0.00 -11.24 -9.95
N THR A 397 -1.10 -11.88 -10.30
CA THR A 397 -2.42 -11.37 -9.98
C THR A 397 -2.76 -11.54 -8.51
N GLN A 398 -1.84 -12.07 -7.73
CA GLN A 398 -2.05 -12.21 -6.27
C GLN A 398 -1.18 -11.29 -5.42
N LEU A 399 -0.31 -10.52 -6.07
CA LEU A 399 0.52 -9.54 -5.40
C LEU A 399 -0.30 -8.50 -4.66
N ARG A 400 0.13 -8.15 -3.44
CA ARG A 400 -0.50 -7.06 -2.70
C ARG A 400 0.31 -5.77 -2.92
N TRP A 401 -0.39 -4.69 -3.28
CA TRP A 401 0.17 -3.40 -3.67
C TRP A 401 -0.06 -2.36 -2.59
N SER A 402 0.95 -1.53 -2.33
CA SER A 402 0.85 -0.58 -1.26
C SER A 402 -0.32 0.39 -1.50
N GLU A 403 -1.07 0.63 -0.44
CA GLU A 403 -2.06 1.69 -0.52
C GLU A 403 -1.69 2.85 0.35
N GLY A 404 -0.39 3.15 0.51
CA GLY A 404 0.02 4.32 1.26
C GLY A 404 -0.32 5.61 0.54
N MET A 405 -0.61 5.52 -0.77
CA MET A 405 -1.15 6.66 -1.55
C MET A 405 -0.14 7.74 -1.93
N LEU A 406 1.15 7.56 -1.56
CA LEU A 406 2.25 8.44 -2.06
C LEU A 406 2.99 7.83 -3.25
N LEU A 407 3.62 6.67 -3.06
CA LEU A 407 4.30 5.98 -4.15
C LEU A 407 3.59 4.68 -4.49
N ARG A 408 3.79 4.20 -5.70
CA ARG A 408 3.26 2.88 -6.06
C ARG A 408 4.30 1.79 -5.99
N GLY A 409 3.97 0.68 -5.34
CA GLY A 409 4.89 -0.42 -5.19
C GLY A 409 4.27 -1.63 -4.48
N PRO A 410 4.88 -2.80 -4.61
CA PRO A 410 4.24 -3.95 -3.96
C PRO A 410 4.55 -3.94 -2.48
N LEU A 411 3.58 -4.34 -1.66
CA LEU A 411 3.82 -4.43 -0.22
C LEU A 411 4.74 -5.57 0.13
N GLU A 412 4.69 -6.66 -0.63
CA GLU A 412 5.54 -7.84 -0.40
C GLU A 412 5.85 -8.40 -1.76
N LEU A 413 7.04 -8.97 -1.89
CA LEU A 413 7.48 -9.60 -3.13
C LEU A 413 8.08 -10.94 -2.77
N PRO A 414 7.23 -11.97 -2.69
CA PRO A 414 7.81 -13.26 -2.29
C PRO A 414 8.52 -13.79 -3.51
N VAL A 415 9.79 -14.11 -3.35
CA VAL A 415 10.57 -14.55 -4.52
C VAL A 415 11.20 -15.95 -4.35
N VAL A 416 11.24 -16.66 -5.47
CA VAL A 416 12.01 -17.89 -5.59
C VAL A 416 13.17 -17.66 -6.53
N TRP A 417 14.17 -18.54 -6.42
CA TRP A 417 15.28 -18.50 -7.35
C TRP A 417 15.90 -19.90 -7.55
N ALA B 24 28.45 -32.16 51.54
CA ALA B 24 27.11 -32.23 50.84
C ALA B 24 27.09 -32.50 49.29
N GLU B 25 28.04 -31.96 48.50
CA GLU B 25 28.13 -32.30 47.02
C GLU B 25 26.85 -31.86 46.30
N PRO B 26 26.94 -30.78 45.51
CA PRO B 26 25.76 -30.02 45.15
C PRO B 26 25.01 -30.60 43.97
N ARG B 27 23.73 -30.31 43.82
CA ARG B 27 23.07 -30.82 42.65
C ARG B 27 22.91 -29.70 41.68
N ALA B 28 22.87 -30.01 40.39
CA ALA B 28 22.63 -28.99 39.39
C ALA B 28 21.23 -28.50 39.62
N TYR B 29 21.06 -27.20 39.63
CA TYR B 29 19.76 -26.59 39.84
C TYR B 29 19.55 -25.56 38.71
N PRO B 30 18.29 -25.31 38.28
CA PRO B 30 16.96 -25.74 38.83
C PRO B 30 16.65 -27.18 38.57
N PHE B 31 15.68 -27.73 39.30
CA PHE B 31 15.19 -29.07 39.03
C PHE B 31 13.99 -29.08 38.09
N ASN B 32 13.11 -28.07 38.15
CA ASN B 32 11.90 -28.16 37.30
C ASN B 32 12.27 -28.13 35.80
N ASP B 33 11.61 -28.96 34.98
CA ASP B 33 11.69 -28.82 33.55
C ASP B 33 10.82 -27.62 33.20
N VAL B 34 11.33 -26.70 32.37
CA VAL B 34 10.51 -25.51 32.02
C VAL B 34 9.35 -25.83 31.05
N HIS B 35 9.34 -27.01 30.45
CA HIS B 35 8.31 -27.31 29.45
C HIS B 35 7.04 -27.91 30.06
N GLY B 36 6.43 -27.20 31.00
CA GLY B 36 5.29 -27.69 31.75
C GLY B 36 5.32 -27.07 33.13
N LEU B 37 4.41 -27.56 34.00
CA LEU B 37 4.26 -27.08 35.36
C LEU B 37 4.47 -28.20 36.37
N THR B 38 4.92 -29.35 35.89
CA THR B 38 5.33 -30.46 36.77
C THR B 38 6.32 -29.94 37.84
N LEU B 39 6.07 -30.30 39.10
CA LEU B 39 7.05 -30.19 40.16
C LEU B 39 8.11 -31.30 40.09
N ALA B 40 9.37 -30.93 39.93
CA ALA B 40 10.40 -32.00 39.84
C ALA B 40 10.26 -32.96 41.03
N GLY B 41 10.41 -34.28 40.82
CA GLY B 41 10.38 -35.23 41.92
C GLY B 41 11.53 -35.08 42.91
N ARG B 42 12.58 -34.38 42.46
CA ARG B 42 13.76 -34.18 43.30
C ARG B 42 13.39 -33.40 44.58
N TYR B 43 12.48 -32.47 44.47
CA TYR B 43 12.04 -31.74 45.69
C TYR B 43 11.50 -32.63 46.81
N GLY B 44 10.60 -33.55 46.48
CA GLY B 44 10.04 -34.41 47.52
C GLY B 44 11.08 -35.32 48.15
N GLU B 45 12.01 -35.78 47.31
CA GLU B 45 13.16 -36.57 47.74
C GLU B 45 13.93 -35.80 48.77
N LEU B 46 14.23 -34.53 48.48
CA LEU B 46 14.99 -33.70 49.43
C LEU B 46 14.17 -33.40 50.70
N GLN B 47 12.88 -33.05 50.53
CA GLN B 47 12.02 -32.84 51.69
C GLN B 47 12.16 -33.97 52.64
N GLU B 48 12.30 -35.18 52.10
CA GLU B 48 12.45 -36.37 52.92
C GLU B 48 13.88 -36.66 53.42
N THR B 49 14.91 -36.62 52.57
CA THR B 49 16.25 -37.09 53.00
C THR B 49 17.25 -35.94 53.21
N GLU B 50 16.95 -34.72 52.74
CA GLU B 50 17.98 -33.64 52.77
C GLU B 50 17.33 -32.26 52.62
N PRO B 51 16.57 -31.90 53.67
CA PRO B 51 15.70 -30.71 53.58
C PRO B 51 16.51 -29.40 53.53
N VAL B 52 17.79 -29.47 53.89
CA VAL B 52 18.71 -28.36 53.62
C VAL B 52 19.85 -28.91 52.78
N SER B 53 19.87 -28.54 51.50
CA SER B 53 20.84 -29.17 50.61
C SER B 53 21.55 -28.16 49.75
N ARG B 54 22.57 -28.61 48.99
CA ARG B 54 23.44 -27.73 48.21
C ARG B 54 23.10 -27.78 46.76
N VAL B 55 23.03 -26.62 46.15
CA VAL B 55 22.72 -26.57 44.76
C VAL B 55 23.72 -25.69 44.00
N ARG B 56 23.94 -26.04 42.74
N ARG B 56 23.98 -26.06 42.75
CA ARG B 56 24.79 -25.27 41.85
CA ARG B 56 24.77 -25.24 41.87
C ARG B 56 23.90 -24.70 40.74
C ARG B 56 23.88 -24.70 40.77
N PRO B 57 23.66 -23.38 40.77
CA PRO B 57 22.84 -22.73 39.74
C PRO B 57 23.66 -22.56 38.44
N PRO B 58 22.99 -22.19 37.33
CA PRO B 58 23.63 -21.95 36.06
C PRO B 58 24.53 -20.72 36.16
N TYR B 59 24.11 -19.70 36.90
CA TYR B 59 24.90 -18.52 37.21
C TYR B 59 24.83 -18.18 38.68
N GLY B 60 25.92 -17.60 39.17
CA GLY B 60 25.95 -17.11 40.54
C GLY B 60 26.53 -18.19 41.42
N GLU B 61 26.57 -17.92 42.73
CA GLU B 61 27.13 -18.87 43.72
C GLU B 61 26.26 -20.12 43.99
N GLU B 62 26.93 -21.20 44.38
CA GLU B 62 26.26 -22.31 45.07
C GLU B 62 25.53 -21.76 46.26
N ALA B 63 24.40 -22.40 46.59
CA ALA B 63 23.56 -21.94 47.66
C ALA B 63 22.98 -23.13 48.42
N TRP B 64 22.42 -22.84 49.59
CA TRP B 64 21.62 -23.81 50.25
C TRP B 64 20.21 -23.78 49.68
N LEU B 65 19.60 -24.94 49.57
CA LEU B 65 18.19 -25.01 49.16
C LEU B 65 17.41 -25.63 50.30
N VAL B 66 16.38 -24.89 50.69
CA VAL B 66 15.49 -25.30 51.77
C VAL B 66 14.14 -25.63 51.14
N THR B 67 13.57 -26.78 51.49
CA THR B 67 12.37 -27.26 50.78
C THR B 67 11.16 -27.64 51.64
N ARG B 68 11.30 -27.84 52.94
CA ARG B 68 10.11 -28.12 53.75
C ARG B 68 9.34 -26.84 54.02
N TYR B 69 8.00 -26.96 53.96
CA TYR B 69 7.11 -25.86 54.32
C TYR B 69 7.55 -25.12 55.58
N GLU B 70 7.76 -25.86 56.65
CA GLU B 70 8.06 -25.30 57.97
C GLU B 70 9.35 -24.45 57.91
N ASP B 71 10.38 -24.99 57.25
CA ASP B 71 11.70 -24.34 57.07
C ASP B 71 11.66 -23.14 56.12
N VAL B 72 10.95 -23.31 55.01
CA VAL B 72 10.78 -22.22 54.08
C VAL B 72 10.07 -21.03 54.75
N ARG B 73 8.94 -21.28 55.39
CA ARG B 73 8.29 -20.22 56.18
C ARG B 73 9.26 -19.60 57.22
N ALA B 74 10.01 -20.45 57.92
CA ALA B 74 10.83 -19.99 59.01
C ALA B 74 11.94 -19.06 58.51
N VAL B 75 12.61 -19.41 57.41
CA VAL B 75 13.62 -18.58 56.82
C VAL B 75 13.09 -17.24 56.29
N LEU B 76 11.99 -17.26 55.53
CA LEU B 76 11.35 -16.00 55.06
C LEU B 76 10.85 -15.10 56.20
N GLY B 77 10.56 -15.70 57.37
CA GLY B 77 10.10 -14.88 58.47
C GLY B 77 11.21 -14.47 59.45
N ASP B 78 12.46 -14.87 59.20
CA ASP B 78 13.43 -14.86 60.26
C ASP B 78 14.39 -13.67 60.07
N GLY B 79 14.54 -12.85 61.10
CA GLY B 79 15.35 -11.64 61.05
C GLY B 79 16.81 -11.87 60.66
N ARG B 80 17.33 -13.08 60.84
CA ARG B 80 18.72 -13.36 60.50
C ARG B 80 18.97 -13.58 58.99
N PHE B 81 17.93 -13.46 58.17
CA PHE B 81 18.04 -13.79 56.77
C PHE B 81 17.60 -12.57 55.99
N VAL B 82 18.57 -11.94 55.33
CA VAL B 82 18.39 -10.59 54.80
C VAL B 82 18.57 -10.62 53.29
N ARG B 83 18.12 -9.57 52.61
CA ARG B 83 18.23 -9.42 51.15
C ARG B 83 19.23 -8.34 50.69
N GLY B 84 19.67 -7.47 51.61
CA GLY B 84 20.57 -6.32 51.28
C GLY B 84 21.83 -6.79 50.53
N PRO B 85 22.46 -7.89 50.97
CA PRO B 85 23.63 -8.34 50.24
C PRO B 85 23.35 -8.65 48.75
N SER B 86 22.09 -8.82 48.36
CA SER B 86 21.82 -9.05 46.93
C SER B 86 22.59 -8.05 46.05
N MET B 87 22.69 -6.82 46.52
CA MET B 87 23.27 -5.71 45.77
C MET B 87 24.75 -5.88 45.45
N THR B 88 25.48 -6.64 46.27
CA THR B 88 26.89 -6.78 46.14
C THR B 88 27.34 -8.26 46.10
N ARG B 89 26.40 -9.15 45.75
CA ARG B 89 26.65 -10.57 45.67
C ARG B 89 26.27 -11.15 44.30
N ASP B 90 26.88 -12.27 43.95
CA ASP B 90 26.63 -12.91 42.67
C ASP B 90 25.52 -13.96 42.92
N GLU B 91 24.26 -13.52 42.78
CA GLU B 91 23.11 -14.31 43.18
C GLU B 91 22.95 -15.58 42.36
N PRO B 92 22.65 -16.71 43.02
CA PRO B 92 22.27 -17.94 42.35
C PRO B 92 21.06 -17.64 41.48
N ARG B 93 21.07 -18.04 40.22
CA ARG B 93 20.05 -17.56 39.28
C ARG B 93 20.14 -18.36 38.00
N THR B 94 19.17 -18.15 37.13
CA THR B 94 19.14 -18.87 35.85
C THR B 94 19.54 -18.05 34.63
N ARG B 95 19.67 -16.74 34.74
CA ARG B 95 19.97 -15.91 33.58
C ARG B 95 21.27 -15.11 33.80
N PRO B 96 22.02 -14.81 32.72
CA PRO B 96 23.30 -14.12 32.97
C PRO B 96 23.12 -12.76 33.66
N GLU B 97 22.14 -11.97 33.26
CA GLU B 97 22.05 -10.63 33.80
C GLU B 97 21.40 -10.66 35.17
N MET B 98 21.61 -9.59 35.92
CA MET B 98 20.99 -9.49 37.22
C MET B 98 20.08 -8.27 37.26
N VAL B 99 18.86 -8.49 37.69
CA VAL B 99 17.93 -7.40 37.94
C VAL B 99 18.03 -7.06 39.44
N LYS B 100 18.61 -5.91 39.78
CA LYS B 100 18.91 -5.61 41.18
C LYS B 100 18.07 -4.42 41.66
N GLY B 101 17.92 -4.27 42.98
CA GLY B 101 17.20 -3.09 43.53
C GLY B 101 15.69 -3.26 43.76
N GLY B 102 15.00 -2.19 44.14
CA GLY B 102 13.54 -2.32 44.47
C GLY B 102 13.35 -2.71 45.92
N LEU B 103 12.10 -2.76 46.39
CA LEU B 103 11.80 -3.20 47.72
C LEU B 103 12.48 -4.55 48.07
N LEU B 104 12.57 -5.47 47.11
CA LEU B 104 13.01 -6.81 47.41
C LEU B 104 14.52 -6.93 47.63
N SER B 105 15.26 -5.83 47.53
CA SER B 105 16.69 -5.90 47.83
C SER B 105 17.01 -5.08 49.05
N MET B 106 15.98 -4.64 49.77
CA MET B 106 16.14 -3.85 50.98
C MET B 106 15.80 -4.65 52.25
N ASP B 107 16.46 -4.27 53.33
CA ASP B 107 16.14 -4.79 54.64
C ASP B 107 15.58 -3.70 55.54
N PRO B 108 14.92 -4.08 56.62
CA PRO B 108 14.55 -3.10 57.66
C PRO B 108 15.84 -2.43 58.20
N PRO B 109 15.81 -1.14 58.61
CA PRO B 109 14.68 -0.21 58.60
C PRO B 109 14.32 0.42 57.25
N GLU B 110 15.20 0.40 56.25
CA GLU B 110 14.95 1.17 54.99
C GLU B 110 13.75 0.61 54.23
N HIS B 111 13.70 -0.71 54.18
CA HIS B 111 12.53 -1.46 53.68
C HIS B 111 11.26 -1.04 54.43
N SER B 112 11.31 -1.08 55.76
CA SER B 112 10.13 -0.85 56.57
C SER B 112 9.51 0.50 56.22
N ARG B 113 10.35 1.53 56.10
CA ARG B 113 9.85 2.87 55.81
C ARG B 113 9.18 2.98 54.43
N LEU B 114 9.85 2.51 53.39
CA LEU B 114 9.23 2.53 52.09
C LEU B 114 7.92 1.72 52.03
N ARG B 115 7.96 0.53 52.59
CA ARG B 115 6.81 -0.30 52.55
C ARG B 115 5.57 0.33 53.27
N ARG B 116 5.78 0.96 54.43
CA ARG B 116 4.74 1.68 55.18
C ARG B 116 4.12 2.76 54.33
N LEU B 117 4.92 3.57 53.66
CA LEU B 117 4.36 4.65 52.84
C LEU B 117 3.52 4.08 51.72
N VAL B 118 4.02 3.03 51.06
CA VAL B 118 3.31 2.42 49.93
C VAL B 118 2.02 1.69 50.33
N VAL B 119 2.04 0.92 51.42
CA VAL B 119 0.82 0.21 51.80
C VAL B 119 -0.27 1.16 52.31
N LYS B 120 0.12 2.28 52.91
CA LYS B 120 -0.80 3.34 53.23
C LYS B 120 -1.70 3.72 52.05
N ALA B 121 -1.10 3.79 50.88
CA ALA B 121 -1.80 4.20 49.67
C ALA B 121 -2.44 3.01 48.91
N PHE B 122 -1.69 1.91 48.81
CA PHE B 122 -2.05 0.74 48.00
C PHE B 122 -2.71 -0.30 48.92
N THR B 123 -3.98 -0.04 49.27
CA THR B 123 -4.67 -0.79 50.34
C THR B 123 -5.42 -1.94 49.73
N ALA B 124 -5.84 -2.94 50.52
CA ALA B 124 -6.71 -4.04 50.00
C ALA B 124 -8.04 -3.47 49.44
N ARG B 125 -8.59 -2.50 50.16
CA ARG B 125 -9.75 -1.77 49.71
C ARG B 125 -9.57 -1.10 48.32
N ARG B 126 -8.41 -0.49 48.04
CA ARG B 126 -8.16 0.03 46.70
C ARG B 126 -8.15 -1.08 45.65
N ALA B 127 -7.47 -2.17 45.96
CA ALA B 127 -7.47 -3.36 45.14
C ALA B 127 -8.91 -3.87 44.88
N GLU B 128 -9.72 -4.06 45.92
CA GLU B 128 -11.10 -4.51 45.70
C GLU B 128 -11.84 -3.49 44.79
N SER B 129 -11.62 -2.21 44.99
CA SER B 129 -12.33 -1.19 44.22
C SER B 129 -12.07 -1.27 42.72
N LEU B 130 -11.01 -1.98 42.32
CA LEU B 130 -10.67 -2.15 40.91
C LEU B 130 -11.37 -3.32 40.25
N ARG B 131 -11.96 -4.21 41.06
CA ARG B 131 -12.63 -5.39 40.47
C ARG B 131 -13.56 -5.03 39.28
N PRO B 132 -14.43 -3.99 39.44
CA PRO B 132 -15.41 -3.71 38.37
C PRO B 132 -14.72 -3.25 37.08
N ARG B 133 -13.68 -2.41 37.21
CA ARG B 133 -12.85 -2.00 36.07
C ARG B 133 -12.11 -3.17 35.45
N ALA B 134 -11.59 -4.07 36.29
CA ALA B 134 -10.91 -5.25 35.81
C ALA B 134 -11.83 -6.16 35.05
N ARG B 135 -13.07 -6.33 35.51
CA ARG B 135 -14.03 -7.15 34.75
C ARG B 135 -14.30 -6.58 33.37
N GLU B 136 -14.44 -5.26 33.30
CA GLU B 136 -14.75 -4.56 32.06
C GLU B 136 -13.63 -4.75 31.06
N ILE B 137 -12.39 -4.47 31.49
CA ILE B 137 -11.20 -4.74 30.67
C ILE B 137 -11.20 -6.22 30.21
N ALA B 138 -11.48 -7.15 31.11
CA ALA B 138 -11.50 -8.57 30.72
C ALA B 138 -12.56 -8.86 29.62
N HIS B 139 -13.75 -8.29 29.75
CA HIS B 139 -14.79 -8.41 28.72
C HIS B 139 -14.35 -7.82 27.36
N GLU B 140 -13.74 -6.65 27.40
CA GLU B 140 -13.16 -6.02 26.21
C GLU B 140 -12.14 -6.93 25.57
N LEU B 141 -11.24 -7.52 26.36
CA LEU B 141 -10.26 -8.43 25.80
C LEU B 141 -10.91 -9.60 25.10
N VAL B 142 -11.90 -10.22 25.74
CA VAL B 142 -12.63 -11.33 25.15
C VAL B 142 -13.33 -10.86 23.83
N ASP B 143 -13.82 -9.61 23.81
CA ASP B 143 -14.49 -9.07 22.58
C ASP B 143 -13.50 -9.17 21.43
N GLN B 144 -12.27 -8.72 21.70
CA GLN B 144 -11.25 -8.74 20.69
C GLN B 144 -10.88 -10.14 20.20
N MET B 145 -10.83 -11.12 21.10
CA MET B 145 -10.59 -12.51 20.73
C MET B 145 -11.75 -13.04 19.88
N ALA B 146 -12.97 -12.77 20.33
CA ALA B 146 -14.18 -13.11 19.51
C ALA B 146 -14.09 -12.50 18.08
N ALA B 147 -13.77 -11.20 18.02
CA ALA B 147 -13.62 -10.45 16.77
C ALA B 147 -12.55 -10.98 15.79
N THR B 148 -11.61 -11.84 16.21
CA THR B 148 -10.63 -12.39 15.28
C THR B 148 -10.88 -13.88 15.04
N GLY B 149 -11.81 -14.48 15.78
CA GLY B 149 -12.19 -15.84 15.47
C GLY B 149 -11.27 -16.85 16.08
N GLN B 150 -11.82 -18.04 16.27
CA GLN B 150 -11.13 -19.20 16.78
C GLN B 150 -10.20 -19.78 15.71
N PRO B 151 -9.05 -20.39 16.13
CA PRO B 151 -8.53 -20.31 17.51
C PRO B 151 -7.88 -18.96 17.78
N ALA B 152 -8.07 -18.42 18.98
CA ALA B 152 -7.40 -17.16 19.34
C ALA B 152 -6.24 -17.51 20.29
N ASP B 153 -5.20 -16.67 20.32
CA ASP B 153 -4.11 -16.85 21.29
C ASP B 153 -4.44 -16.19 22.64
N LEU B 154 -4.84 -16.99 23.62
CA LEU B 154 -5.21 -16.46 24.92
C LEU B 154 -4.06 -15.71 25.63
N VAL B 155 -2.82 -16.12 25.38
CA VAL B 155 -1.64 -15.42 25.93
C VAL B 155 -1.46 -13.97 25.43
N ALA B 156 -1.25 -13.82 24.12
CA ALA B 156 -1.07 -12.50 23.47
C ALA B 156 -2.29 -11.59 23.67
N MET B 157 -3.47 -12.18 23.52
CA MET B 157 -4.74 -11.39 23.48
C MET B 157 -5.36 -11.05 24.85
N PHE B 158 -5.06 -11.86 25.86
CA PHE B 158 -5.72 -11.71 27.14
C PHE B 158 -4.71 -11.67 28.30
N ALA B 159 -3.88 -12.72 28.46
CA ALA B 159 -3.08 -12.90 29.69
C ALA B 159 -2.03 -11.81 29.74
N ARG B 160 -1.42 -11.51 28.58
CA ARG B 160 -0.46 -10.41 28.52
C ARG B 160 -1.10 -9.03 28.47
N GLN B 161 -2.42 -8.93 28.49
CA GLN B 161 -3.06 -7.65 28.28
C GLN B 161 -3.72 -7.19 29.57
N LEU B 162 -4.42 -8.10 30.25
CA LEU B 162 -5.14 -7.69 31.43
C LEU B 162 -4.25 -7.12 32.58
N PRO B 163 -3.13 -7.80 32.97
CA PRO B 163 -2.46 -7.22 34.17
C PRO B 163 -1.77 -5.88 33.97
N VAL B 164 -1.27 -5.59 32.76
CA VAL B 164 -0.68 -4.24 32.58
C VAL B 164 -1.75 -3.13 32.49
N ARG B 165 -2.88 -3.42 31.83
CA ARG B 165 -4.00 -2.48 31.83
C ARG B 165 -4.61 -2.24 33.24
N VAL B 166 -4.74 -3.28 34.07
CA VAL B 166 -5.25 -3.08 35.42
C VAL B 166 -4.26 -2.20 36.23
N ILE B 167 -2.96 -2.46 36.06
CA ILE B 167 -1.91 -1.58 36.59
C ILE B 167 -2.03 -0.13 36.06
N CYS B 168 -2.37 0.06 34.77
CA CYS B 168 -2.62 1.46 34.29
C CYS B 168 -3.79 2.06 35.12
N GLU B 169 -4.89 1.31 35.19
CA GLU B 169 -6.07 1.74 35.96
C GLU B 169 -5.69 2.07 37.42
N LEU B 170 -4.88 1.19 38.06
CA LEU B 170 -4.42 1.41 39.45
C LEU B 170 -3.65 2.72 39.67
N LEU B 171 -2.59 2.89 38.90
CA LEU B 171 -1.68 4.05 39.00
C LEU B 171 -2.39 5.35 38.64
N GLY B 172 -3.20 5.27 37.58
CA GLY B 172 -4.01 6.41 37.16
C GLY B 172 -3.61 6.89 35.80
N VAL B 173 -3.13 5.99 34.95
CA VAL B 173 -2.79 6.32 33.58
C VAL B 173 -4.10 6.57 32.82
N PRO B 174 -4.28 7.79 32.23
CA PRO B 174 -5.53 8.09 31.48
C PRO B 174 -5.73 7.04 30.45
N SER B 175 -6.98 6.64 30.29
CA SER B 175 -7.37 5.59 29.39
C SER B 175 -6.72 5.72 27.98
N ALA B 176 -6.65 6.97 27.45
CA ALA B 176 -6.05 7.22 26.12
C ALA B 176 -4.60 6.76 26.01
N ASP B 177 -3.89 6.75 27.14
CA ASP B 177 -2.50 6.30 27.19
C ASP B 177 -2.27 4.78 27.44
N HIS B 178 -3.32 3.98 27.61
CA HIS B 178 -3.13 2.60 28.03
C HIS B 178 -2.44 1.80 26.96
N ASP B 179 -2.81 2.02 25.70
CA ASP B 179 -2.10 1.38 24.60
C ASP B 179 -0.59 1.63 24.55
N ARG B 180 -0.13 2.87 24.52
CA ARG B 180 1.32 3.03 24.44
C ARG B 180 2.00 2.48 25.68
N PHE B 181 1.39 2.72 26.85
CA PHE B 181 1.92 2.17 28.10
C PHE B 181 2.04 0.65 28.09
N THR B 182 1.02 -0.02 27.61
CA THR B 182 1.07 -1.46 27.39
C THR B 182 2.21 -1.87 26.46
N ARG B 183 2.31 -1.20 25.32
CA ARG B 183 3.33 -1.49 24.34
C ARG B 183 4.74 -1.37 24.93
N TRP B 184 5.05 -0.27 25.63
CA TRP B 184 6.33 -0.11 26.31
C TRP B 184 6.58 -1.26 27.26
N SER B 185 5.53 -1.57 28.07
CA SER B 185 5.63 -2.56 29.13
C SER B 185 5.93 -3.94 28.60
N GLY B 186 5.48 -4.27 27.39
CA GLY B 186 5.72 -5.59 26.86
C GLY B 186 7.22 -5.81 26.66
N ALA B 187 8.00 -4.73 26.57
CA ALA B 187 9.43 -4.95 26.36
C ALA B 187 10.12 -5.34 27.64
N PHE B 188 9.42 -5.31 28.77
CA PHE B 188 10.03 -5.71 30.03
C PHE B 188 9.80 -7.19 30.31
N LEU B 189 8.95 -7.85 29.51
CA LEU B 189 8.64 -9.24 29.81
C LEU B 189 9.90 -10.06 29.51
N SER B 190 10.18 -11.07 30.33
CA SER B 190 11.34 -11.93 30.14
C SER B 190 11.24 -12.73 28.86
N THR B 191 10.07 -12.70 28.25
CA THR B 191 9.81 -13.51 27.06
C THR B 191 9.93 -12.62 25.86
N ALA B 192 10.27 -11.35 26.05
CA ALA B 192 10.33 -10.38 24.93
C ALA B 192 11.49 -10.63 23.93
N GLU B 193 11.15 -10.60 22.64
CA GLU B 193 12.14 -10.76 21.57
C GLU B 193 12.57 -9.39 21.11
N VAL B 194 13.38 -8.72 21.89
CA VAL B 194 13.73 -7.38 21.56
C VAL B 194 15.18 -7.22 21.94
N THR B 195 15.86 -6.37 21.21
CA THR B 195 17.22 -6.04 21.59
C THR B 195 17.24 -5.29 22.93
N ALA B 196 18.39 -5.26 23.56
CA ALA B 196 18.62 -4.44 24.74
C ALA B 196 18.34 -2.94 24.54
N GLU B 197 18.71 -2.41 23.37
N GLU B 197 18.71 -2.39 23.39
CA GLU B 197 18.50 -1.01 23.02
CA GLU B 197 18.48 -0.97 23.15
C GLU B 197 17.00 -0.73 22.94
C GLU B 197 16.99 -0.70 22.92
N GLU B 198 16.29 -1.63 22.26
CA GLU B 198 14.83 -1.57 22.17
C GLU B 198 14.22 -1.48 23.60
N MET B 199 14.54 -2.45 24.46
CA MET B 199 14.16 -2.40 25.85
C MET B 199 14.53 -1.11 26.59
N GLN B 200 15.76 -0.64 26.37
CA GLN B 200 16.19 0.65 26.90
C GLN B 200 15.33 1.85 26.48
N GLU B 201 14.87 1.83 25.23
CA GLU B 201 14.02 2.90 24.75
C GLU B 201 12.63 2.83 25.43
N ALA B 202 12.00 1.67 25.44
CA ALA B 202 10.76 1.46 26.18
C ALA B 202 10.90 1.86 27.64
N ALA B 203 12.04 1.52 28.26
CA ALA B 203 12.24 1.85 29.66
C ALA B 203 12.30 3.37 29.91
N GLU B 204 13.02 4.13 29.08
CA GLU B 204 13.04 5.54 29.41
C GLU B 204 11.78 6.31 28.97
N GLN B 205 11.01 5.76 28.03
CA GLN B 205 9.66 6.28 27.73
C GLN B 205 8.70 6.10 28.93
N ALA B 206 8.69 4.88 29.50
CA ALA B 206 7.91 4.56 30.70
C ALA B 206 8.31 5.44 31.87
N TYR B 207 9.62 5.56 32.11
CA TYR B 207 10.10 6.48 33.15
C TYR B 207 9.66 7.93 32.93
N ALA B 208 9.94 8.46 31.76
CA ALA B 208 9.57 9.84 31.45
C ALA B 208 8.05 10.07 31.60
N TYR B 209 7.25 9.17 31.04
CA TYR B 209 5.83 9.26 31.24
C TYR B 209 5.40 9.25 32.72
N MET B 210 5.96 8.34 33.49
CA MET B 210 5.55 8.15 34.87
C MET B 210 5.95 9.37 35.68
N GLY B 211 7.14 9.92 35.45
CA GLY B 211 7.56 11.19 36.06
C GLY B 211 6.59 12.33 35.77
N ASP B 212 6.11 12.42 34.52
N ASP B 212 6.10 12.40 34.53
CA ASP B 212 5.20 13.51 34.15
CA ASP B 212 5.17 13.46 34.09
C ASP B 212 3.85 13.33 34.87
C ASP B 212 3.83 13.33 34.80
N LEU B 213 3.32 12.10 34.83
CA LEU B 213 2.06 11.78 35.58
C LEU B 213 2.19 12.05 37.06
N ILE B 214 3.33 11.65 37.66
CA ILE B 214 3.57 11.98 39.07
C ILE B 214 3.51 13.49 39.33
N ASP B 215 4.13 14.28 38.45
CA ASP B 215 4.16 15.73 38.60
C ASP B 215 2.77 16.37 38.44
N ARG B 216 1.97 15.89 37.49
N ARG B 216 1.99 15.92 37.46
CA ARG B 216 0.58 16.35 37.27
CA ARG B 216 0.61 16.39 37.33
C ARG B 216 -0.37 16.00 38.41
C ARG B 216 -0.06 16.13 38.65
N ARG B 217 -0.14 14.85 39.03
CA ARG B 217 -0.85 14.44 40.26
C ARG B 217 -0.44 15.23 41.49
N ARG B 218 0.85 15.56 41.61
CA ARG B 218 1.26 16.41 42.71
C ARG B 218 0.51 17.74 42.74
N LYS B 219 0.39 18.39 41.60
CA LYS B 219 -0.25 19.68 41.61
C LYS B 219 -1.76 19.54 41.53
N GLU B 220 -2.24 18.48 40.89
CA GLU B 220 -3.67 18.25 40.75
C GLU B 220 -4.07 16.76 41.02
N PRO B 221 -4.13 16.39 42.31
CA PRO B 221 -4.38 15.01 42.85
C PRO B 221 -5.76 14.48 42.49
N THR B 222 -5.88 13.21 42.11
CA THR B 222 -7.18 12.59 41.82
C THR B 222 -7.34 11.49 42.86
N ASP B 223 -8.08 10.44 42.57
CA ASP B 223 -8.18 9.38 43.50
C ASP B 223 -7.36 8.13 43.14
N ASP B 224 -6.42 8.24 42.19
CA ASP B 224 -5.64 7.03 41.76
C ASP B 224 -4.49 6.74 42.73
N LEU B 225 -3.74 5.67 42.48
CA LEU B 225 -2.61 5.28 43.35
C LEU B 225 -1.46 6.31 43.34
N VAL B 226 -1.11 6.86 42.17
CA VAL B 226 -0.03 7.88 42.11
C VAL B 226 -0.40 9.04 43.00
N SER B 227 -1.61 9.60 42.85
CA SER B 227 -2.06 10.69 43.75
C SER B 227 -1.88 10.31 45.21
N ALA B 228 -2.40 9.14 45.62
CA ALA B 228 -2.32 8.76 47.04
C ALA B 228 -0.87 8.47 47.47
N LEU B 229 -0.03 8.05 46.55
CA LEU B 229 1.39 7.86 46.91
C LEU B 229 2.04 9.20 47.15
N VAL B 230 1.74 10.18 46.29
CA VAL B 230 2.29 11.51 46.51
C VAL B 230 1.84 12.05 47.90
N GLN B 231 0.59 11.81 48.26
CA GLN B 231 0.08 12.40 49.52
C GLN B 231 0.49 11.65 50.80
N ALA B 232 0.98 10.41 50.63
CA ALA B 232 1.33 9.53 51.76
C ALA B 232 2.33 10.18 52.73
N ARG B 233 2.00 10.10 54.01
CA ARG B 233 2.81 10.67 55.09
C ARG B 233 2.94 9.62 56.19
N ASP B 234 4.14 9.49 56.77
CA ASP B 234 4.34 8.65 57.94
C ASP B 234 5.26 9.32 58.94
N GLN B 235 4.78 9.47 60.18
CA GLN B 235 5.21 10.55 61.08
C GLN B 235 5.11 11.76 60.17
N GLN B 236 6.23 12.43 59.89
CA GLN B 236 6.19 13.56 58.95
C GLN B 236 6.94 13.23 57.64
N ASP B 237 7.33 11.96 57.50
CA ASP B 237 8.03 11.46 56.32
C ASP B 237 7.17 11.30 55.05
N SER B 238 7.78 11.49 53.89
CA SER B 238 7.09 11.23 52.63
C SER B 238 8.02 10.56 51.61
N LEU B 239 7.47 10.20 50.46
CA LEU B 239 8.23 9.61 49.37
C LEU B 239 8.85 10.71 48.50
N SER B 240 10.17 10.61 48.31
CA SER B 240 10.90 11.53 47.44
C SER B 240 10.43 11.36 46.01
N GLU B 241 10.81 12.32 45.18
CA GLU B 241 10.50 12.30 43.77
C GLU B 241 10.99 11.02 43.09
N GLN B 242 12.22 10.64 43.43
CA GLN B 242 12.84 9.46 42.87
C GLN B 242 12.19 8.17 43.44
N GLU B 243 11.93 8.16 44.75
CA GLU B 243 11.23 7.03 45.37
C GLU B 243 9.89 6.73 44.72
N LEU B 244 9.04 7.76 44.60
CA LEU B 244 7.78 7.71 43.84
C LEU B 244 7.91 7.05 42.49
N LEU B 245 8.92 7.48 41.75
CA LEU B 245 9.05 7.02 40.40
C LEU B 245 9.55 5.59 40.38
N ASP B 246 10.51 5.28 41.24
CA ASP B 246 11.02 3.91 41.34
C ASP B 246 9.95 2.94 41.81
N LEU B 247 9.09 3.38 42.72
CA LEU B 247 8.07 2.48 43.24
C LEU B 247 6.97 2.29 42.23
N ALA B 248 6.67 3.33 41.46
CA ALA B 248 5.61 3.19 40.45
C ALA B 248 6.06 2.22 39.38
N ILE B 249 7.28 2.42 38.88
CA ILE B 249 7.78 1.47 37.92
C ILE B 249 7.94 0.05 38.53
N GLY B 250 8.35 -0.03 39.80
CA GLY B 250 8.63 -1.32 40.45
C GLY B 250 7.36 -2.13 40.61
N LEU B 251 6.24 -1.44 40.87
CA LEU B 251 4.91 -2.07 40.94
C LEU B 251 4.45 -2.61 39.61
N LEU B 252 4.68 -1.84 38.52
CA LEU B 252 4.48 -2.34 37.16
C LEU B 252 5.20 -3.66 36.91
N VAL B 253 6.51 -3.69 37.15
CA VAL B 253 7.27 -4.91 36.75
C VAL B 253 6.99 -6.10 37.71
N ALA B 254 6.78 -5.81 39.00
CA ALA B 254 6.46 -6.86 39.97
C ALA B 254 5.05 -7.42 39.70
N GLY B 255 4.15 -6.59 39.16
CA GLY B 255 2.79 -6.97 38.93
C GLY B 255 2.35 -7.38 37.55
N TYR B 256 3.23 -7.26 36.56
CA TYR B 256 2.87 -7.56 35.18
C TYR B 256 3.08 -9.03 34.81
N GLU B 257 4.32 -9.39 34.49
CA GLU B 257 4.66 -10.74 34.09
C GLU B 257 4.17 -11.83 35.06
N SER B 258 4.30 -11.58 36.36
N SER B 258 4.28 -11.58 36.35
CA SER B 258 3.80 -12.54 37.36
CA SER B 258 3.78 -12.59 37.31
C SER B 258 2.33 -12.93 37.10
C SER B 258 2.31 -12.95 37.08
N THR B 259 1.46 -11.93 36.99
CA THR B 259 0.03 -12.13 36.93
C THR B 259 -0.28 -12.75 35.58
N THR B 260 0.44 -12.26 34.56
CA THR B 260 0.20 -12.69 33.21
C THR B 260 0.45 -14.18 33.11
N THR B 261 1.56 -14.63 33.64
CA THR B 261 1.95 -16.04 33.54
C THR B 261 1.02 -16.93 34.36
N GLN B 262 0.58 -16.44 35.51
CA GLN B 262 -0.30 -17.20 36.37
C GLN B 262 -1.73 -17.31 35.75
N ILE B 263 -2.22 -16.24 35.12
CA ILE B 263 -3.44 -16.34 34.31
C ILE B 263 -3.31 -17.45 33.26
N ALA B 264 -2.30 -17.33 32.38
CA ALA B 264 -2.02 -18.36 31.40
C ALA B 264 -2.02 -19.79 31.99
N ASP B 265 -1.32 -19.96 33.12
CA ASP B 265 -1.17 -21.27 33.76
C ASP B 265 -2.50 -21.79 34.32
N PHE B 266 -3.25 -20.92 35.00
CA PHE B 266 -4.57 -21.32 35.51
C PHE B 266 -5.51 -21.72 34.40
N VAL B 267 -5.50 -21.00 33.27
CA VAL B 267 -6.49 -21.32 32.21
C VAL B 267 -6.03 -22.61 31.53
N TYR B 268 -4.72 -22.81 31.42
CA TYR B 268 -4.20 -24.03 30.88
C TYR B 268 -4.67 -25.22 31.72
N LEU B 269 -4.61 -25.05 33.06
CA LEU B 269 -5.05 -26.10 33.94
C LEU B 269 -6.58 -26.30 33.79
N LEU B 270 -7.33 -25.22 33.69
CA LEU B 270 -8.77 -25.36 33.54
C LEU B 270 -9.12 -26.12 32.25
N MET B 271 -8.33 -25.85 31.19
CA MET B 271 -8.64 -26.40 29.91
C MET B 271 -8.23 -27.83 29.77
N THR B 272 -7.28 -28.30 30.58
CA THR B 272 -6.78 -29.66 30.43
C THR B 272 -7.25 -30.58 31.52
N ARG B 273 -8.00 -30.06 32.49
CA ARG B 273 -8.55 -30.79 33.63
C ARG B 273 -10.04 -30.50 33.72
N PRO B 274 -10.85 -31.29 32.96
CA PRO B 274 -12.30 -31.05 32.84
C PRO B 274 -13.00 -30.89 34.19
N GLU B 275 -12.62 -31.67 35.20
CA GLU B 275 -13.29 -31.59 36.52
C GLU B 275 -13.09 -30.26 37.20
N LEU B 276 -11.99 -29.58 36.86
CA LEU B 276 -11.71 -28.31 37.44
C LEU B 276 -12.59 -27.28 36.78
N ARG B 277 -12.73 -27.34 35.45
CA ARG B 277 -13.59 -26.42 34.72
C ARG B 277 -15.09 -26.65 35.17
N ARG B 278 -15.47 -27.91 35.32
CA ARG B 278 -16.84 -28.27 35.64
C ARG B 278 -17.18 -27.75 37.04
N GLN B 279 -16.21 -27.82 37.94
CA GLN B 279 -16.47 -27.36 39.30
C GLN B 279 -16.73 -25.88 39.39
N LEU B 280 -16.00 -25.10 38.60
CA LEU B 280 -16.15 -23.65 38.70
C LEU B 280 -17.36 -23.13 37.93
N LEU B 281 -17.80 -23.87 36.88
CA LEU B 281 -19.02 -23.51 36.12
C LEU B 281 -20.25 -23.87 36.98
N ASP B 282 -20.18 -25.02 37.67
CA ASP B 282 -21.26 -25.37 38.54
C ASP B 282 -21.33 -24.39 39.71
N ARG B 283 -20.17 -23.98 40.23
CA ARG B 283 -20.20 -23.18 41.45
C ARG B 283 -19.21 -22.05 41.35
N PRO B 284 -19.55 -20.99 40.60
CA PRO B 284 -18.59 -19.88 40.39
C PRO B 284 -18.17 -19.18 41.67
N GLU B 285 -18.92 -19.41 42.77
CA GLU B 285 -18.56 -18.79 44.04
C GLU B 285 -17.31 -19.46 44.64
N LEU B 286 -16.90 -20.61 44.07
CA LEU B 286 -15.66 -21.31 44.49
C LEU B 286 -14.42 -20.69 43.85
N ILE B 287 -14.61 -19.68 43.01
CA ILE B 287 -13.46 -19.10 42.27
C ILE B 287 -12.39 -18.50 43.21
N PRO B 288 -12.78 -17.71 44.22
CA PRO B 288 -11.67 -17.19 45.04
C PRO B 288 -10.87 -18.31 45.71
N SER B 289 -11.58 -19.32 46.19
CA SER B 289 -10.93 -20.48 46.79
C SER B 289 -10.06 -21.24 45.76
N ALA B 290 -10.56 -21.37 44.54
CA ALA B 290 -9.85 -22.08 43.47
C ALA B 290 -8.53 -21.32 43.12
N VAL B 291 -8.60 -19.99 43.12
CA VAL B 291 -7.42 -19.13 43.01
C VAL B 291 -6.37 -19.37 44.10
N GLU B 292 -6.77 -19.43 45.38
CA GLU B 292 -5.84 -19.84 46.43
C GLU B 292 -5.32 -21.27 46.19
N GLU B 293 -6.17 -22.19 45.71
CA GLU B 293 -5.64 -23.53 45.55
C GLU B 293 -4.62 -23.65 44.37
N LEU B 294 -4.90 -22.97 43.26
CA LEU B 294 -4.02 -22.95 42.10
C LEU B 294 -2.70 -22.21 42.39
N THR B 295 -2.75 -21.12 43.15
CA THR B 295 -1.56 -20.40 43.62
C THR B 295 -0.66 -21.31 44.49
N ARG B 296 -1.23 -22.07 45.41
CA ARG B 296 -0.46 -23.09 46.13
C ARG B 296 0.14 -24.17 45.21
N TRP B 297 -0.68 -24.73 44.32
CA TRP B 297 -0.28 -25.90 43.56
C TRP B 297 0.74 -25.60 42.42
N VAL B 298 0.52 -24.52 41.69
CA VAL B 298 1.41 -24.21 40.58
C VAL B 298 2.81 -23.81 41.04
N PRO B 299 3.83 -24.63 40.79
CA PRO B 299 5.20 -24.15 41.10
C PRO B 299 5.58 -23.23 39.95
N LEU B 300 5.18 -21.97 40.07
CA LEU B 300 5.29 -21.00 39.01
C LEU B 300 6.80 -20.67 38.63
N GLY B 301 7.68 -20.62 39.64
CA GLY B 301 9.08 -20.31 39.36
C GLY B 301 9.80 -21.45 38.64
N VAL B 302 10.78 -21.13 37.80
CA VAL B 302 11.69 -22.17 37.30
C VAL B 302 12.50 -22.70 38.47
N GLY B 303 13.05 -21.80 39.27
CA GLY B 303 13.76 -22.16 40.47
C GLY B 303 13.16 -21.34 41.57
N THR B 304 13.97 -20.94 42.52
CA THR B 304 13.56 -20.04 43.59
C THR B 304 14.43 -18.85 43.26
N ALA B 305 13.80 -17.69 43.18
CA ALA B 305 14.57 -16.45 43.06
C ALA B 305 14.78 -15.83 44.51
N PHE B 306 15.60 -14.77 44.55
CA PHE B 306 15.74 -13.96 45.73
C PHE B 306 16.27 -14.76 46.89
N PRO B 307 17.49 -15.27 46.72
CA PRO B 307 18.18 -15.88 47.86
C PRO B 307 18.18 -14.94 49.07
N ARG B 308 18.11 -15.52 50.24
CA ARG B 308 18.32 -14.78 51.46
C ARG B 308 19.77 -15.00 51.92
N TYR B 309 20.31 -14.08 52.71
CA TYR B 309 21.70 -14.26 53.21
C TYR B 309 21.71 -14.34 54.69
N ALA B 310 22.41 -15.33 55.24
CA ALA B 310 22.53 -15.44 56.71
C ALA B 310 23.41 -14.28 57.25
N VAL B 311 22.90 -13.54 58.24
CA VAL B 311 23.68 -12.49 58.86
C VAL B 311 24.59 -13.07 59.95
N GLU B 312 24.29 -14.30 60.39
CA GLU B 312 25.11 -14.98 61.37
C GLU B 312 24.87 -16.48 61.15
N ASP B 313 25.75 -17.33 61.68
CA ASP B 313 25.53 -18.79 61.64
C ASP B 313 24.14 -19.14 62.18
N VAL B 314 23.44 -20.03 61.49
CA VAL B 314 22.11 -20.48 61.94
C VAL B 314 22.05 -21.97 61.65
N THR B 315 21.64 -22.76 62.62
CA THR B 315 21.53 -24.21 62.39
C THR B 315 20.10 -24.54 62.03
N LEU B 316 19.95 -25.24 60.91
CA LEU B 316 18.63 -25.62 60.38
C LEU B 316 18.70 -27.11 60.04
N ARG B 317 17.86 -27.90 60.71
CA ARG B 317 17.77 -29.35 60.49
C ARG B 317 19.11 -29.96 60.56
N GLY B 318 19.82 -29.62 61.64
CA GLY B 318 21.15 -30.12 61.84
C GLY B 318 22.26 -29.61 60.93
N VAL B 319 21.97 -28.75 59.92
CA VAL B 319 23.05 -28.16 59.11
C VAL B 319 23.28 -26.72 59.50
N THR B 320 24.53 -26.39 59.71
CA THR B 320 24.87 -25.04 60.04
C THR B 320 25.07 -24.18 58.78
N ILE B 321 24.16 -23.22 58.56
CA ILE B 321 24.34 -22.19 57.53
C ILE B 321 25.27 -21.10 58.13
N ARG B 322 26.40 -20.86 57.49
N ARG B 322 26.39 -20.86 57.47
CA ARG B 322 27.33 -19.88 58.02
CA ARG B 322 27.35 -19.87 57.93
C ARG B 322 26.97 -18.47 57.57
C ARG B 322 26.91 -18.46 57.58
N ALA B 323 27.33 -17.48 58.39
CA ALA B 323 27.13 -16.09 58.09
C ALA B 323 27.64 -15.79 56.68
N GLY B 324 26.81 -15.09 55.89
CA GLY B 324 27.15 -14.74 54.53
C GLY B 324 26.68 -15.74 53.46
N GLU B 325 26.28 -16.96 53.83
CA GLU B 325 25.87 -17.89 52.76
C GLU B 325 24.46 -17.63 52.27
N PRO B 326 24.24 -17.79 50.95
CA PRO B 326 22.93 -17.68 50.34
C PRO B 326 22.08 -18.93 50.51
N VAL B 327 20.78 -18.67 50.70
CA VAL B 327 19.81 -19.66 51.00
C VAL B 327 18.64 -19.42 50.05
N LEU B 328 18.29 -20.44 49.27
CA LEU B 328 17.08 -20.41 48.45
C LEU B 328 15.92 -21.12 49.17
N ALA B 329 14.89 -20.35 49.51
CA ALA B 329 13.72 -20.86 50.24
C ALA B 329 12.60 -21.09 49.21
N SER B 330 12.38 -22.36 48.83
CA SER B 330 11.53 -22.68 47.69
C SER B 330 10.07 -22.77 48.14
N THR B 331 9.32 -21.73 47.81
CA THR B 331 7.90 -21.69 48.04
C THR B 331 7.16 -22.72 47.18
N GLY B 332 7.64 -22.98 45.96
CA GLY B 332 7.05 -24.02 45.09
C GLY B 332 7.06 -25.40 45.72
N ALA B 333 8.19 -25.81 46.27
CA ALA B 333 8.28 -27.06 46.98
C ALA B 333 7.46 -26.95 48.27
N ALA B 334 7.57 -25.79 48.93
CA ALA B 334 6.90 -25.60 50.25
C ALA B 334 5.43 -25.86 50.18
N ASN B 335 4.85 -25.36 49.07
CA ASN B 335 3.45 -25.41 48.80
C ASN B 335 2.97 -26.79 48.43
N ARG B 336 3.89 -27.72 48.22
CA ARG B 336 3.52 -29.08 47.83
C ARG B 336 4.09 -30.08 48.84
N ASP B 337 4.39 -29.59 50.03
CA ASP B 337 4.93 -30.42 51.10
C ASP B 337 3.75 -31.22 51.68
N GLN B 338 3.85 -32.55 51.54
CA GLN B 338 2.87 -33.50 52.16
C GLN B 338 2.69 -33.34 53.66
N ALA B 339 3.69 -32.81 54.35
CA ALA B 339 3.54 -32.64 55.84
C ALA B 339 2.59 -31.46 56.17
N GLN B 340 2.48 -30.51 55.26
CA GLN B 340 1.63 -29.35 55.52
C GLN B 340 0.26 -29.45 54.85
N PHE B 341 0.20 -30.07 53.67
CA PHE B 341 -1.00 -30.03 52.86
C PHE B 341 -1.44 -31.45 52.58
N PRO B 342 -2.51 -31.96 53.26
CA PRO B 342 -3.01 -33.32 53.02
C PRO B 342 -3.16 -33.59 51.53
N ASP B 343 -2.54 -34.69 51.06
CA ASP B 343 -2.58 -35.06 49.64
C ASP B 343 -2.13 -33.83 48.80
N ALA B 344 -0.90 -33.40 49.01
CA ALA B 344 -0.43 -32.10 48.47
C ALA B 344 -0.47 -31.95 46.96
N ASP B 345 -0.40 -33.10 46.26
CA ASP B 345 -0.40 -33.09 44.76
C ASP B 345 -1.75 -33.00 44.09
N ARG B 346 -2.80 -33.17 44.89
CA ARG B 346 -4.18 -33.06 44.43
C ARG B 346 -4.59 -31.61 44.38
N ILE B 347 -5.27 -31.18 43.31
CA ILE B 347 -5.83 -29.82 43.24
C ILE B 347 -7.25 -29.89 43.79
N ASP B 348 -7.46 -29.33 44.95
CA ASP B 348 -8.76 -29.42 45.58
C ASP B 348 -9.21 -27.99 45.80
N VAL B 349 -10.12 -27.52 44.94
CA VAL B 349 -10.55 -26.14 44.94
C VAL B 349 -11.24 -25.70 46.22
N ASP B 350 -11.67 -26.66 47.05
CA ASP B 350 -12.34 -26.42 48.35
C ASP B 350 -11.34 -26.41 49.46
N ARG B 351 -10.08 -26.47 49.12
CA ARG B 351 -9.06 -26.82 50.13
C ARG B 351 -9.12 -25.89 51.31
N THR B 352 -9.17 -26.44 52.50
CA THR B 352 -9.16 -25.55 53.65
C THR B 352 -8.63 -26.35 54.85
N PRO B 353 -7.67 -25.82 55.65
CA PRO B 353 -6.97 -24.53 55.51
C PRO B 353 -6.07 -24.55 54.27
N ASN B 354 -5.64 -23.38 53.88
CA ASN B 354 -4.71 -23.29 52.75
C ASN B 354 -3.77 -22.14 52.99
N GLN B 355 -2.82 -22.31 53.90
N GLN B 355 -2.81 -22.33 53.89
CA GLN B 355 -1.88 -21.24 54.25
CA GLN B 355 -1.87 -21.26 54.25
C GLN B 355 -0.61 -21.34 53.39
C GLN B 355 -0.60 -21.36 53.39
N HIS B 356 -0.79 -21.24 52.08
CA HIS B 356 0.29 -21.39 51.15
C HIS B 356 1.22 -20.15 51.15
N LEU B 357 2.43 -20.36 50.65
CA LEU B 357 3.46 -19.30 50.54
C LEU B 357 3.61 -18.78 49.08
N GLY B 358 2.54 -18.91 48.29
CA GLY B 358 2.53 -18.46 46.89
C GLY B 358 2.75 -16.98 46.68
N PHE B 359 2.41 -16.17 47.69
CA PHE B 359 2.65 -14.76 47.73
C PHE B 359 3.75 -14.41 48.74
N GLY B 360 4.57 -15.38 49.11
CA GLY B 360 5.68 -15.18 50.03
C GLY B 360 5.22 -15.22 51.48
N HIS B 361 6.03 -14.60 52.35
CA HIS B 361 5.89 -14.68 53.80
C HIS B 361 6.93 -13.77 54.42
N GLY B 362 6.59 -13.18 55.56
CA GLY B 362 7.50 -12.23 56.23
C GLY B 362 7.38 -10.82 55.67
N VAL B 363 8.37 -9.97 55.93
CA VAL B 363 8.24 -8.55 55.59
C VAL B 363 8.09 -8.29 54.06
N HIS B 364 8.59 -9.24 53.24
CA HIS B 364 8.53 -9.08 51.76
C HIS B 364 7.33 -9.71 51.14
N HIS B 365 6.37 -10.16 51.97
CA HIS B 365 5.14 -10.83 51.47
C HIS B 365 4.61 -9.96 50.36
N CYS B 366 4.27 -10.56 49.22
CA CYS B 366 3.79 -9.82 48.05
C CYS B 366 2.84 -8.65 48.39
N LEU B 367 3.29 -7.47 48.08
CA LEU B 367 2.59 -6.26 48.35
C LEU B 367 1.34 -6.08 47.47
N GLY B 368 1.33 -6.75 46.33
CA GLY B 368 0.25 -6.59 45.42
C GLY B 368 -0.76 -7.76 45.46
N ALA B 369 -0.59 -8.66 46.44
CA ALA B 369 -1.41 -9.85 46.53
C ALA B 369 -2.93 -9.57 46.45
N PRO B 370 -3.47 -8.57 47.21
CA PRO B 370 -4.95 -8.38 47.07
C PRO B 370 -5.34 -8.10 45.61
N LEU B 371 -4.51 -7.31 44.92
CA LEU B 371 -4.84 -6.93 43.57
C LEU B 371 -4.64 -8.15 42.65
N ALA B 372 -3.58 -8.94 42.89
CA ALA B 372 -3.36 -10.13 42.06
C ALA B 372 -4.56 -11.08 42.22
N ARG B 373 -5.04 -11.23 43.46
CA ARG B 373 -6.21 -12.10 43.76
C ARG B 373 -7.45 -11.63 42.97
N VAL B 374 -7.73 -10.34 43.05
CA VAL B 374 -8.80 -9.74 42.26
C VAL B 374 -8.63 -10.11 40.79
N GLU B 375 -7.44 -9.87 40.23
CA GLU B 375 -7.22 -10.11 38.81
C GLU B 375 -7.40 -11.58 38.41
N LEU B 376 -6.90 -12.48 39.25
CA LEU B 376 -6.95 -13.87 38.86
C LEU B 376 -8.40 -14.38 38.94
N GLN B 377 -9.12 -13.94 39.97
CA GLN B 377 -10.53 -14.25 40.18
C GLN B 377 -11.37 -13.75 38.97
N VAL B 378 -11.19 -12.49 38.61
CA VAL B 378 -11.84 -11.85 37.48
C VAL B 378 -11.54 -12.54 36.15
N ALA B 379 -10.30 -12.90 35.90
CA ALA B 379 -9.92 -13.65 34.68
C ALA B 379 -10.70 -14.94 34.56
N LEU B 380 -10.75 -15.75 35.64
CA LEU B 380 -11.44 -17.03 35.63
C LEU B 380 -12.94 -16.82 35.46
N GLU B 381 -13.47 -15.85 36.19
CA GLU B 381 -14.87 -15.49 36.17
C GLU B 381 -15.34 -15.11 34.78
N VAL B 382 -14.72 -14.10 34.19
CA VAL B 382 -15.08 -13.67 32.86
C VAL B 382 -14.86 -14.73 31.77
N LEU B 383 -13.69 -15.35 31.77
CA LEU B 383 -13.47 -16.44 30.81
C LEU B 383 -14.51 -17.54 30.97
N LEU B 384 -14.82 -17.93 32.19
CA LEU B 384 -15.80 -19.01 32.36
C LEU B 384 -17.20 -18.60 31.92
N GLN B 385 -17.55 -17.35 32.12
CA GLN B 385 -18.92 -17.02 31.83
C GLN B 385 -19.11 -16.66 30.35
N ARG B 386 -18.10 -16.02 29.76
CA ARG B 386 -18.11 -15.69 28.33
C ARG B 386 -17.81 -16.90 27.49
N LEU B 387 -16.83 -17.71 27.87
CA LEU B 387 -16.45 -18.86 27.06
C LEU B 387 -16.48 -20.14 27.88
N PRO B 388 -17.70 -20.60 28.26
CA PRO B 388 -17.69 -21.80 29.12
C PRO B 388 -17.02 -22.99 28.46
N GLY B 389 -16.96 -22.96 27.13
CA GLY B 389 -16.43 -24.10 26.38
C GLY B 389 -14.94 -24.05 26.04
N ILE B 390 -14.25 -22.99 26.47
CA ILE B 390 -12.83 -22.77 26.16
C ILE B 390 -11.98 -24.04 26.37
N ARG B 391 -11.18 -24.39 25.37
CA ARG B 391 -10.32 -25.57 25.40
C ARG B 391 -9.18 -25.32 24.41
N LEU B 392 -8.10 -26.13 24.48
CA LEU B 392 -6.97 -25.96 23.57
C LEU B 392 -7.43 -26.26 22.14
N GLY B 393 -6.95 -25.45 21.19
CA GLY B 393 -7.17 -25.62 19.77
C GLY B 393 -6.13 -26.48 19.10
N ILE B 394 -5.15 -26.98 19.86
CA ILE B 394 -4.14 -27.88 19.34
C ILE B 394 -3.92 -28.96 20.41
N PRO B 395 -3.25 -30.08 20.05
CA PRO B 395 -2.97 -31.05 21.10
C PRO B 395 -1.99 -30.49 22.16
N GLU B 396 -2.17 -30.93 23.41
CA GLU B 396 -1.39 -30.53 24.58
C GLU B 396 0.11 -30.64 24.31
N THR B 397 0.49 -31.82 23.82
CA THR B 397 1.86 -32.15 23.47
C THR B 397 2.46 -31.23 22.40
N GLN B 398 1.69 -30.30 21.84
CA GLN B 398 2.25 -29.36 20.86
C GLN B 398 2.38 -27.90 21.33
N LEU B 399 1.86 -27.61 22.51
CA LEU B 399 2.13 -26.34 23.16
C LEU B 399 3.63 -26.00 23.25
N ARG B 400 3.95 -24.74 22.94
CA ARG B 400 5.26 -24.18 23.13
C ARG B 400 5.36 -23.48 24.49
N TRP B 401 6.39 -23.87 25.26
CA TRP B 401 6.62 -23.41 26.63
C TRP B 401 7.73 -22.35 26.70
N SER B 402 7.50 -21.35 27.53
CA SER B 402 8.46 -20.28 27.69
C SER B 402 9.81 -20.80 28.17
N GLU B 403 10.84 -20.36 27.46
CA GLU B 403 12.18 -20.60 27.89
C GLU B 403 12.80 -19.33 28.40
N GLY B 404 12.02 -18.42 28.95
CA GLY B 404 12.59 -17.24 29.59
C GLY B 404 13.41 -17.52 30.87
N MET B 405 13.19 -18.67 31.51
CA MET B 405 14.00 -19.20 32.63
C MET B 405 13.71 -18.60 34.01
N LEU B 406 12.76 -17.66 34.07
CA LEU B 406 12.30 -17.10 35.34
C LEU B 406 10.98 -17.76 35.82
N LEU B 407 9.93 -17.65 35.03
CA LEU B 407 8.64 -18.31 35.38
C LEU B 407 8.32 -19.38 34.34
N ARG B 408 7.52 -20.37 34.73
CA ARG B 408 7.01 -21.33 33.75
C ARG B 408 5.59 -20.96 33.30
N GLY B 409 5.37 -21.01 31.98
CA GLY B 409 4.09 -20.80 31.38
C GLY B 409 4.13 -21.00 29.87
N PRO B 410 2.95 -21.23 29.26
CA PRO B 410 3.00 -21.40 27.81
C PRO B 410 3.30 -20.09 27.10
N LEU B 411 4.05 -20.17 25.99
CA LEU B 411 4.34 -19.01 25.15
C LEU B 411 3.11 -18.56 24.37
N GLU B 412 2.27 -19.50 23.99
CA GLU B 412 1.00 -19.19 23.33
C GLU B 412 -0.01 -20.22 23.77
N LEU B 413 -1.28 -19.81 23.88
CA LEU B 413 -2.39 -20.74 24.16
C LEU B 413 -3.44 -20.59 23.09
N PRO B 414 -3.32 -21.38 22.04
CA PRO B 414 -4.40 -21.14 21.07
C PRO B 414 -5.64 -21.83 21.57
N VAL B 415 -6.74 -21.09 21.68
CA VAL B 415 -7.93 -21.69 22.30
C VAL B 415 -9.13 -21.63 21.36
N VAL B 416 -10.02 -22.61 21.53
CA VAL B 416 -11.30 -22.65 20.84
C VAL B 416 -12.41 -22.66 21.89
N TRP B 417 -13.60 -22.22 21.47
CA TRP B 417 -14.77 -22.28 22.34
C TRP B 417 -16.06 -22.38 21.52
N ALA C 24 -6.15 -25.63 -25.93
CA ALA C 24 -7.15 -24.50 -26.16
C ALA C 24 -7.98 -24.66 -27.48
N GLU C 25 -9.32 -24.80 -27.37
CA GLU C 25 -10.28 -24.55 -28.51
C GLU C 25 -9.88 -24.99 -29.95
N PRO C 26 -9.90 -24.10 -30.98
CA PRO C 26 -10.31 -22.71 -31.13
C PRO C 26 -11.78 -22.65 -31.55
N ARG C 27 -12.42 -21.50 -31.45
CA ARG C 27 -13.83 -21.47 -31.79
C ARG C 27 -13.98 -20.71 -33.04
N ALA C 28 -14.96 -21.09 -33.87
CA ALA C 28 -15.23 -20.32 -35.12
C ALA C 28 -15.64 -18.91 -34.72
N TYR C 29 -15.12 -17.92 -35.42
CA TYR C 29 -15.36 -16.53 -35.06
C TYR C 29 -15.64 -15.83 -36.35
N PRO C 30 -16.51 -14.81 -36.37
CA PRO C 30 -17.17 -14.09 -35.28
C PRO C 30 -18.26 -14.93 -34.60
N PHE C 31 -18.62 -14.51 -33.39
CA PHE C 31 -19.76 -15.07 -32.66
C PHE C 31 -21.05 -14.31 -32.95
N ASN C 32 -21.00 -12.99 -33.09
CA ASN C 32 -22.21 -12.21 -33.28
C ASN C 32 -22.93 -12.64 -34.53
N ASP C 33 -24.27 -12.73 -34.44
CA ASP C 33 -25.09 -12.88 -35.62
C ASP C 33 -25.29 -11.49 -36.23
N VAL C 34 -25.02 -11.37 -37.52
CA VAL C 34 -25.12 -10.04 -38.17
C VAL C 34 -26.54 -9.51 -38.33
N HIS C 35 -27.52 -10.39 -38.24
CA HIS C 35 -28.88 -9.91 -38.42
C HIS C 35 -29.49 -9.39 -37.13
N GLY C 36 -28.98 -8.26 -36.63
CA GLY C 36 -29.44 -7.71 -35.33
C GLY C 36 -28.23 -7.13 -34.61
N LEU C 37 -28.45 -6.67 -33.38
CA LEU C 37 -27.43 -6.02 -32.56
C LEU C 37 -27.18 -6.82 -31.29
N THR C 38 -27.70 -8.04 -31.23
CA THR C 38 -27.50 -8.92 -30.08
C THR C 38 -26.01 -9.21 -29.86
N LEU C 39 -25.55 -9.05 -28.63
CA LEU C 39 -24.24 -9.52 -28.25
C LEU C 39 -24.28 -11.03 -28.08
N ALA C 40 -23.42 -11.77 -28.77
CA ALA C 40 -23.50 -13.26 -28.67
C ALA C 40 -23.28 -13.69 -27.22
N GLY C 41 -24.00 -14.70 -26.73
CA GLY C 41 -23.78 -15.13 -25.30
C GLY C 41 -22.40 -15.79 -25.06
N ARG C 42 -21.78 -16.23 -26.16
CA ARG C 42 -20.42 -16.77 -26.05
C ARG C 42 -19.41 -15.79 -25.38
N TYR C 43 -19.49 -14.52 -25.71
CA TYR C 43 -18.61 -13.53 -25.04
C TYR C 43 -18.67 -13.59 -23.51
N GLY C 44 -19.85 -13.58 -22.92
CA GLY C 44 -19.98 -13.67 -21.44
C GLY C 44 -19.48 -14.98 -20.85
N GLU C 45 -19.85 -16.07 -21.51
CA GLU C 45 -19.22 -17.33 -21.16
C GLU C 45 -17.69 -17.25 -21.13
N LEU C 46 -17.09 -16.66 -22.16
CA LEU C 46 -15.62 -16.55 -22.21
C LEU C 46 -15.10 -15.60 -21.12
N GLN C 47 -15.81 -14.49 -20.89
CA GLN C 47 -15.39 -13.56 -19.86
C GLN C 47 -15.30 -14.29 -18.53
N GLU C 48 -16.21 -15.27 -18.38
CA GLU C 48 -16.24 -16.05 -17.17
C GLU C 48 -15.17 -17.16 -17.10
N THR C 49 -15.10 -18.02 -18.11
CA THR C 49 -14.35 -19.28 -18.02
C THR C 49 -13.04 -19.21 -18.84
N GLU C 50 -12.91 -18.25 -19.75
CA GLU C 50 -11.72 -18.28 -20.67
C GLU C 50 -11.49 -16.91 -21.30
N PRO C 51 -11.08 -15.96 -20.47
CA PRO C 51 -11.00 -14.55 -20.91
C PRO C 51 -9.89 -14.26 -21.93
N VAL C 52 -8.92 -15.18 -22.07
CA VAL C 52 -7.98 -15.22 -23.22
C VAL C 52 -8.16 -16.53 -23.98
N SER C 53 -8.78 -16.51 -25.17
CA SER C 53 -9.20 -17.77 -25.82
C SER C 53 -8.80 -17.69 -27.25
N ARG C 54 -8.85 -18.83 -27.96
CA ARG C 54 -8.41 -18.94 -29.34
C ARG C 54 -9.58 -18.90 -30.28
N VAL C 55 -9.47 -18.15 -31.36
CA VAL C 55 -10.53 -18.09 -32.35
C VAL C 55 -10.01 -18.39 -33.75
N ARG C 56 -10.86 -18.98 -34.60
CA ARG C 56 -10.52 -19.14 -35.98
C ARG C 56 -11.46 -18.28 -36.80
N PRO C 57 -10.90 -17.24 -37.42
CA PRO C 57 -11.73 -16.38 -38.24
C PRO C 57 -11.95 -16.98 -39.65
N PRO C 58 -12.86 -16.37 -40.44
CA PRO C 58 -13.19 -16.89 -41.76
C PRO C 58 -12.01 -16.74 -42.68
N TYR C 59 -11.26 -15.64 -42.55
CA TYR C 59 -10.01 -15.37 -43.27
C TYR C 59 -8.90 -14.91 -42.33
N GLY C 60 -7.66 -15.22 -42.69
CA GLY C 60 -6.55 -14.79 -41.87
C GLY C 60 -6.20 -15.78 -40.78
N GLU C 61 -5.24 -15.41 -39.93
CA GLU C 61 -4.72 -16.32 -38.93
C GLU C 61 -5.63 -16.54 -37.76
N GLU C 62 -5.43 -17.66 -37.10
CA GLU C 62 -6.01 -17.85 -35.76
C GLU C 62 -5.46 -16.77 -34.82
N ALA C 63 -6.22 -16.40 -33.79
CA ALA C 63 -5.78 -15.36 -32.95
C ALA C 63 -6.30 -15.58 -31.52
N TRP C 64 -5.70 -14.81 -30.59
CA TRP C 64 -6.24 -14.71 -29.25
C TRP C 64 -7.38 -13.73 -29.23
N LEU C 65 -8.42 -14.06 -28.46
CA LEU C 65 -9.53 -13.12 -28.21
C LEU C 65 -9.53 -12.82 -26.74
N VAL C 66 -9.51 -11.53 -26.45
CA VAL C 66 -9.53 -11.01 -25.12
C VAL C 66 -10.85 -10.31 -24.93
N THR C 67 -11.56 -10.62 -23.83
CA THR C 67 -12.97 -10.19 -23.68
C THR C 67 -13.32 -9.39 -22.42
N ARG C 68 -12.54 -9.53 -21.36
CA ARG C 68 -12.82 -8.72 -20.17
C ARG C 68 -12.43 -7.28 -20.36
N TYR C 69 -13.33 -6.37 -19.92
CA TYR C 69 -13.03 -4.94 -19.87
C TYR C 69 -11.58 -4.59 -19.44
N GLU C 70 -11.15 -5.09 -18.31
CA GLU C 70 -9.83 -4.77 -17.79
C GLU C 70 -8.66 -5.15 -18.77
N ASP C 71 -8.76 -6.35 -19.33
CA ASP C 71 -7.76 -6.87 -20.22
C ASP C 71 -7.82 -6.22 -21.61
N VAL C 72 -9.02 -5.93 -22.12
CA VAL C 72 -9.13 -5.20 -23.34
C VAL C 72 -8.52 -3.82 -23.25
N ARG C 73 -8.86 -3.05 -22.22
CA ARG C 73 -8.29 -1.76 -22.03
C ARG C 73 -6.77 -1.89 -21.85
N ALA C 74 -6.30 -2.93 -21.13
CA ALA C 74 -4.87 -3.08 -20.92
C ALA C 74 -4.08 -3.34 -22.19
N VAL C 75 -4.55 -4.27 -23.02
CA VAL C 75 -3.95 -4.54 -24.32
C VAL C 75 -3.87 -3.30 -25.24
N LEU C 76 -4.98 -2.56 -25.33
CA LEU C 76 -5.05 -1.37 -26.20
C LEU C 76 -4.14 -0.23 -25.70
N GLY C 77 -3.79 -0.24 -24.41
CA GLY C 77 -2.92 0.77 -23.86
C GLY C 77 -1.50 0.28 -23.63
N ASP C 78 -1.17 -0.98 -23.94
CA ASP C 78 0.09 -1.51 -23.56
C ASP C 78 1.11 -1.42 -24.71
N GLY C 79 2.27 -0.82 -24.44
CA GLY C 79 3.33 -0.64 -25.45
C GLY C 79 3.79 -1.91 -26.18
N ARG C 80 3.58 -3.07 -25.57
CA ARG C 80 4.02 -4.28 -26.17
C ARG C 80 3.06 -4.84 -27.23
N PHE C 81 2.00 -4.10 -27.57
CA PHE C 81 1.01 -4.58 -28.53
C PHE C 81 0.90 -3.56 -29.64
N VAL C 82 1.31 -3.96 -30.84
CA VAL C 82 1.56 -3.03 -31.90
C VAL C 82 0.68 -3.33 -33.11
N ARG C 83 0.56 -2.36 -34.02
CA ARG C 83 -0.23 -2.54 -35.24
C ARG C 83 0.63 -2.61 -36.55
N GLY C 84 1.89 -2.17 -36.52
CA GLY C 84 2.75 -2.18 -37.70
C GLY C 84 2.78 -3.49 -38.47
N PRO C 85 2.89 -4.66 -37.75
CA PRO C 85 2.88 -5.94 -38.45
C PRO C 85 1.66 -6.14 -39.32
N SER C 86 0.59 -5.39 -39.09
CA SER C 86 -0.58 -5.53 -39.93
C SER C 86 -0.25 -5.47 -41.43
N MET C 87 0.73 -4.64 -41.78
CA MET C 87 1.08 -4.42 -43.19
C MET C 87 1.70 -5.67 -43.85
N THR C 88 2.26 -6.57 -43.05
CA THR C 88 2.93 -7.75 -43.54
C THR C 88 2.32 -9.08 -43.02
N ARG C 89 1.10 -9.01 -42.44
CA ARG C 89 0.50 -10.18 -41.80
C ARG C 89 -0.89 -10.49 -42.39
N ASP C 90 -1.28 -11.76 -42.32
CA ASP C 90 -2.59 -12.16 -42.83
C ASP C 90 -3.59 -11.97 -41.66
N GLU C 91 -4.14 -10.76 -41.55
CA GLU C 91 -4.98 -10.40 -40.41
C GLU C 91 -6.25 -11.24 -40.27
N PRO C 92 -6.57 -11.70 -39.04
CA PRO C 92 -7.87 -12.31 -38.74
C PRO C 92 -8.92 -11.29 -39.11
N ARG C 93 -9.93 -11.70 -39.84
CA ARG C 93 -10.89 -10.80 -40.48
C ARG C 93 -12.06 -11.58 -41.05
N THR C 94 -13.08 -10.87 -41.55
CA THR C 94 -14.32 -11.51 -42.05
C THR C 94 -14.49 -11.38 -43.56
N ARG C 95 -13.64 -10.58 -44.21
CA ARG C 95 -13.75 -10.39 -45.65
C ARG C 95 -12.50 -10.86 -46.36
N PRO C 96 -12.64 -11.35 -47.60
CA PRO C 96 -11.40 -11.80 -48.25
C PRO C 96 -10.37 -10.65 -48.44
N GLU C 97 -10.78 -9.50 -48.94
CA GLU C 97 -9.79 -8.46 -49.19
C GLU C 97 -9.33 -7.82 -47.88
N MET C 98 -8.09 -7.35 -47.84
CA MET C 98 -7.61 -6.61 -46.66
C MET C 98 -7.45 -5.14 -47.02
N VAL C 99 -8.03 -4.27 -46.20
CA VAL C 99 -7.80 -2.83 -46.30
C VAL C 99 -6.61 -2.45 -45.42
N LYS C 100 -5.48 -2.01 -46.00
CA LYS C 100 -4.28 -1.77 -45.14
C LYS C 100 -3.85 -0.33 -45.18
N GLY C 101 -3.02 0.10 -44.21
CA GLY C 101 -2.52 1.52 -44.13
C GLY C 101 -3.31 2.51 -43.25
N GLY C 102 -2.98 3.79 -43.30
CA GLY C 102 -3.65 4.75 -42.41
C GLY C 102 -2.98 4.79 -41.02
N LEU C 103 -3.34 5.77 -40.22
CA LEU C 103 -2.99 5.85 -38.82
C LEU C 103 -3.07 4.50 -38.09
N LEU C 104 -4.12 3.71 -38.36
CA LEU C 104 -4.37 2.50 -37.58
C LEU C 104 -3.38 1.37 -37.88
N SER C 105 -2.59 1.50 -38.94
CA SER C 105 -1.55 0.50 -39.17
C SER C 105 -0.15 0.95 -38.75
N MET C 106 -0.02 2.09 -38.08
CA MET C 106 1.28 2.62 -37.64
C MET C 106 1.52 2.52 -36.13
N ASP C 107 2.79 2.48 -35.75
CA ASP C 107 3.18 2.54 -34.34
C ASP C 107 3.99 3.80 -34.06
N PRO C 108 4.02 4.24 -32.79
CA PRO C 108 5.00 5.29 -32.40
C PRO C 108 6.40 4.83 -32.84
N PRO C 109 7.30 5.74 -33.25
CA PRO C 109 7.09 7.18 -33.25
C PRO C 109 6.37 7.69 -34.50
N GLU C 110 6.26 6.88 -35.57
CA GLU C 110 5.76 7.40 -36.85
C GLU C 110 4.31 7.80 -36.72
N HIS C 111 3.55 6.96 -36.02
CA HIS C 111 2.18 7.24 -35.64
C HIS C 111 2.06 8.52 -34.85
N SER C 112 2.98 8.69 -33.89
CA SER C 112 2.91 9.83 -32.94
C SER C 112 3.02 11.13 -33.72
N ARG C 113 3.99 11.22 -34.63
CA ARG C 113 4.21 12.41 -35.46
C ARG C 113 2.96 12.80 -36.25
N LEU C 114 2.40 11.84 -36.98
CA LEU C 114 1.28 12.15 -37.85
C LEU C 114 0.06 12.54 -37.04
N ARG C 115 -0.18 11.82 -35.97
CA ARG C 115 -1.26 12.14 -35.07
C ARG C 115 -1.16 13.53 -34.41
N ARG C 116 0.00 13.88 -33.86
CA ARG C 116 0.22 15.21 -33.33
C ARG C 116 -0.19 16.30 -34.34
N LEU C 117 0.25 16.17 -35.58
CA LEU C 117 -0.08 17.20 -36.59
C LEU C 117 -1.55 17.26 -36.90
N VAL C 118 -2.19 16.09 -37.02
CA VAL C 118 -3.65 16.03 -37.25
C VAL C 118 -4.47 16.62 -36.08
N VAL C 119 -4.12 16.29 -34.83
CA VAL C 119 -4.93 16.80 -33.71
C VAL C 119 -4.71 18.28 -33.43
N LYS C 120 -3.56 18.81 -33.80
CA LYS C 120 -3.39 20.25 -33.77
C LYS C 120 -4.48 21.02 -34.56
N ALA C 121 -4.80 20.52 -35.74
CA ALA C 121 -5.80 21.10 -36.63
C ALA C 121 -7.22 20.60 -36.25
N PHE C 122 -7.38 19.28 -36.12
CA PHE C 122 -8.70 18.66 -35.87
C PHE C 122 -9.05 18.58 -34.36
N THR C 123 -9.51 19.71 -33.80
CA THR C 123 -9.61 19.87 -32.36
C THR C 123 -11.02 19.61 -31.91
N ALA C 124 -11.19 19.25 -30.64
CA ALA C 124 -12.52 19.19 -30.04
C ALA C 124 -13.31 20.52 -30.27
N ARG C 125 -12.65 21.67 -30.08
CA ARG C 125 -13.28 22.94 -30.41
C ARG C 125 -13.77 23.01 -31.90
N ARG C 126 -12.99 22.51 -32.87
CA ARG C 126 -13.44 22.51 -34.27
C ARG C 126 -14.67 21.57 -34.46
N ALA C 127 -14.65 20.45 -33.76
CA ALA C 127 -15.73 19.49 -33.83
C ALA C 127 -17.02 20.17 -33.33
N GLU C 128 -16.94 20.81 -32.16
CA GLU C 128 -18.11 21.54 -31.59
C GLU C 128 -18.57 22.68 -32.49
N SER C 129 -17.65 23.41 -33.12
CA SER C 129 -18.09 24.53 -33.97
C SER C 129 -18.95 24.05 -35.15
N LEU C 130 -18.91 22.74 -35.46
CA LEU C 130 -19.71 22.19 -36.53
C LEU C 130 -21.13 21.79 -36.14
N ARG C 131 -21.46 21.83 -34.83
CA ARG C 131 -22.80 21.48 -34.38
C ARG C 131 -23.91 22.26 -35.17
N PRO C 132 -23.81 23.63 -35.29
CA PRO C 132 -24.89 24.33 -36.03
C PRO C 132 -25.09 23.89 -37.50
N ARG C 133 -23.98 23.67 -38.24
CA ARG C 133 -24.02 23.17 -39.64
C ARG C 133 -24.57 21.74 -39.71
N ALA C 134 -24.09 20.88 -38.84
CA ALA C 134 -24.60 19.53 -38.70
C ALA C 134 -26.11 19.51 -38.48
N ARG C 135 -26.62 20.39 -37.61
CA ARG C 135 -28.05 20.52 -37.36
C ARG C 135 -28.80 20.96 -38.58
N GLU C 136 -28.26 21.97 -39.25
CA GLU C 136 -28.89 22.47 -40.46
C GLU C 136 -28.95 21.37 -41.49
N ILE C 137 -27.83 20.65 -41.67
CA ILE C 137 -27.84 19.51 -42.62
C ILE C 137 -28.90 18.45 -42.23
N ALA C 138 -28.99 18.11 -40.95
CA ALA C 138 -29.99 17.09 -40.50
C ALA C 138 -31.44 17.54 -40.86
N HIS C 139 -31.76 18.79 -40.58
CA HIS C 139 -33.05 19.39 -40.96
C HIS C 139 -33.34 19.32 -42.48
N GLU C 140 -32.33 19.62 -43.30
CA GLU C 140 -32.47 19.49 -44.76
C GLU C 140 -32.88 18.05 -45.09
N LEU C 141 -32.17 17.08 -44.50
CA LEU C 141 -32.43 15.70 -44.82
C LEU C 141 -33.84 15.32 -44.41
N VAL C 142 -34.30 15.82 -43.26
CA VAL C 142 -35.62 15.47 -42.80
C VAL C 142 -36.66 16.14 -43.73
N ASP C 143 -36.29 17.30 -44.32
CA ASP C 143 -37.18 17.97 -45.30
C ASP C 143 -37.33 17.06 -46.52
N GLN C 144 -36.21 16.50 -47.00
CA GLN C 144 -36.27 15.64 -48.18
C GLN C 144 -37.07 14.38 -47.93
N MET C 145 -36.94 13.80 -46.74
CA MET C 145 -37.72 12.63 -46.35
C MET C 145 -39.20 12.97 -46.34
N ALA C 146 -39.57 14.09 -45.69
CA ALA C 146 -40.97 14.52 -45.65
C ALA C 146 -41.55 14.85 -47.05
N ALA C 147 -40.72 15.49 -47.91
CA ALA C 147 -41.03 15.73 -49.33
C ALA C 147 -41.43 14.46 -50.09
N THR C 148 -40.83 13.30 -49.79
CA THR C 148 -41.15 12.04 -50.47
C THR C 148 -42.25 11.25 -49.76
N GLY C 149 -42.65 11.67 -48.56
CA GLY C 149 -43.75 11.00 -47.87
C GLY C 149 -43.38 9.69 -47.23
N GLN C 150 -44.19 9.28 -46.26
CA GLN C 150 -44.07 8.02 -45.52
C GLN C 150 -44.46 6.78 -46.38
N PRO C 151 -43.85 5.58 -46.12
CA PRO C 151 -42.61 5.37 -45.35
C PRO C 151 -41.43 5.93 -46.12
N ALA C 152 -40.50 6.51 -45.37
CA ALA C 152 -39.25 6.99 -45.95
C ALA C 152 -38.11 6.08 -45.40
N ASP C 153 -37.08 5.87 -46.21
CA ASP C 153 -35.95 5.06 -45.81
C ASP C 153 -34.93 5.87 -45.01
N LEU C 154 -34.90 5.68 -43.70
CA LEU C 154 -34.04 6.49 -42.84
C LEU C 154 -32.54 6.28 -43.17
N VAL C 155 -32.18 5.04 -43.53
CA VAL C 155 -30.81 4.73 -43.96
C VAL C 155 -30.34 5.51 -45.19
N ALA C 156 -31.02 5.30 -46.31
CA ALA C 156 -30.65 5.92 -47.57
C ALA C 156 -30.79 7.44 -47.48
N MET C 157 -31.80 7.90 -46.76
CA MET C 157 -32.11 9.34 -46.82
C MET C 157 -31.47 10.23 -45.76
N PHE C 158 -31.10 9.64 -44.63
CA PHE C 158 -30.57 10.39 -43.53
C PHE C 158 -29.19 9.81 -43.09
N ALA C 159 -29.15 8.51 -42.71
CA ALA C 159 -27.95 7.96 -42.03
C ALA C 159 -26.77 7.91 -42.99
N ARG C 160 -27.05 7.62 -44.27
CA ARG C 160 -25.97 7.54 -45.22
C ARG C 160 -25.63 8.89 -45.77
N GLN C 161 -26.34 9.93 -45.34
CA GLN C 161 -26.19 11.25 -45.95
C GLN C 161 -25.54 12.23 -44.98
N LEU C 162 -25.99 12.21 -43.72
CA LEU C 162 -25.47 13.16 -42.76
C LEU C 162 -23.94 13.11 -42.54
N PRO C 163 -23.35 11.90 -42.30
CA PRO C 163 -21.92 11.91 -41.90
C PRO C 163 -20.96 12.29 -42.99
N VAL C 164 -21.24 11.96 -44.25
CA VAL C 164 -20.34 12.38 -45.34
C VAL C 164 -20.46 13.89 -45.64
N ARG C 165 -21.69 14.44 -45.57
CA ARG C 165 -21.92 15.89 -45.66
C ARG C 165 -21.24 16.66 -44.50
N VAL C 166 -21.31 16.14 -43.27
CA VAL C 166 -20.59 16.79 -42.16
C VAL C 166 -19.02 16.73 -42.39
N ILE C 167 -18.52 15.62 -42.96
CA ILE C 167 -17.14 15.54 -43.37
C ILE C 167 -16.77 16.55 -44.46
N CYS C 168 -17.65 16.76 -45.46
CA CYS C 168 -17.40 17.81 -46.44
C CYS C 168 -17.25 19.18 -45.74
N GLU C 169 -18.20 19.50 -44.88
CA GLU C 169 -18.15 20.75 -44.10
C GLU C 169 -16.84 20.86 -43.31
N LEU C 170 -16.46 19.77 -42.63
CA LEU C 170 -15.23 19.76 -41.84
C LEU C 170 -14.01 20.07 -42.71
N LEU C 171 -13.84 19.27 -43.78
CA LEU C 171 -12.70 19.36 -44.69
C LEU C 171 -12.65 20.70 -45.40
N GLY C 172 -13.83 21.18 -45.80
CA GLY C 172 -13.92 22.47 -46.47
C GLY C 172 -14.33 22.33 -47.92
N VAL C 173 -15.06 21.27 -48.24
CA VAL C 173 -15.56 21.08 -49.60
C VAL C 173 -16.67 22.13 -49.80
N PRO C 174 -16.57 22.98 -50.87
CA PRO C 174 -17.59 24.00 -51.18
C PRO C 174 -18.93 23.35 -51.24
N SER C 175 -19.93 24.00 -50.65
CA SER C 175 -21.30 23.57 -50.74
C SER C 175 -21.69 22.89 -52.06
N ALA C 176 -21.38 23.54 -53.18
CA ALA C 176 -21.77 23.09 -54.52
C ALA C 176 -21.22 21.70 -54.91
N ASP C 177 -20.11 21.28 -54.29
CA ASP C 177 -19.53 19.97 -54.53
C ASP C 177 -19.98 18.82 -53.59
N HIS C 178 -20.79 19.10 -52.56
CA HIS C 178 -21.22 18.04 -51.62
C HIS C 178 -21.93 16.88 -52.29
N ASP C 179 -22.75 17.16 -53.29
CA ASP C 179 -23.48 16.09 -53.97
C ASP C 179 -22.53 15.11 -54.66
N ARG C 180 -21.59 15.59 -55.47
CA ARG C 180 -20.79 14.64 -56.20
C ARG C 180 -19.86 13.92 -55.23
N PHE C 181 -19.34 14.64 -54.24
CA PHE C 181 -18.46 14.05 -53.23
C PHE C 181 -19.19 12.99 -52.40
N THR C 182 -20.47 13.22 -52.09
CA THR C 182 -21.29 12.22 -51.46
C THR C 182 -21.42 10.99 -52.35
N ARG C 183 -21.68 11.24 -53.62
CA ARG C 183 -21.84 10.18 -54.57
C ARG C 183 -20.58 9.32 -54.70
N TRP C 184 -19.39 9.93 -54.84
CA TRP C 184 -18.14 9.16 -54.90
C TRP C 184 -18.00 8.32 -53.64
N SER C 185 -18.27 8.97 -52.49
CA SER C 185 -18.08 8.39 -51.16
C SER C 185 -18.92 7.15 -50.90
N GLY C 186 -20.11 7.10 -51.47
CA GLY C 186 -20.96 5.97 -51.28
C GLY C 186 -20.39 4.67 -51.87
N ALA C 187 -19.44 4.79 -52.78
CA ALA C 187 -18.85 3.61 -53.37
C ALA C 187 -17.86 3.01 -52.39
N PHE C 188 -17.61 3.66 -51.26
CA PHE C 188 -16.62 3.14 -50.33
C PHE C 188 -17.28 2.39 -49.21
N LEU C 189 -18.59 2.50 -49.08
CA LEU C 189 -19.25 1.81 -47.98
C LEU C 189 -19.18 0.32 -48.30
N SER C 190 -18.98 -0.51 -47.26
CA SER C 190 -18.89 -1.94 -47.38
C SER C 190 -20.21 -2.57 -47.88
N THR C 191 -21.29 -1.78 -47.86
CA THR C 191 -22.58 -2.27 -48.33
C THR C 191 -22.76 -1.89 -49.78
N ALA C 192 -21.81 -1.20 -50.41
CA ALA C 192 -22.09 -0.70 -51.76
C ALA C 192 -22.20 -1.83 -52.79
N GLU C 193 -23.12 -1.69 -53.73
CA GLU C 193 -23.43 -2.72 -54.72
C GLU C 193 -22.70 -2.33 -56.01
N VAL C 194 -21.39 -2.50 -56.06
CA VAL C 194 -20.67 -1.91 -57.16
C VAL C 194 -19.47 -2.74 -57.52
N THR C 195 -19.14 -2.79 -58.78
CA THR C 195 -17.93 -3.50 -59.17
C THR C 195 -16.66 -2.83 -58.57
N ALA C 196 -15.57 -3.58 -58.50
CA ALA C 196 -14.29 -3.01 -58.13
C ALA C 196 -13.87 -1.79 -59.03
N GLU C 197 -14.12 -1.88 -60.33
CA GLU C 197 -13.73 -0.80 -61.26
C GLU C 197 -14.54 0.46 -60.93
N GLU C 198 -15.84 0.30 -60.73
CA GLU C 198 -16.67 1.41 -60.31
C GLU C 198 -16.06 2.08 -59.06
N MET C 199 -15.78 1.25 -58.03
CA MET C 199 -15.16 1.74 -56.81
C MET C 199 -13.84 2.46 -57.03
N GLN C 200 -12.99 1.88 -57.86
CA GLN C 200 -11.76 2.50 -58.27
C GLN C 200 -11.92 3.85 -58.97
N GLU C 201 -12.93 3.97 -59.81
CA GLU C 201 -13.21 5.23 -60.48
C GLU C 201 -13.57 6.30 -59.43
N ALA C 202 -14.41 5.94 -58.46
CA ALA C 202 -14.86 6.85 -57.43
C ALA C 202 -13.72 7.25 -56.51
N ALA C 203 -12.81 6.32 -56.22
CA ALA C 203 -11.57 6.64 -55.50
C ALA C 203 -10.60 7.59 -56.25
N GLU C 204 -10.33 7.35 -57.54
CA GLU C 204 -9.50 8.31 -58.28
C GLU C 204 -10.19 9.70 -58.36
N GLN C 205 -11.53 9.74 -58.44
N GLN C 205 -11.53 9.71 -58.42
CA GLN C 205 -12.21 11.02 -58.49
CA GLN C 205 -12.32 10.94 -58.53
C GLN C 205 -12.00 11.71 -57.14
C GLN C 205 -12.23 11.73 -57.19
N ALA C 206 -12.34 11.02 -56.06
CA ALA C 206 -12.14 11.57 -54.69
C ALA C 206 -10.70 12.07 -54.38
N TYR C 207 -9.74 11.25 -54.74
CA TYR C 207 -8.32 11.60 -54.60
C TYR C 207 -7.95 12.84 -55.40
N ALA C 208 -8.17 12.82 -56.72
CA ALA C 208 -7.97 14.00 -57.57
C ALA C 208 -8.66 15.29 -57.03
N TYR C 209 -9.92 15.17 -56.63
CA TYR C 209 -10.60 16.33 -56.11
C TYR C 209 -9.96 16.85 -54.81
N MET C 210 -9.57 15.92 -53.93
CA MET C 210 -9.05 16.28 -52.64
C MET C 210 -7.67 16.91 -52.76
N GLY C 211 -6.83 16.36 -53.64
CA GLY C 211 -5.56 16.98 -54.04
C GLY C 211 -5.65 18.40 -54.58
N ASP C 212 -6.66 18.68 -55.41
N ASP C 212 -6.68 18.66 -55.40
CA ASP C 212 -6.84 20.04 -55.94
CA ASP C 212 -6.99 19.98 -55.98
C ASP C 212 -7.29 21.01 -54.85
C ASP C 212 -7.32 20.98 -54.89
N LEU C 213 -8.25 20.58 -54.03
CA LEU C 213 -8.68 21.38 -52.87
C LEU C 213 -7.53 21.67 -51.89
N ILE C 214 -6.70 20.66 -51.62
CA ILE C 214 -5.52 20.85 -50.77
C ILE C 214 -4.56 21.93 -51.33
N ASP C 215 -4.34 21.90 -52.65
CA ASP C 215 -3.54 22.94 -53.34
C ASP C 215 -4.21 24.33 -53.35
N ARG C 216 -5.52 24.39 -53.62
CA ARG C 216 -6.23 25.68 -53.45
C ARG C 216 -6.09 26.26 -52.04
N ARG C 217 -6.14 25.40 -51.02
CA ARG C 217 -6.07 25.90 -49.65
C ARG C 217 -4.67 26.22 -49.23
N ARG C 218 -3.68 25.58 -49.87
CA ARG C 218 -2.31 25.95 -49.61
C ARG C 218 -2.09 27.42 -50.00
N LYS C 219 -2.69 27.87 -51.08
CA LYS C 219 -2.32 29.17 -51.58
C LYS C 219 -3.27 30.25 -51.05
N GLU C 220 -4.57 29.94 -50.98
CA GLU C 220 -5.59 30.81 -50.38
C GLU C 220 -6.28 30.07 -49.18
N PRO C 221 -5.65 30.13 -47.99
CA PRO C 221 -6.15 29.35 -46.83
C PRO C 221 -7.46 29.92 -46.26
N THR C 222 -8.35 29.06 -45.76
CA THR C 222 -9.61 29.52 -45.14
C THR C 222 -9.65 29.02 -43.70
N ASP C 223 -10.82 28.77 -43.14
CA ASP C 223 -10.86 28.27 -41.79
C ASP C 223 -11.25 26.78 -41.64
N ASP C 224 -11.26 26.03 -42.76
CA ASP C 224 -11.65 24.61 -42.75
C ASP C 224 -10.48 23.72 -42.31
N LEU C 225 -10.75 22.42 -42.12
CA LEU C 225 -9.72 21.50 -41.65
C LEU C 225 -8.52 21.34 -42.63
N VAL C 226 -8.79 21.39 -43.94
CA VAL C 226 -7.72 21.20 -44.91
C VAL C 226 -6.74 22.38 -44.79
N SER C 227 -7.26 23.60 -44.68
CA SER C 227 -6.39 24.77 -44.45
C SER C 227 -5.51 24.58 -43.20
N ALA C 228 -6.14 24.22 -42.08
CA ALA C 228 -5.42 24.03 -40.82
C ALA C 228 -4.40 22.87 -40.89
N LEU C 229 -4.72 21.80 -41.62
CA LEU C 229 -3.75 20.71 -41.85
C LEU C 229 -2.56 21.19 -42.64
N VAL C 230 -2.79 22.02 -43.66
CA VAL C 230 -1.70 22.49 -44.47
C VAL C 230 -0.83 23.37 -43.57
N GLN C 231 -1.40 24.14 -42.67
CA GLN C 231 -0.50 25.01 -41.91
C GLN C 231 0.08 24.43 -40.60
N ALA C 232 -0.41 23.26 -40.17
CA ALA C 232 0.05 22.51 -38.99
C ALA C 232 1.58 22.36 -38.98
N ARG C 233 2.20 22.76 -37.88
CA ARG C 233 3.64 22.61 -37.69
C ARG C 233 3.83 21.95 -36.34
N ASP C 234 4.86 21.14 -36.21
CA ASP C 234 5.24 20.63 -34.90
C ASP C 234 6.75 20.62 -34.83
N GLN C 235 7.33 21.57 -34.11
CA GLN C 235 8.79 21.72 -34.10
C GLN C 235 9.25 21.72 -35.55
N GLN C 236 8.72 22.62 -36.37
CA GLN C 236 9.29 22.78 -37.72
C GLN C 236 8.84 21.71 -38.75
N ASP C 237 8.41 20.56 -38.23
CA ASP C 237 7.76 19.53 -39.01
C ASP C 237 6.39 19.92 -39.55
N SER C 238 6.04 19.39 -40.72
CA SER C 238 4.72 19.63 -41.31
C SER C 238 4.27 18.38 -42.10
N LEU C 239 3.06 18.41 -42.64
CA LEU C 239 2.51 17.26 -43.33
C LEU C 239 2.88 17.40 -44.82
N SER C 240 3.47 16.35 -45.38
CA SER C 240 3.77 16.30 -46.82
C SER C 240 2.52 16.31 -47.68
N GLU C 241 2.71 16.54 -48.97
CA GLU C 241 1.61 16.65 -49.89
C GLU C 241 0.85 15.33 -49.87
N GLN C 242 1.62 14.25 -49.81
CA GLN C 242 1.08 12.91 -49.85
C GLN C 242 0.39 12.60 -48.50
N GLU C 243 1.06 12.92 -47.40
CA GLU C 243 0.48 12.78 -46.07
C GLU C 243 -0.86 13.47 -45.94
N LEU C 244 -0.95 14.71 -46.39
CA LEU C 244 -2.21 15.46 -46.39
C LEU C 244 -3.33 14.78 -47.14
N LEU C 245 -2.98 14.21 -48.28
CA LEU C 245 -3.98 13.57 -49.10
C LEU C 245 -4.49 12.28 -48.43
N ASP C 246 -3.56 11.41 -48.03
CA ASP C 246 -3.90 10.20 -47.27
C ASP C 246 -4.70 10.51 -46.00
N LEU C 247 -4.30 11.52 -45.24
CA LEU C 247 -5.02 11.82 -44.02
C LEU C 247 -6.42 12.37 -44.33
N ALA C 248 -6.56 13.20 -45.35
CA ALA C 248 -7.91 13.73 -45.63
C ALA C 248 -8.84 12.62 -46.11
N ILE C 249 -8.37 11.76 -47.01
CA ILE C 249 -9.16 10.62 -47.42
C ILE C 249 -9.40 9.61 -46.27
N GLY C 250 -8.37 9.39 -45.44
CA GLY C 250 -8.47 8.43 -44.34
C GLY C 250 -9.47 8.91 -43.30
N LEU C 251 -9.55 10.21 -43.07
CA LEU C 251 -10.61 10.77 -42.19
C LEU C 251 -12.01 10.53 -42.77
N LEU C 252 -12.16 10.69 -44.09
CA LEU C 252 -13.40 10.32 -44.77
C LEU C 252 -13.84 8.88 -44.53
N VAL C 253 -12.98 7.90 -44.81
CA VAL C 253 -13.42 6.52 -44.73
C VAL C 253 -13.64 6.11 -43.26
N ALA C 254 -12.85 6.67 -42.32
CA ALA C 254 -12.91 6.31 -40.89
C ALA C 254 -14.18 6.93 -40.25
N GLY C 255 -14.61 8.07 -40.80
CA GLY C 255 -15.70 8.85 -40.24
C GLY C 255 -17.03 8.68 -40.93
N TYR C 256 -17.07 7.98 -42.06
CA TYR C 256 -18.33 7.87 -42.80
C TYR C 256 -19.17 6.67 -42.37
N GLU C 257 -18.80 5.47 -42.83
CA GLU C 257 -19.59 4.29 -42.57
C GLU C 257 -19.86 4.05 -41.07
N SER C 258 -18.85 4.30 -40.23
N SER C 258 -18.88 4.32 -40.20
CA SER C 258 -18.94 4.12 -38.77
CA SER C 258 -19.07 4.07 -38.75
C SER C 258 -20.17 4.88 -38.23
C SER C 258 -20.22 4.90 -38.19
N THR C 259 -20.14 6.20 -38.41
CA THR C 259 -21.14 7.14 -37.94
C THR C 259 -22.49 6.82 -38.60
N THR C 260 -22.47 6.55 -39.91
CA THR C 260 -23.69 6.15 -40.61
C THR C 260 -24.38 4.97 -39.93
N THR C 261 -23.62 3.91 -39.68
CA THR C 261 -24.17 2.68 -39.10
C THR C 261 -24.66 2.91 -37.68
N GLN C 262 -23.94 3.76 -36.91
CA GLN C 262 -24.27 4.01 -35.54
C GLN C 262 -25.53 4.86 -35.47
N ILE C 263 -25.65 5.86 -36.36
CA ILE C 263 -26.92 6.60 -36.48
C ILE C 263 -28.10 5.65 -36.70
N ALA C 264 -28.02 4.85 -37.75
CA ALA C 264 -29.02 3.83 -38.01
C ALA C 264 -29.37 2.96 -36.77
N ASP C 265 -28.33 2.43 -36.12
CA ASP C 265 -28.54 1.54 -35.03
C ASP C 265 -29.20 2.24 -33.85
N PHE C 266 -28.80 3.48 -33.56
CA PHE C 266 -29.38 4.20 -32.43
C PHE C 266 -30.85 4.48 -32.70
N VAL C 267 -31.21 4.87 -33.93
CA VAL C 267 -32.61 5.26 -34.24
C VAL C 267 -33.48 4.01 -34.26
N TYR C 268 -32.94 2.89 -34.76
CA TYR C 268 -33.60 1.59 -34.64
C TYR C 268 -33.90 1.26 -33.18
N LEU C 269 -32.92 1.53 -32.30
CA LEU C 269 -33.11 1.22 -30.91
C LEU C 269 -34.21 2.14 -30.33
N LEU C 270 -34.20 3.39 -30.74
CA LEU C 270 -35.18 4.37 -30.27
C LEU C 270 -36.58 3.96 -30.74
N MET C 271 -36.68 3.52 -31.99
CA MET C 271 -38.00 3.20 -32.53
C MET C 271 -38.50 1.89 -31.96
N THR C 272 -37.62 1.02 -31.49
CA THR C 272 -38.06 -0.25 -31.01
C THR C 272 -38.13 -0.39 -29.49
N ARG C 273 -37.65 0.62 -28.75
CA ARG C 273 -37.73 0.64 -27.28
C ARG C 273 -38.36 1.95 -26.81
N PRO C 274 -39.69 1.93 -26.69
CA PRO C 274 -40.52 3.09 -26.33
C PRO C 274 -39.98 3.89 -25.17
N GLU C 275 -39.57 3.21 -24.13
CA GLU C 275 -39.01 3.87 -22.96
C GLU C 275 -37.78 4.74 -23.26
N LEU C 276 -36.93 4.25 -24.13
CA LEU C 276 -35.80 5.04 -24.58
C LEU C 276 -36.30 6.31 -25.28
N ARG C 277 -37.24 6.19 -26.22
CA ARG C 277 -37.76 7.35 -26.91
C ARG C 277 -38.41 8.39 -25.95
N ARG C 278 -39.13 7.88 -24.97
CA ARG C 278 -39.96 8.70 -24.13
C ARG C 278 -39.02 9.53 -23.27
N GLN C 279 -37.92 8.91 -22.88
CA GLN C 279 -36.97 9.52 -21.97
C GLN C 279 -36.31 10.72 -22.61
N LEU C 280 -35.91 10.56 -23.88
CA LEU C 280 -35.23 11.65 -24.56
C LEU C 280 -36.18 12.72 -25.09
N LEU C 281 -37.46 12.37 -25.30
CA LEU C 281 -38.52 13.37 -25.57
C LEU C 281 -38.83 14.20 -24.30
N ASP C 282 -38.98 13.52 -23.16
CA ASP C 282 -39.20 14.20 -21.91
C ASP C 282 -38.01 15.06 -21.57
N ARG C 283 -36.81 14.49 -21.68
CA ARG C 283 -35.65 15.24 -21.32
C ARG C 283 -34.54 15.23 -22.36
N PRO C 284 -34.65 16.07 -23.41
CA PRO C 284 -33.60 16.14 -24.47
C PRO C 284 -32.18 16.42 -23.95
N GLU C 285 -32.04 17.06 -22.78
CA GLU C 285 -30.69 17.34 -22.27
C GLU C 285 -29.96 16.02 -21.93
N LEU C 286 -30.71 14.90 -21.95
CA LEU C 286 -30.12 13.58 -21.69
C LEU C 286 -29.46 12.99 -22.95
N ILE C 287 -29.56 13.70 -24.06
CA ILE C 287 -29.10 13.12 -25.35
C ILE C 287 -27.56 12.82 -25.35
N PRO C 288 -26.74 13.75 -24.86
CA PRO C 288 -25.31 13.45 -24.80
C PRO C 288 -24.98 12.19 -23.99
N SER C 289 -25.51 12.12 -22.78
CA SER C 289 -25.35 10.93 -22.01
C SER C 289 -25.94 9.64 -22.68
N ALA C 290 -27.04 9.78 -23.43
CA ALA C 290 -27.66 8.61 -24.09
C ALA C 290 -26.74 8.11 -25.24
N VAL C 291 -26.14 9.07 -25.94
CA VAL C 291 -25.15 8.78 -26.98
C VAL C 291 -23.98 7.96 -26.42
N GLU C 292 -23.49 8.31 -25.25
CA GLU C 292 -22.44 7.50 -24.61
C GLU C 292 -23.00 6.14 -24.18
N GLU C 293 -24.18 6.11 -23.59
CA GLU C 293 -24.74 4.82 -23.23
C GLU C 293 -24.98 3.89 -24.46
N LEU C 294 -25.41 4.45 -25.59
CA LEU C 294 -25.66 3.60 -26.75
C LEU C 294 -24.37 3.19 -27.39
N THR C 295 -23.35 4.05 -27.32
CA THR C 295 -22.06 3.69 -27.90
C THR C 295 -21.48 2.55 -27.08
N ARG C 296 -21.70 2.54 -25.78
CA ARG C 296 -21.21 1.45 -24.97
C ARG C 296 -22.01 0.15 -25.25
N TRP C 297 -23.34 0.28 -25.30
CA TRP C 297 -24.19 -0.90 -25.39
C TRP C 297 -24.16 -1.63 -26.75
N VAL C 298 -24.18 -0.85 -27.83
CA VAL C 298 -24.26 -1.43 -29.16
C VAL C 298 -22.93 -2.10 -29.50
N PRO C 299 -22.93 -3.44 -29.66
CA PRO C 299 -21.70 -4.07 -30.14
C PRO C 299 -21.71 -3.92 -31.66
N LEU C 300 -21.25 -2.75 -32.12
CA LEU C 300 -21.29 -2.33 -33.54
C LEU C 300 -20.52 -3.24 -34.54
N GLY C 301 -19.37 -3.77 -34.14
CA GLY C 301 -18.58 -4.65 -35.01
C GLY C 301 -19.22 -6.02 -35.16
N VAL C 302 -19.09 -6.61 -36.35
CA VAL C 302 -19.37 -8.03 -36.47
C VAL C 302 -18.45 -8.82 -35.55
N GLY C 303 -17.15 -8.49 -35.56
CA GLY C 303 -16.15 -9.17 -34.75
C GLY C 303 -15.35 -8.07 -34.15
N THR C 304 -14.05 -8.22 -34.03
CA THR C 304 -13.16 -7.16 -33.56
C THR C 304 -12.23 -7.02 -34.75
N ALA C 305 -12.04 -5.79 -35.19
CA ALA C 305 -11.03 -5.56 -36.21
C ALA C 305 -9.68 -5.07 -35.53
N PHE C 306 -8.61 -5.07 -36.33
CA PHE C 306 -7.39 -4.45 -35.94
C PHE C 306 -6.79 -5.24 -34.79
N PRO C 307 -6.45 -6.50 -35.09
CA PRO C 307 -5.62 -7.30 -34.18
C PRO C 307 -4.38 -6.51 -33.76
N ARG C 308 -3.96 -6.65 -32.53
CA ARG C 308 -2.70 -6.10 -32.11
C ARG C 308 -1.69 -7.28 -32.16
N TYR C 309 -0.41 -6.98 -32.27
CA TYR C 309 0.60 -8.06 -32.25
C TYR C 309 1.52 -7.97 -31.08
N ALA C 310 1.78 -9.12 -30.45
CA ALA C 310 2.71 -9.12 -29.30
C ALA C 310 4.13 -8.89 -29.81
N VAL C 311 4.82 -7.94 -29.18
CA VAL C 311 6.16 -7.58 -29.59
C VAL C 311 7.13 -8.51 -28.83
N GLU C 312 6.68 -9.04 -27.70
CA GLU C 312 7.51 -9.94 -26.90
C GLU C 312 6.50 -10.84 -26.19
N ASP C 313 6.94 -11.91 -25.55
CA ASP C 313 5.96 -12.78 -24.86
C ASP C 313 5.35 -11.98 -23.73
N VAL C 314 4.03 -12.06 -23.52
CA VAL C 314 3.33 -11.36 -22.43
C VAL C 314 2.37 -12.36 -21.82
N THR C 315 2.33 -12.46 -20.49
CA THR C 315 1.35 -13.35 -19.84
C THR C 315 0.13 -12.57 -19.41
N LEU C 316 -1.03 -13.09 -19.75
CA LEU C 316 -2.29 -12.39 -19.48
C LEU C 316 -3.26 -13.45 -18.94
N ARG C 317 -3.72 -13.23 -17.72
CA ARG C 317 -4.64 -14.17 -17.09
C ARG C 317 -4.03 -15.52 -17.10
N GLY C 318 -2.71 -15.58 -16.88
CA GLY C 318 -2.05 -16.88 -16.88
C GLY C 318 -1.96 -17.61 -18.22
N VAL C 319 -2.26 -16.95 -19.35
CA VAL C 319 -1.93 -17.56 -20.64
C VAL C 319 -0.82 -16.76 -21.32
N THR C 320 0.17 -17.47 -21.84
CA THR C 320 1.27 -16.78 -22.50
C THR C 320 0.97 -16.47 -23.96
N ILE C 321 0.78 -15.18 -24.26
CA ILE C 321 0.77 -14.75 -25.64
C ILE C 321 2.25 -14.60 -26.11
N ARG C 322 2.66 -15.30 -27.17
CA ARG C 322 4.02 -15.28 -27.65
C ARG C 322 4.26 -14.11 -28.65
N ALA C 323 5.52 -13.63 -28.63
CA ALA C 323 5.96 -12.63 -29.57
C ALA C 323 5.46 -12.99 -30.96
N GLY C 324 4.87 -12.03 -31.68
CA GLY C 324 4.37 -12.23 -33.01
C GLY C 324 2.90 -12.64 -33.16
N GLU C 325 2.25 -13.13 -32.09
CA GLU C 325 0.85 -13.63 -32.20
C GLU C 325 -0.18 -12.49 -32.23
N PRO C 326 -1.22 -12.62 -33.08
CA PRO C 326 -2.32 -11.63 -33.10
C PRO C 326 -3.31 -11.78 -31.92
N VAL C 327 -3.80 -10.63 -31.45
CA VAL C 327 -4.66 -10.55 -30.30
C VAL C 327 -5.81 -9.63 -30.67
N LEU C 328 -7.05 -10.15 -30.68
CA LEU C 328 -8.28 -9.38 -30.92
C LEU C 328 -8.81 -8.88 -29.62
N ALA C 329 -8.86 -7.56 -29.44
CA ALA C 329 -9.32 -6.98 -28.16
C ALA C 329 -10.73 -6.46 -28.36
N SER C 330 -11.72 -7.21 -27.89
CA SER C 330 -13.09 -6.96 -28.19
C SER C 330 -13.67 -5.91 -27.28
N THR C 331 -13.81 -4.69 -27.83
CA THR C 331 -14.46 -3.58 -27.15
C THR C 331 -15.97 -3.78 -27.00
N GLY C 332 -16.59 -4.45 -27.96
CA GLY C 332 -18.00 -4.86 -27.85
C GLY C 332 -18.28 -5.69 -26.59
N ALA C 333 -17.45 -6.70 -26.37
CA ALA C 333 -17.58 -7.50 -25.16
C ALA C 333 -17.16 -6.75 -23.92
N ALA C 334 -16.05 -6.00 -24.01
CA ALA C 334 -15.54 -5.19 -22.91
C ALA C 334 -16.63 -4.24 -22.41
N ASN C 335 -17.36 -3.65 -23.36
CA ASN C 335 -18.40 -2.69 -23.04
C ASN C 335 -19.62 -3.24 -22.37
N ARG C 336 -19.74 -4.56 -22.36
CA ARG C 336 -20.87 -5.26 -21.79
C ARG C 336 -20.38 -6.20 -20.69
N ASP C 337 -19.21 -5.90 -20.14
CA ASP C 337 -18.62 -6.76 -19.06
C ASP C 337 -19.32 -6.37 -17.77
N GLN C 338 -19.98 -7.36 -17.16
CA GLN C 338 -20.72 -7.15 -15.89
C GLN C 338 -19.84 -6.72 -14.75
N ALA C 339 -18.56 -7.06 -14.83
CA ALA C 339 -17.59 -6.64 -13.75
C ALA C 339 -17.30 -5.12 -13.79
N GLN C 340 -17.40 -4.55 -14.99
CA GLN C 340 -17.18 -3.14 -15.11
C GLN C 340 -18.41 -2.25 -15.07
N PHE C 341 -19.51 -2.74 -15.65
CA PHE C 341 -20.72 -1.94 -15.78
C PHE C 341 -21.88 -2.62 -15.04
N PRO C 342 -22.34 -2.03 -13.91
CA PRO C 342 -23.46 -2.62 -13.16
C PRO C 342 -24.62 -2.88 -14.12
N ASP C 343 -25.12 -4.13 -14.13
CA ASP C 343 -26.26 -4.50 -15.03
C ASP C 343 -25.93 -4.06 -16.47
N ALA C 344 -24.91 -4.71 -17.02
CA ALA C 344 -24.27 -4.28 -18.25
C ALA C 344 -25.18 -4.33 -19.48
N ASP C 345 -26.17 -5.22 -19.45
CA ASP C 345 -27.08 -5.44 -20.59
C ASP C 345 -28.27 -4.48 -20.61
N ARG C 346 -28.51 -3.81 -19.49
CA ARG C 346 -29.48 -2.75 -19.43
C ARG C 346 -28.98 -1.45 -20.07
N ILE C 347 -29.78 -0.84 -20.94
CA ILE C 347 -29.50 0.52 -21.45
C ILE C 347 -30.04 1.62 -20.47
N ASP C 348 -29.13 2.30 -19.80
CA ASP C 348 -29.49 3.28 -18.83
C ASP C 348 -28.93 4.60 -19.34
N VAL C 349 -29.78 5.47 -19.89
CA VAL C 349 -29.30 6.70 -20.54
C VAL C 349 -28.59 7.64 -19.61
N ASP C 350 -28.88 7.53 -18.32
CA ASP C 350 -28.18 8.29 -17.25
C ASP C 350 -26.99 7.54 -16.69
N ARG C 351 -26.60 6.41 -17.28
CA ARG C 351 -25.49 5.65 -16.69
C ARG C 351 -24.31 6.55 -16.39
N THR C 352 -23.86 6.48 -15.14
CA THR C 352 -22.67 7.18 -14.70
C THR C 352 -22.02 6.41 -13.54
N PRO C 353 -20.70 6.18 -13.55
CA PRO C 353 -19.77 6.57 -14.63
C PRO C 353 -19.96 5.66 -15.89
N ASN C 354 -19.31 6.03 -17.00
CA ASN C 354 -19.46 5.29 -18.25
C ASN C 354 -18.14 5.32 -19.03
N GLN C 355 -17.12 4.66 -18.51
CA GLN C 355 -15.81 4.72 -19.13
C GLN C 355 -15.70 3.64 -20.23
N HIS C 356 -16.58 3.72 -21.21
CA HIS C 356 -16.66 2.72 -22.25
C HIS C 356 -15.49 2.83 -23.24
N LEU C 357 -15.26 1.72 -23.96
CA LEU C 357 -14.21 1.65 -24.99
C LEU C 357 -14.79 1.65 -26.43
N GLY C 358 -15.98 2.26 -26.57
CA GLY C 358 -16.62 2.43 -27.86
C GLY C 358 -15.89 3.26 -28.90
N PHE C 359 -14.99 4.12 -28.45
CA PHE C 359 -14.13 4.89 -29.33
C PHE C 359 -12.68 4.45 -29.17
N GLY C 360 -12.47 3.25 -28.63
CA GLY C 360 -11.13 2.69 -28.48
C GLY C 360 -10.49 3.20 -27.20
N HIS C 361 -9.14 3.04 -27.14
CA HIS C 361 -8.32 3.31 -26.00
C HIS C 361 -6.85 3.22 -26.38
N GLY C 362 -6.04 4.03 -25.69
CA GLY C 362 -4.61 4.16 -26.00
C GLY C 362 -4.35 5.11 -27.17
N VAL C 363 -3.17 4.98 -27.78
CA VAL C 363 -2.75 5.96 -28.77
C VAL C 363 -3.66 6.05 -30.03
N HIS C 364 -4.39 4.95 -30.32
CA HIS C 364 -5.24 4.92 -31.48
C HIS C 364 -6.67 5.26 -31.16
N HIS C 365 -6.96 5.70 -29.93
CA HIS C 365 -8.33 6.15 -29.53
C HIS C 365 -8.90 7.03 -30.66
N CYS C 366 -10.13 6.76 -31.08
CA CYS C 366 -10.76 7.44 -32.23
C CYS C 366 -10.46 8.95 -32.31
N LEU C 367 -9.75 9.40 -33.33
CA LEU C 367 -9.56 10.85 -33.36
C LEU C 367 -10.72 11.67 -33.83
N GLY C 368 -11.75 11.03 -34.39
CA GLY C 368 -12.95 11.73 -34.71
C GLY C 368 -14.01 11.75 -33.59
N ALA C 369 -13.70 11.18 -32.43
CA ALA C 369 -14.72 10.94 -31.43
C ALA C 369 -15.49 12.25 -31.10
N PRO C 370 -14.78 13.39 -30.90
CA PRO C 370 -15.64 14.59 -30.61
C PRO C 370 -16.64 14.92 -31.70
N LEU C 371 -16.25 14.73 -32.95
CA LEU C 371 -17.14 15.06 -34.09
C LEU C 371 -18.22 13.99 -34.14
N ALA C 372 -17.82 12.74 -33.92
CA ALA C 372 -18.80 11.66 -33.96
C ALA C 372 -19.88 11.92 -32.88
N ARG C 373 -19.42 12.32 -31.69
CA ARG C 373 -20.35 12.66 -30.60
C ARG C 373 -21.30 13.79 -31.05
N VAL C 374 -20.75 14.87 -31.60
CA VAL C 374 -21.57 15.95 -32.11
C VAL C 374 -22.62 15.37 -33.06
N GLU C 375 -22.18 14.58 -34.05
CA GLU C 375 -23.11 14.02 -35.06
C GLU C 375 -24.22 13.16 -34.52
N LEU C 376 -23.87 12.27 -33.59
CA LEU C 376 -24.85 11.37 -33.05
C LEU C 376 -25.86 12.15 -32.16
N GLN C 377 -25.36 13.11 -31.37
CA GLN C 377 -26.22 13.95 -30.59
C GLN C 377 -27.19 14.74 -31.48
N VAL C 378 -26.67 15.37 -32.56
CA VAL C 378 -27.50 16.13 -33.51
C VAL C 378 -28.56 15.27 -34.22
N ALA C 379 -28.15 14.08 -34.67
CA ALA C 379 -29.06 13.14 -35.32
C ALA C 379 -30.27 12.82 -34.42
N LEU C 380 -30.04 12.44 -33.15
CA LEU C 380 -31.14 12.14 -32.20
C LEU C 380 -31.94 13.42 -31.89
N GLU C 381 -31.25 14.55 -31.77
CA GLU C 381 -31.89 15.82 -31.46
C GLU C 381 -32.89 16.23 -32.53
N VAL C 382 -32.44 16.29 -33.77
CA VAL C 382 -33.26 16.71 -34.87
C VAL C 382 -34.35 15.68 -35.20
N LEU C 383 -34.00 14.41 -35.28
CA LEU C 383 -35.04 13.40 -35.47
C LEU C 383 -36.13 13.46 -34.40
N LEU C 384 -35.76 13.61 -33.13
CA LEU C 384 -36.76 13.69 -32.05
C LEU C 384 -37.64 14.94 -32.07
N GLN C 385 -37.10 16.05 -32.54
CA GLN C 385 -37.86 17.29 -32.64
C GLN C 385 -38.75 17.27 -33.85
N ARG C 386 -38.18 16.94 -35.01
CA ARG C 386 -38.95 16.93 -36.24
C ARG C 386 -39.96 15.83 -36.28
N LEU C 387 -39.61 14.66 -35.76
CA LEU C 387 -40.41 13.44 -35.96
C LEU C 387 -40.62 12.67 -34.64
N PRO C 388 -41.29 13.27 -33.63
CA PRO C 388 -41.37 12.60 -32.31
C PRO C 388 -42.04 11.21 -32.32
N GLY C 389 -42.89 10.95 -33.31
CA GLY C 389 -43.57 9.66 -33.40
C GLY C 389 -42.89 8.66 -34.33
N ILE C 390 -41.65 8.95 -34.77
CA ILE C 390 -40.95 8.13 -35.73
C ILE C 390 -40.92 6.67 -35.24
N ARG C 391 -41.31 5.76 -36.12
CA ARG C 391 -41.34 4.33 -35.79
C ARG C 391 -41.24 3.52 -37.08
N LEU C 392 -41.02 2.21 -36.96
CA LEU C 392 -40.83 1.40 -38.14
C LEU C 392 -42.12 1.33 -38.94
N GLY C 393 -42.00 1.38 -40.26
CA GLY C 393 -43.13 1.19 -41.15
C GLY C 393 -43.24 -0.23 -41.66
N ILE C 394 -42.51 -1.17 -41.07
CA ILE C 394 -42.71 -2.59 -41.36
C ILE C 394 -42.52 -3.24 -39.99
N PRO C 395 -42.97 -4.50 -39.82
CA PRO C 395 -42.67 -5.12 -38.53
C PRO C 395 -41.17 -5.45 -38.42
N GLU C 396 -40.66 -5.37 -37.19
CA GLU C 396 -39.27 -5.63 -36.84
C GLU C 396 -38.67 -6.86 -37.51
N THR C 397 -39.38 -8.00 -37.40
CA THR C 397 -38.89 -9.29 -37.92
C THR C 397 -38.78 -9.32 -39.44
N GLN C 398 -39.16 -8.24 -40.09
CA GLN C 398 -39.00 -8.09 -41.53
C GLN C 398 -37.86 -7.15 -42.03
N LEU C 399 -37.15 -6.49 -41.09
CA LEU C 399 -35.97 -5.71 -41.43
C LEU C 399 -34.85 -6.51 -42.14
N ARG C 400 -34.24 -5.90 -43.14
CA ARG C 400 -33.06 -6.49 -43.75
C ARG C 400 -31.79 -5.92 -43.11
N TRP C 401 -30.91 -6.82 -42.67
CA TRP C 401 -29.66 -6.47 -41.99
C TRP C 401 -28.47 -6.59 -42.94
N SER C 402 -27.57 -5.60 -42.89
CA SER C 402 -26.36 -5.60 -43.71
C SER C 402 -25.57 -6.88 -43.55
N GLU C 403 -25.16 -7.45 -44.68
CA GLU C 403 -24.22 -8.57 -44.61
C GLU C 403 -22.89 -8.14 -45.15
N GLY C 404 -22.52 -6.89 -44.90
CA GLY C 404 -21.21 -6.42 -45.27
C GLY C 404 -20.11 -7.06 -44.44
N MET C 405 -20.46 -7.59 -43.26
CA MET C 405 -19.51 -8.37 -42.45
C MET C 405 -18.50 -7.52 -41.70
N LEU C 406 -18.54 -6.19 -41.84
CA LEU C 406 -17.70 -5.36 -40.97
C LEU C 406 -18.48 -4.81 -39.77
N LEU C 407 -19.52 -4.01 -40.04
CA LEU C 407 -20.34 -3.45 -38.97
C LEU C 407 -21.73 -4.06 -39.04
N ARG C 408 -22.44 -4.02 -37.92
CA ARG C 408 -23.81 -4.49 -37.95
C ARG C 408 -24.80 -3.31 -37.99
N GLY C 409 -25.81 -3.45 -38.86
CA GLY C 409 -26.73 -2.37 -39.09
C GLY C 409 -27.82 -2.71 -40.08
N PRO C 410 -28.95 -2.00 -39.99
CA PRO C 410 -29.98 -2.35 -40.99
C PRO C 410 -29.61 -1.80 -42.37
N LEU C 411 -29.96 -2.54 -43.41
CA LEU C 411 -29.73 -2.09 -44.80
C LEU C 411 -30.71 -0.97 -45.20
N GLU C 412 -31.94 -1.06 -44.69
CA GLU C 412 -32.98 -0.02 -44.88
C GLU C 412 -33.79 0.09 -43.62
N LEU C 413 -34.24 1.31 -43.33
CA LEU C 413 -35.09 1.55 -42.19
C LEU C 413 -36.29 2.33 -42.67
N PRO C 414 -37.30 1.62 -43.17
CA PRO C 414 -38.48 2.38 -43.61
C PRO C 414 -39.22 2.86 -42.38
N VAL C 415 -39.40 4.16 -42.29
CA VAL C 415 -40.03 4.72 -41.08
C VAL C 415 -41.32 5.53 -41.37
N VAL C 416 -42.22 5.54 -40.39
CA VAL C 416 -43.40 6.39 -40.43
C VAL C 416 -43.38 7.37 -39.26
N TRP C 417 -44.19 8.41 -39.37
CA TRP C 417 -44.25 9.40 -38.29
C TRP C 417 -45.56 10.18 -38.26
CHA HEM D . 14.28 15.78 -4.66
CHB HEM D . 13.25 11.58 -6.93
CHC HEM D . 16.37 9.35 -4.05
CHD HEM D . 17.28 13.43 -1.57
C1A HEM D . 13.78 14.84 -5.53
C2A HEM D . 12.91 15.13 -6.64
C3A HEM D . 12.63 13.98 -7.27
C4A HEM D . 13.31 12.91 -6.56
CMA HEM D . 11.67 13.84 -8.52
CAA HEM D . 12.34 16.49 -7.10
CBA HEM D . 10.99 16.73 -6.42
CGA HEM D . 10.27 17.98 -6.96
O1A HEM D . 10.94 18.93 -7.41
O2A HEM D . 9.02 18.11 -6.87
C1B HEM D . 13.96 10.59 -6.33
C2B HEM D . 13.92 9.17 -6.67
C3B HEM D . 14.80 8.57 -5.85
C4B HEM D . 15.40 9.59 -4.98
CMB HEM D . 13.04 8.51 -7.79
CAB HEM D . 15.12 7.08 -5.77
CBB HEM D . 15.00 6.26 -6.83
C1C HEM D . 16.94 10.27 -3.19
C2C HEM D . 18.03 10.00 -2.26
C3C HEM D . 18.24 11.16 -1.55
C4C HEM D . 17.31 12.16 -2.05
CMC HEM D . 18.72 8.60 -2.19
CAC HEM D . 19.26 11.61 -0.44
CBC HEM D . 20.35 10.87 -0.15
C1D HEM D . 16.48 14.43 -2.13
C2D HEM D . 16.36 15.77 -1.61
C3D HEM D . 15.44 16.50 -2.58
C4D HEM D . 15.10 15.53 -3.57
CMD HEM D . 17.02 16.31 -0.32
CAD HEM D . 14.95 17.94 -2.49
CBD HEM D . 15.91 18.83 -3.33
CGD HEM D . 15.62 20.31 -3.24
O1D HEM D . 14.44 20.75 -2.94
O2D HEM D . 16.61 21.07 -3.47
NA HEM D . 14.04 13.47 -5.51
NB HEM D . 14.86 10.82 -5.31
NC HEM D . 16.54 11.59 -3.04
ND HEM D . 15.71 14.30 -3.27
FE HEM D . 15.30 12.56 -4.35
N ZM3 E . 0.17 6.86 10.68
C1 ZM3 E . 9.08 12.34 2.88
O1 ZM3 E . 7.92 13.43 7.81
C2 ZM3 E . 8.81 11.67 4.04
O2 ZM3 E . 3.35 9.55 8.27
C3 ZM3 E . 8.49 12.28 5.37
O3 ZM3 E . 2.00 6.91 8.53
C4 ZM3 E . 7.98 11.56 6.42
O4 ZM3 E . 1.65 10.59 9.42
C5 ZM3 E . 7.65 12.26 7.70
O5 ZM3 E . 6.03 11.86 2.77
C6 ZM3 E . 6.96 11.69 8.90
O6 ZM3 E . 7.56 10.15 2.26
C7 ZM3 E . 7.98 11.11 9.87
O7 ZM3 E . 10.43 13.83 0.52
C8 ZM3 E . 5.88 10.73 8.45
C9 ZM3 E . 4.68 11.49 7.83
C10 ZM3 E . 3.99 12.46 8.81
C11 ZM3 E . 3.67 10.51 7.24
C12 ZM3 E . 1.95 9.46 8.58
C13 ZM3 E . 1.66 8.12 9.29
C14 ZM3 E . 0.20 8.06 9.78
C15 ZM3 E . -0.65 5.72 10.15
C16 ZM3 E . -0.27 7.20 12.04
C17 ZM3 E . -0.12 9.31 10.60
C18 ZM3 E . 0.35 10.65 10.00
C19 ZM3 E . 0.47 11.71 11.07
C20 ZM3 E . 4.13 9.73 6.00
C21 ZM3 E . 2.82 9.31 5.30
C22 ZM3 E . 4.91 10.57 5.01
C23 ZM3 E . 5.70 9.95 4.11
C24 ZM3 E . 6.42 10.72 3.04
C25 ZM3 E . 8.05 10.96 1.16
C26 ZM3 E . 8.17 10.08 -0.10
C27 ZM3 E . 7.12 9.00 -0.06
C28 ZM3 E . 9.36 11.65 1.53
C29 ZM3 E . 9.82 12.52 0.29
C1 BEN F . 29.17 -13.12 -2.42
C2 BEN F . 28.51 -14.10 -1.67
C3 BEN F . 28.01 -15.22 -2.31
C4 BEN F . 28.16 -15.37 -3.70
C5 BEN F . 28.83 -14.38 -4.44
C6 BEN F . 29.33 -13.26 -3.80
C BEN F . 29.71 -11.91 -1.73
N1 BEN F . 30.37 -11.00 -2.45
N2 BEN F . 29.55 -11.74 -0.49
C1 GOL G . 7.69 0.34 -0.33
O1 GOL G . 8.22 -0.51 0.63
C2 GOL G . 6.51 -0.39 -0.95
O2 GOL G . 6.03 -1.35 0.02
C3 GOL G . 7.41 -1.12 -1.92
O3 GOL G . 6.73 -1.24 -3.11
C1 GOL H . 13.43 27.27 -11.14
O1 GOL H . 13.66 25.92 -10.76
C2 GOL H . 13.64 28.23 -9.96
O2 GOL H . 14.00 29.50 -10.40
C3 GOL H . 12.32 28.35 -9.19
O3 GOL H . 12.55 28.69 -7.82
C1 GOL I . 1.50 12.01 -4.48
O1 GOL I . 1.78 10.78 -5.18
C2 GOL I . 0.00 12.24 -4.30
O2 GOL I . -0.61 13.07 -5.29
C3 GOL I . -0.27 12.75 -2.88
O3 GOL I . 0.19 14.07 -2.63
C1 GOL J . 10.11 12.10 -32.07
O1 GOL J . 10.91 12.82 -31.12
C2 GOL J . 8.80 11.68 -31.39
O2 GOL J . 9.06 11.04 -30.16
C3 GOL J . 7.98 10.70 -32.23
O3 GOL J . 6.70 11.21 -32.55
CHA HEM K . 6.65 -9.72 46.21
CHB HEM K . 4.28 -13.37 44.10
CHC HEM K . 1.58 -10.12 41.78
CHD HEM K . 4.05 -6.43 43.71
C1A HEM K . 6.23 -10.98 45.88
C2A HEM K . 6.72 -12.22 46.43
C3A HEM K . 6.06 -13.22 45.85
C4A HEM K . 5.13 -12.63 44.91
CMA HEM K . 6.27 -14.75 46.11
CAA HEM K . 7.81 -12.41 47.50
CBA HEM K . 9.15 -12.71 46.86
CGA HEM K . 10.16 -13.03 47.93
O1A HEM K . 9.97 -12.76 49.13
O2A HEM K . 11.23 -13.60 47.61
C1B HEM K . 3.38 -12.79 43.26
C2B HEM K . 2.49 -13.53 42.37
C3B HEM K . 1.74 -12.59 41.73
C4B HEM K . 2.17 -11.29 42.18
CMB HEM K . 2.45 -15.09 42.22
CAB HEM K . 0.63 -12.77 40.67
CBB HEM K . 0.03 -13.94 40.50
C1C HEM K . 1.94 -8.85 42.13
C2C HEM K . 1.24 -7.63 41.76
C3C HEM K . 1.97 -6.61 42.29
C4C HEM K . 3.09 -7.16 43.04
CMC HEM K . -0.08 -7.60 40.89
CAC HEM K . 1.76 -5.06 42.27
CBC HEM K . 0.67 -4.52 41.69
C1D HEM K . 5.01 -7.00 44.51
C2D HEM K . 6.04 -6.25 45.18
C3D HEM K . 6.81 -7.25 45.96
C4D HEM K . 6.22 -8.52 45.68
CMD HEM K . 6.27 -4.71 45.15
CAD HEM K . 8.04 -6.93 46.85
CBD HEM K . 7.52 -6.61 48.24
CGD HEM K . 8.68 -6.36 49.20
O1D HEM K . 9.85 -6.80 48.98
O2D HEM K . 8.43 -5.76 50.25
NA HEM K . 5.23 -11.26 44.97
NB HEM K . 3.17 -11.42 43.14
NC HEM K . 3.03 -8.54 42.94
ND HEM K . 5.17 -8.35 44.78
FE HEM K . 4.09 -9.90 44.00
N ZM3 L . 17.20 -9.37 26.02
C1 ZM3 L . 11.17 -8.07 37.47
O1 ZM3 L . 14.11 -4.70 35.25
C2 ZM3 L . 11.21 -7.48 36.24
O2 ZM3 L . 15.52 -8.37 30.48
C3 ZM3 L . 12.26 -6.52 35.79
O3 ZM3 L . 15.11 -9.61 27.91
C4 ZM3 L . 12.59 -6.28 34.50
O4 ZM3 L . 17.77 -8.20 30.10
C5 ZM3 L . 13.68 -5.29 34.26
O5 ZM3 L . 13.16 -10.09 36.33
C6 ZM3 L . 14.31 -4.95 32.94
O6 ZM3 L . 10.84 -10.14 35.83
C7 ZM3 L . 13.53 -3.86 32.20
O7 ZM3 L . 10.43 -8.38 40.46
C8 ZM3 L . 14.46 -6.18 32.05
C9 ZM3 L . 15.58 -7.12 32.56
C10 ZM3 L . 16.97 -6.43 32.46
C11 ZM3 L . 15.53 -8.50 31.91
C12 ZM3 L . 16.61 -8.97 29.76
C13 ZM3 L . 16.33 -8.93 28.25
C14 ZM3 L . 17.55 -9.48 27.48
C15 ZM3 L . 17.19 -10.68 25.32
C16 ZM3 L . 17.90 -8.36 25.23
C17 ZM3 L . 18.83 -8.67 27.85
C18 ZM3 L . 19.00 -8.43 29.37
C19 ZM3 L . 19.79 -7.17 29.68
C20 ZM3 L . 14.33 -9.41 32.23
C21 ZM3 L . 14.87 -10.82 31.94
C22 ZM3 L . 13.94 -9.48 33.69
C23 ZM3 L . 12.69 -9.82 34.02
C24 ZM3 L . 12.27 -10.00 35.46
C25 ZM3 L . 10.52 -10.37 37.22
C26 ZM3 L . 9.49 -11.50 37.39
C27 ZM3 L . 9.44 -12.40 36.17
C28 ZM3 L . 10.10 -9.08 37.93
C29 ZM3 L . 9.93 -9.33 39.47
C1 BEN M . -20.37 -8.78 27.94
C2 BEN M . -21.02 -9.76 28.69
C3 BEN M . -21.52 -10.89 28.04
C4 BEN M . -21.37 -11.03 26.66
C5 BEN M . -20.72 -10.05 25.92
C6 BEN M . -20.22 -8.92 26.56
C BEN M . -19.83 -7.57 28.63
N1 BEN M . -19.17 -6.67 27.92
N2 BEN M . -20.00 -7.41 29.87
C1 GOL N . 13.85 -10.03 57.56
O1 GOL N . 14.28 -8.72 57.21
C2 GOL N . 12.57 -9.96 58.38
O2 GOL N . 12.89 -9.63 59.71
C3 GOL N . 11.80 -11.29 58.23
O3 GOL N . 10.81 -11.18 57.23
C1 GOL O . 4.61 -15.27 29.64
O1 GOL O . 3.50 -14.50 29.26
C2 GOL O . 4.44 -16.72 29.27
O2 GOL O . 4.45 -16.79 27.84
C3 GOL O . 3.04 -16.97 29.83
O3 GOL O . 2.84 -18.35 29.97
C1 GOL P . 8.58 -34.30 57.22
O1 GOL P . 8.74 -33.15 58.03
C2 GOL P . 9.08 -34.17 55.75
O2 GOL P . 8.33 -33.25 54.92
C3 GOL P . 9.20 -35.56 55.11
O3 GOL P . 9.77 -36.55 56.01
C1 GOL Q . 25.24 -11.33 55.56
O1 GOL Q . 26.10 -10.98 54.49
C2 GOL Q . 25.35 -10.29 56.69
O2 GOL Q . 24.77 -9.07 56.23
C3 GOL Q . 26.82 -10.22 57.14
O3 GOL Q . 27.02 -10.83 58.41
CHA HEM R . -10.17 5.16 -34.59
CHB HEM R . -14.81 4.21 -33.40
CHC HEM R . -16.24 8.03 -36.02
CHD HEM R . -11.68 8.88 -37.41
C1A HEM R . -11.30 4.58 -34.03
C2A HEM R . -11.31 3.45 -33.11
C3A HEM R . -12.58 3.20 -32.80
C4A HEM R . -13.43 4.17 -33.50
CMA HEM R . -13.15 2.06 -31.90
CAA HEM R . -10.08 2.66 -32.62
CBA HEM R . -9.98 1.31 -33.37
CGA HEM R . -8.80 0.52 -32.82
O1A HEM R . -7.97 1.07 -32.06
O2A HEM R . -8.66 -0.67 -33.17
C1B HEM R . -15.63 5.11 -34.04
C2B HEM R . -17.06 5.13 -34.04
C3B HEM R . -17.42 6.21 -34.77
C4B HEM R . -16.25 6.87 -35.26
CMB HEM R . -17.95 4.08 -33.32
CAB HEM R . -18.83 6.77 -35.13
CBB HEM R . -19.85 6.60 -34.30
C1C HEM R . -15.12 8.65 -36.56
C2C HEM R . -15.09 9.92 -37.29
C3C HEM R . -13.81 10.12 -37.69
C4C HEM R . -13.04 9.00 -37.20
CMC HEM R . -16.32 10.83 -37.54
CAC HEM R . -13.08 11.26 -38.50
CBC HEM R . -13.62 12.46 -38.86
C1D HEM R . -10.85 7.91 -36.85
C2D HEM R . -9.46 7.74 -37.14
C3D HEM R . -8.99 6.60 -36.28
C4D HEM R . -10.15 6.18 -35.52
CMD HEM R . -8.57 8.53 -38.15
CAD HEM R . -7.55 6.03 -36.23
CBD HEM R . -6.81 6.76 -35.11
CGD HEM R . -5.40 6.26 -34.94
O1D HEM R . -5.06 5.08 -35.27
O2D HEM R . -4.58 7.04 -34.39
NA HEM R . -12.60 5.01 -34.22
NB HEM R . -15.17 6.16 -34.80
NC HEM R . -13.85 8.13 -36.49
ND HEM R . -11.25 6.94 -35.91
FE HEM R . -13.19 6.57 -35.33
N ZM3 S . -16.34 -5.31 -53.99
C1 ZM3 S . -12.34 1.67 -43.73
O1 ZM3 S . -10.29 1.73 -48.44
C2 ZM3 S . -12.83 1.84 -45.01
O2 ZM3 S . -14.38 -2.53 -50.55
C3 ZM3 S . -11.99 1.71 -46.23
O3 ZM3 S . -16.79 -3.56 -51.77
C4 ZM3 S . -12.44 1.48 -47.51
O4 ZM3 S . -13.05 -3.97 -51.70
C5 ZM3 S . -11.46 1.39 -48.64
O5 ZM3 S . -13.08 -1.20 -44.27
C6 ZM3 S . -11.74 0.90 -50.03
O6 ZM3 S . -14.76 0.34 -43.68
C7 ZM3 S . -12.11 2.10 -50.93
O7 ZM3 S . -11.09 2.59 -41.02
C8 ZM3 S . -12.79 -0.22 -50.09
C9 ZM3 S . -12.39 -1.56 -49.46
C10 ZM3 S . -11.26 -2.32 -50.19
C11 ZM3 S . -13.64 -2.44 -49.31
C12 ZM3 S . -14.38 -3.81 -51.16
C13 ZM3 S . -15.44 -3.86 -52.26
C14 ZM3 S . -15.27 -5.23 -52.98
C15 ZM3 S . -16.79 -6.69 -54.29
C16 ZM3 S . -16.13 -4.51 -55.19
C17 ZM3 S . -13.84 -5.37 -53.58
C18 ZM3 S . -12.77 -5.15 -52.48
C19 ZM3 S . -11.35 -4.91 -52.96
C20 ZM3 S . -14.62 -2.00 -48.20
C21 ZM3 S . -15.40 -3.28 -47.92
C22 ZM3 S . -13.97 -1.59 -46.91
C23 ZM3 S . -14.69 -0.98 -45.95
C24 ZM3 S . -14.11 -0.63 -44.61
C25 ZM3 S . -14.10 0.56 -42.40
C26 ZM3 S . -15.14 0.57 -41.29
C27 ZM3 S . -16.46 0.07 -41.81
C28 ZM3 S . -13.21 1.82 -42.46
C29 ZM3 S . -12.47 2.06 -41.10
C1 BEN T . -36.89 23.23 -39.29
C2 BEN T . -37.27 23.16 -37.95
C3 BEN T . -38.54 22.68 -37.63
C4 BEN T . -39.41 22.29 -38.65
C5 BEN T . -39.02 22.38 -40.00
C6 BEN T . -37.75 22.85 -40.32
C BEN T . -35.53 23.74 -39.63
N1 BEN T . -35.20 23.89 -40.91
N2 BEN T . -34.74 24.01 -38.69
C1 GOL U . -0.31 1.94 -26.42
O1 GOL U . -1.54 2.36 -26.97
C2 GOL U . 0.88 2.25 -27.37
O2 GOL U . 2.11 2.40 -26.68
C3 GOL U . 1.01 1.08 -28.33
O3 GOL U . 1.69 1.52 -29.50
C1 GOL V . -25.61 -0.44 -43.27
O1 GOL V . -26.81 -0.34 -44.01
C2 GOL V . -25.37 0.97 -42.80
O2 GOL V . -25.36 1.86 -43.91
C3 GOL V . -26.60 1.24 -41.93
O3 GOL V . -26.86 0.16 -41.03
#